data_5CQ0
#
_entry.id   5CQ0
#
_cell.length_a   219.060
_cell.length_b   219.060
_cell.length_c   99.400
_cell.angle_alpha   90.000
_cell.angle_beta   90.000
_cell.angle_gamma   120.000
#
_symmetry.space_group_name_H-M   'P 31 2 1'
#
loop_
_entity.id
_entity.type
_entity.pdbx_description
1 polymer 'Capsid protein VP1'
2 branched 'N-acetyl-alpha-neuraminic acid-(2-3)-beta-D-galactopyranose-(1-3)-2-acetamido-2-deoxy-beta-D-galactopyranose-(1-4)-beta-D-galactopyranose'
3 non-polymer 'SULFATE ION'
4 non-polymer GLYCEROL
5 water water
#
_entity_poly.entity_id   1
_entity_poly.type   'polypeptide(L)'
_entity_poly.pdbx_seq_one_letter_code
;GMEVLDLVTGPDSVTEIEAFLNPRMGQPPTPESLTEGGQYYGWSRGINLATSDTEDSPGNNTLPTWSMAKLQLPMLNEDL
TCDTLQMWEAVSVKTEVVGSGSLLDVHGFNKPTDTVNTKGISTPVEGSQYHVFAVGGEPLDLQGLVTDARTKYKEEGVVT
IKTITKKDMVNKDQVLNPISKAKLDKDGMYPVEIWHPDPAKNENTRYFGNYTGGTTTPPVLQFTNTLTTVLLDENGVGPL
CKGEGLYLSCVDIMGWRVTRNYDVHHWRGLPRYFKITLRKRWVK
;
_entity_poly.pdbx_strand_id   A,B,C,D,E
#
loop_
_chem_comp.id
_chem_comp.type
_chem_comp.name
_chem_comp.formula
GAL D-saccharide, beta linking beta-D-galactopyranose 'C6 H12 O6'
GOL non-polymer GLYCEROL 'C3 H8 O3'
NGA D-saccharide, beta linking 2-acetamido-2-deoxy-beta-D-galactopyranose 'C8 H15 N O6'
SIA D-saccharide, alpha linking 'N-acetyl-alpha-neuraminic acid' 'C11 H19 N O9'
SO4 non-polymer 'SULFATE ION' 'O4 S -2'
#
# COMPACT_ATOMS: atom_id res chain seq x y z
N GLY A 1 19.91 -36.67 15.85
CA GLY A 1 19.92 -36.09 17.22
C GLY A 1 18.91 -34.98 17.43
N MET A 2 18.34 -34.92 18.62
CA MET A 2 17.37 -33.90 18.99
C MET A 2 18.03 -32.68 19.66
N GLU A 3 19.22 -32.88 20.23
CA GLU A 3 19.94 -31.81 20.92
C GLU A 3 20.92 -31.11 19.97
N VAL A 4 20.77 -29.79 19.86
CA VAL A 4 21.55 -28.99 18.94
C VAL A 4 22.75 -28.34 19.63
N LEU A 5 23.94 -28.67 19.15
CA LEU A 5 25.17 -28.20 19.79
C LEU A 5 25.83 -27.08 18.96
N ASP A 6 27.17 -27.02 18.98
CA ASP A 6 27.96 -26.00 18.31
C ASP A 6 27.93 -26.12 16.79
N LEU A 7 28.24 -25.02 16.12
CA LEU A 7 28.56 -25.02 14.69
C LEU A 7 29.85 -25.77 14.42
N VAL A 8 29.88 -26.54 13.34
CA VAL A 8 31.10 -27.21 12.89
C VAL A 8 31.97 -26.20 12.16
N THR A 9 33.27 -26.19 12.44
CA THR A 9 34.19 -25.36 11.67
C THR A 9 35.16 -26.23 10.86
N GLY A 10 35.87 -25.60 9.93
CA GLY A 10 36.89 -26.28 9.15
C GLY A 10 36.55 -26.44 7.68
N PRO A 11 37.42 -27.13 6.92
CA PRO A 11 37.25 -27.28 5.47
C PRO A 11 35.85 -27.80 5.11
N ASP A 12 35.22 -27.18 4.11
CA ASP A 12 33.90 -27.55 3.59
C ASP A 12 32.77 -27.59 4.63
N SER A 13 32.86 -26.78 5.67
CA SER A 13 31.81 -26.76 6.70
C SER A 13 30.59 -25.94 6.30
N VAL A 14 30.75 -25.10 5.27
CA VAL A 14 29.67 -24.26 4.74
C VAL A 14 29.54 -24.58 3.24
N THR A 15 28.31 -24.62 2.75
CA THR A 15 28.04 -24.86 1.34
C THR A 15 26.88 -23.97 0.87
N GLU A 16 26.86 -23.69 -0.43
CA GLU A 16 25.74 -23.00 -1.07
C GLU A 16 25.21 -23.90 -2.15
N ILE A 17 23.88 -24.08 -2.20
CA ILE A 17 23.29 -24.81 -3.30
C ILE A 17 22.16 -24.01 -3.96
N GLU A 18 21.99 -24.22 -5.25
CA GLU A 18 20.99 -23.48 -5.99
CA GLU A 18 21.03 -23.47 -6.06
C GLU A 18 20.11 -24.41 -6.81
N ALA A 19 18.88 -23.96 -7.04
CA ALA A 19 17.90 -24.72 -7.79
C ALA A 19 16.83 -23.79 -8.32
N PHE A 20 16.23 -24.17 -9.42
CA PHE A 20 15.02 -23.50 -9.88
CA PHE A 20 15.03 -23.51 -9.97
C PHE A 20 13.89 -24.52 -9.89
N LEU A 21 12.72 -24.09 -9.50
CA LEU A 21 11.54 -24.94 -9.58
C LEU A 21 10.60 -24.33 -10.59
N ASN A 22 10.37 -25.06 -11.68
CA ASN A 22 9.37 -24.63 -12.66
C ASN A 22 7.94 -24.72 -12.15
N PRO A 23 7.05 -23.81 -12.60
CA PRO A 23 5.69 -23.81 -12.07
C PRO A 23 4.92 -25.06 -12.53
N ARG A 24 3.89 -25.41 -11.77
CA ARG A 24 3.06 -26.57 -12.09
C ARG A 24 1.59 -26.14 -12.16
N MET A 25 1.24 -25.45 -13.23
CA MET A 25 -0.08 -24.81 -13.39
C MET A 25 -1.18 -25.74 -13.93
N GLY A 26 -0.77 -26.88 -14.49
CA GLY A 26 -1.75 -27.87 -14.96
C GLY A 26 -1.30 -28.66 -16.18
N GLN A 27 -0.78 -27.98 -17.20
CA GLN A 27 -0.15 -28.68 -18.32
C GLN A 27 1.24 -29.20 -17.91
N PRO A 28 1.48 -30.52 -18.04
CA PRO A 28 2.80 -31.09 -17.72
C PRO A 28 3.89 -30.62 -18.71
N PRO A 29 5.18 -30.83 -18.38
CA PRO A 29 6.28 -30.45 -19.27
C PRO A 29 6.22 -31.09 -20.66
N THR A 30 5.63 -32.28 -20.75
CA THR A 30 5.49 -32.99 -22.01
C THR A 30 4.00 -33.24 -22.28
N PRO A 31 3.58 -33.34 -23.55
CA PRO A 31 4.38 -33.32 -24.78
C PRO A 31 5.05 -31.97 -25.01
N GLU A 32 6.27 -31.99 -25.55
CA GLU A 32 7.00 -30.77 -25.83
C GLU A 32 6.45 -30.02 -27.04
N SER A 33 5.77 -30.75 -27.92
CA SER A 33 5.26 -30.19 -29.17
C SER A 33 4.39 -28.95 -28.96
N LEU A 34 4.69 -27.91 -29.73
CA LEU A 34 3.98 -26.64 -29.61
C LEU A 34 2.61 -26.63 -30.31
N THR A 35 2.24 -27.77 -30.89
CA THR A 35 0.91 -27.96 -31.45
C THR A 35 0.11 -29.05 -30.73
N GLU A 36 0.76 -29.84 -29.88
CA GLU A 36 0.08 -30.97 -29.23
C GLU A 36 -0.20 -30.76 -27.74
N GLY A 37 -0.04 -29.53 -27.25
CA GLY A 37 -0.31 -29.24 -25.86
C GLY A 37 0.85 -28.57 -25.17
N GLY A 38 2.05 -28.75 -25.71
CA GLY A 38 3.25 -28.11 -25.15
C GLY A 38 3.18 -26.60 -25.11
N GLN A 39 2.39 -25.99 -26.01
CA GLN A 39 2.20 -24.53 -26.01
C GLN A 39 1.55 -24.03 -24.71
N TYR A 40 0.95 -24.93 -23.93
CA TYR A 40 0.35 -24.54 -22.62
C TYR A 40 1.28 -24.72 -21.42
N TYR A 41 2.53 -25.14 -21.66
CA TYR A 41 3.46 -25.34 -20.54
C TYR A 41 3.82 -23.99 -19.91
N GLY A 42 3.66 -23.90 -18.60
CA GLY A 42 3.75 -22.62 -17.86
C GLY A 42 2.36 -22.09 -17.52
N TRP A 43 1.34 -22.75 -18.06
CA TRP A 43 -0.06 -22.34 -17.93
C TRP A 43 -0.91 -23.53 -17.54
N SER A 44 -2.14 -23.29 -17.06
CA SER A 44 -3.11 -24.38 -17.00
C SER A 44 -3.75 -24.58 -18.36
N ARG A 45 -4.51 -25.66 -18.48
CA ARG A 45 -5.44 -25.79 -19.59
C ARG A 45 -6.70 -25.00 -19.23
N GLY A 46 -7.61 -24.83 -20.19
CA GLY A 46 -8.78 -23.97 -19.98
C GLY A 46 -9.64 -24.38 -18.80
N ILE A 47 -9.89 -23.45 -17.90
CA ILE A 47 -10.65 -23.75 -16.68
C ILE A 47 -12.08 -24.19 -17.05
N ASN A 48 -12.49 -25.35 -16.55
CA ASN A 48 -13.85 -25.87 -16.81
C ASN A 48 -14.72 -25.66 -15.58
N LEU A 49 -15.97 -25.24 -15.79
CA LEU A 49 -16.83 -24.86 -14.67
C LEU A 49 -17.85 -25.93 -14.31
N ALA A 50 -18.26 -25.92 -13.04
CA ALA A 50 -19.34 -26.78 -12.57
C ALA A 50 -20.60 -26.64 -13.43
N THR A 51 -21.37 -27.72 -13.56
CA THR A 51 -22.59 -27.69 -14.34
C THR A 51 -23.83 -27.55 -13.44
N SER A 52 -23.66 -27.69 -12.13
CA SER A 52 -24.74 -27.44 -11.18
C SER A 52 -24.12 -27.28 -9.82
N ASP A 53 -24.97 -26.96 -8.85
CA ASP A 53 -24.56 -26.83 -7.46
C ASP A 53 -23.97 -28.15 -6.90
N THR A 54 -24.28 -29.27 -7.55
CA THR A 54 -23.80 -30.56 -7.07
C THR A 54 -22.91 -31.34 -8.05
N GLU A 55 -22.47 -30.65 -9.10
CA GLU A 55 -21.63 -31.28 -10.12
C GLU A 55 -20.44 -30.38 -10.45
N ASP A 56 -19.41 -30.46 -9.63
CA ASP A 56 -18.20 -29.68 -9.82
C ASP A 56 -17.00 -30.65 -9.94
N SER A 57 -16.57 -30.92 -11.17
CA SER A 57 -15.43 -31.83 -11.36
C SER A 57 -14.35 -31.17 -12.23
N PRO A 58 -13.40 -30.47 -11.59
CA PRO A 58 -12.37 -29.78 -12.37
C PRO A 58 -11.37 -30.76 -12.99
N GLY A 59 -10.97 -30.51 -14.24
CA GLY A 59 -9.89 -31.32 -14.86
C GLY A 59 -8.60 -31.16 -14.05
N ASN A 60 -7.83 -32.24 -13.88
CA ASN A 60 -6.51 -32.10 -13.21
C ASN A 60 -5.62 -31.04 -13.86
N ASN A 61 -5.63 -30.99 -15.19
CA ASN A 61 -4.79 -30.02 -15.92
C ASN A 61 -5.31 -28.58 -15.84
N THR A 62 -6.36 -28.36 -15.03
CA THR A 62 -6.87 -27.02 -14.77
C THR A 62 -6.52 -26.54 -13.35
N LEU A 63 -5.88 -27.40 -12.55
CA LEU A 63 -5.56 -27.11 -11.15
C LEU A 63 -4.07 -26.92 -10.89
N PRO A 64 -3.64 -25.68 -10.53
CA PRO A 64 -2.25 -25.51 -10.14
C PRO A 64 -1.93 -26.35 -8.91
N THR A 65 -0.74 -26.94 -8.90
CA THR A 65 -0.28 -27.76 -7.80
C THR A 65 1.03 -27.20 -7.27
N TRP A 66 1.41 -27.66 -6.09
CA TRP A 66 2.69 -27.27 -5.50
C TRP A 66 3.87 -27.76 -6.33
N SER A 67 4.89 -26.92 -6.45
CA SER A 67 6.18 -27.36 -6.94
C SER A 67 6.98 -27.81 -5.74
N MET A 68 7.76 -28.87 -5.89
CA MET A 68 8.72 -29.23 -4.86
C MET A 68 9.93 -29.94 -5.42
N ALA A 69 11.04 -29.87 -4.68
CA ALA A 69 12.23 -30.64 -4.99
C ALA A 69 12.87 -31.06 -3.69
N LYS A 70 13.46 -32.24 -3.70
CA LYS A 70 14.31 -32.68 -2.61
C LYS A 70 15.74 -32.70 -3.14
N LEU A 71 16.63 -31.92 -2.52
CA LEU A 71 18.02 -31.90 -2.94
C LEU A 71 18.89 -32.69 -1.97
N GLN A 72 19.78 -33.51 -2.51
CA GLN A 72 20.69 -34.32 -1.69
C GLN A 72 21.92 -33.51 -1.36
N LEU A 73 22.28 -33.46 -0.08
CA LEU A 73 23.45 -32.70 0.36
C LEU A 73 24.64 -33.64 0.54
N PRO A 74 25.86 -33.09 0.64
CA PRO A 74 27.02 -34.00 0.82
C PRO A 74 26.88 -34.87 2.08
N MET A 75 27.32 -36.12 1.97
CA MET A 75 27.23 -37.12 3.04
C MET A 75 28.00 -36.64 4.28
N LEU A 76 27.46 -36.95 5.45
N LEU A 76 27.54 -36.96 5.48
CA LEU A 76 28.10 -36.68 6.72
CA LEU A 76 28.15 -36.38 6.69
C LEU A 76 27.99 -37.94 7.57
C LEU A 76 28.78 -37.36 7.67
N ASN A 77 28.88 -38.09 8.55
N ASN A 77 28.04 -38.41 8.03
CA ASN A 77 28.75 -39.15 9.53
CA ASN A 77 28.46 -39.34 9.06
C ASN A 77 29.11 -40.53 8.97
C ASN A 77 28.88 -40.70 8.50
N THR A 81 35.37 -39.52 18.28
CA THR A 81 34.08 -39.98 18.75
C THR A 81 33.02 -39.94 17.64
N CYS A 82 32.23 -41.00 17.55
CA CYS A 82 31.09 -41.07 16.63
C CYS A 82 29.77 -41.07 17.42
N ASP A 83 29.85 -40.65 18.68
CA ASP A 83 28.68 -40.53 19.55
C ASP A 83 27.97 -39.19 19.35
N THR A 84 28.69 -38.25 18.74
CA THR A 84 28.13 -36.95 18.35
C THR A 84 28.18 -36.83 16.82
N LEU A 85 27.02 -36.55 16.23
CA LEU A 85 26.86 -36.52 14.77
C LEU A 85 26.82 -35.09 14.22
N GLN A 86 26.86 -34.98 12.90
CA GLN A 86 26.67 -33.70 12.20
C GLN A 86 25.44 -33.73 11.30
N MET A 87 24.77 -32.58 11.17
CA MET A 87 23.66 -32.40 10.26
C MET A 87 23.84 -31.09 9.50
N TRP A 88 23.31 -31.02 8.29
CA TRP A 88 23.33 -29.80 7.53
C TRP A 88 22.22 -28.88 8.05
N GLU A 89 22.56 -27.61 8.23
CA GLU A 89 21.61 -26.62 8.75
C GLU A 89 21.43 -25.51 7.72
N ALA A 90 20.17 -25.28 7.31
CA ALA A 90 19.85 -24.23 6.34
C ALA A 90 19.82 -22.89 7.08
N VAL A 91 20.73 -22.00 6.72
CA VAL A 91 20.93 -20.74 7.44
C VAL A 91 20.08 -19.63 6.82
N SER A 92 20.06 -19.60 5.49
CA SER A 92 19.44 -18.50 4.75
C SER A 92 19.15 -18.93 3.33
N VAL A 93 18.28 -18.17 2.68
CA VAL A 93 17.94 -18.40 1.29
C VAL A 93 17.76 -17.07 0.58
N LYS A 94 18.30 -16.98 -0.63
CA LYS A 94 17.94 -15.92 -1.57
C LYS A 94 17.01 -16.56 -2.57
N THR A 95 15.81 -16.01 -2.68
CA THR A 95 14.83 -16.58 -3.59
C THR A 95 14.22 -15.48 -4.45
N GLU A 96 13.89 -15.83 -5.70
CA GLU A 96 13.45 -14.86 -6.69
CA GLU A 96 13.45 -14.86 -6.70
C GLU A 96 12.48 -15.53 -7.67
N VAL A 97 11.39 -14.82 -7.98
CA VAL A 97 10.45 -15.28 -8.99
C VAL A 97 10.90 -14.62 -10.30
N VAL A 98 11.13 -15.42 -11.33
CA VAL A 98 11.77 -14.93 -12.57
C VAL A 98 10.75 -14.84 -13.69
N GLY A 99 10.77 -13.76 -14.47
CA GLY A 99 10.01 -13.72 -15.70
C GLY A 99 8.80 -12.80 -15.73
N SER A 100 8.66 -11.92 -14.73
CA SER A 100 7.49 -11.01 -14.73
C SER A 100 7.49 -10.12 -15.98
N GLY A 101 8.67 -9.76 -16.48
CA GLY A 101 8.75 -9.00 -17.73
C GLY A 101 8.01 -9.62 -18.91
N SER A 102 7.91 -10.95 -18.95
CA SER A 102 7.20 -11.65 -20.03
C SER A 102 5.71 -11.28 -20.08
N LEU A 103 5.18 -10.81 -18.96
CA LEU A 103 3.77 -10.37 -18.89
C LEU A 103 3.51 -9.06 -19.65
N LEU A 104 4.59 -8.38 -20.06
CA LEU A 104 4.52 -7.18 -20.90
C LEU A 104 4.24 -7.49 -22.39
N ASP A 105 4.14 -8.78 -22.72
CA ASP A 105 3.63 -9.19 -24.04
C ASP A 105 2.12 -8.98 -24.07
N VAL A 106 1.72 -7.85 -24.66
CA VAL A 106 0.31 -7.53 -24.88
C VAL A 106 0.02 -7.48 -26.40
N HIS A 107 0.79 -8.23 -27.18
CA HIS A 107 0.61 -8.28 -28.64
C HIS A 107 0.07 -9.63 -29.16
N GLY A 108 -0.33 -10.50 -28.23
CA GLY A 108 -0.84 -11.82 -28.60
C GLY A 108 -2.31 -11.82 -28.97
N PHE A 109 -2.93 -13.00 -28.85
CA PHE A 109 -4.28 -13.22 -29.35
C PHE A 109 -5.27 -13.44 -28.19
N ASN A 110 -4.97 -12.87 -27.02
CA ASN A 110 -5.92 -12.90 -25.90
C ASN A 110 -7.16 -12.06 -26.22
N LYS A 111 -8.20 -12.16 -25.37
CA LYS A 111 -9.33 -11.24 -25.44
C LYS A 111 -8.75 -9.82 -25.51
N PRO A 112 -9.15 -9.03 -26.53
CA PRO A 112 -8.56 -7.69 -26.67
C PRO A 112 -9.27 -6.69 -25.77
N THR A 113 -8.63 -5.55 -25.51
CA THR A 113 -9.20 -4.53 -24.61
C THR A 113 -10.37 -3.78 -25.25
N ASP A 114 -10.40 -3.72 -26.58
CA ASP A 114 -11.58 -3.17 -27.28
C ASP A 114 -12.32 -4.29 -28.00
N THR A 115 -13.41 -4.75 -27.39
CA THR A 115 -14.19 -5.84 -27.97
C THR A 115 -15.25 -5.34 -28.98
N VAL A 116 -15.43 -4.02 -29.07
CA VAL A 116 -16.30 -3.43 -30.10
C VAL A 116 -15.67 -3.60 -31.48
N ASN A 117 -14.42 -3.22 -31.61
CA ASN A 117 -13.71 -3.36 -32.87
C ASN A 117 -12.73 -4.55 -32.92
N THR A 118 -12.64 -5.29 -31.81
CA THR A 118 -11.62 -6.34 -31.65
C THR A 118 -10.26 -5.66 -31.89
N LYS A 119 -9.95 -4.68 -31.04
CA LYS A 119 -8.74 -3.87 -31.19
C LYS A 119 -8.13 -3.59 -29.81
N GLY A 120 -7.15 -2.69 -29.79
CA GLY A 120 -6.50 -2.30 -28.54
C GLY A 120 -5.25 -3.14 -28.35
N ILE A 121 -5.16 -3.77 -27.18
CA ILE A 121 -4.07 -4.68 -26.89
C ILE A 121 -4.63 -6.03 -26.46
N SER A 122 -3.79 -7.05 -26.53
CA SER A 122 -4.09 -8.37 -25.98
C SER A 122 -4.05 -8.23 -24.46
N THR A 123 -5.19 -8.49 -23.80
CA THR A 123 -5.31 -8.27 -22.36
C THR A 123 -4.24 -9.05 -21.62
N PRO A 124 -3.41 -8.36 -20.80
CA PRO A 124 -2.35 -9.06 -20.09
C PRO A 124 -2.90 -9.93 -18.96
N VAL A 125 -2.06 -10.81 -18.43
CA VAL A 125 -2.42 -11.65 -17.29
C VAL A 125 -2.89 -10.77 -16.13
N GLU A 126 -4.04 -11.12 -15.53
CA GLU A 126 -4.61 -10.38 -14.40
C GLU A 126 -5.33 -11.33 -13.46
N GLY A 127 -5.64 -10.85 -12.25
CA GLY A 127 -6.55 -11.57 -11.36
C GLY A 127 -5.88 -12.08 -10.10
N SER A 128 -6.30 -13.26 -9.65
CA SER A 128 -5.87 -13.80 -8.36
C SER A 128 -4.44 -14.26 -8.42
N GLN A 129 -3.69 -13.95 -7.37
CA GLN A 129 -2.25 -14.20 -7.30
C GLN A 129 -1.93 -14.90 -6.00
N TYR A 130 -0.95 -15.79 -6.04
CA TYR A 130 -0.67 -16.65 -4.89
C TYR A 130 0.81 -16.96 -4.93
N HIS A 131 1.53 -16.56 -3.89
CA HIS A 131 2.98 -16.74 -3.85
C HIS A 131 3.37 -17.35 -2.52
N VAL A 132 3.90 -18.57 -2.57
CA VAL A 132 4.39 -19.23 -1.35
C VAL A 132 5.73 -19.88 -1.64
N PHE A 133 6.68 -19.79 -0.70
CA PHE A 133 7.86 -20.64 -0.76
C PHE A 133 8.19 -21.19 0.61
N ALA A 134 8.91 -22.32 0.64
CA ALA A 134 9.32 -22.93 1.89
C ALA A 134 10.65 -23.60 1.67
N VAL A 135 11.41 -23.67 2.76
CA VAL A 135 12.68 -24.36 2.82
C VAL A 135 12.71 -25.11 4.14
N GLY A 136 12.99 -26.41 4.07
CA GLY A 136 12.96 -27.23 5.27
C GLY A 136 13.80 -28.48 5.18
N GLY A 137 13.94 -29.17 6.32
CA GLY A 137 14.78 -30.37 6.43
C GLY A 137 13.98 -31.64 6.29
N GLU A 138 12.71 -31.49 5.92
CA GLU A 138 11.80 -32.62 5.69
C GLU A 138 10.65 -32.07 4.86
N PRO A 139 9.75 -32.93 4.35
CA PRO A 139 8.69 -32.40 3.48
C PRO A 139 7.83 -31.35 4.18
N LEU A 140 7.35 -30.36 3.43
CA LEU A 140 6.39 -29.38 3.94
C LEU A 140 5.12 -30.11 4.44
N ASP A 141 4.75 -29.86 5.70
CA ASP A 141 3.49 -30.38 6.25
C ASP A 141 2.30 -29.60 5.71
N LEU A 142 1.29 -30.32 5.24
CA LEU A 142 0.13 -29.74 4.59
C LEU A 142 -1.15 -29.98 5.40
N GLN A 143 -2.00 -28.96 5.43
CA GLN A 143 -3.33 -29.03 6.01
C GLN A 143 -4.32 -28.82 4.88
N GLY A 144 -5.25 -29.76 4.71
CA GLY A 144 -6.28 -29.63 3.69
C GLY A 144 -7.39 -28.70 4.15
N LEU A 145 -7.95 -27.94 3.20
CA LEU A 145 -9.14 -27.09 3.42
C LEU A 145 -9.63 -26.68 2.04
N VAL A 146 -10.92 -26.90 1.78
CA VAL A 146 -11.45 -26.63 0.46
C VAL A 146 -12.59 -25.63 0.49
N THR A 147 -12.87 -25.07 -0.68
CA THR A 147 -14.08 -24.27 -0.88
C THR A 147 -15.34 -25.11 -0.68
N ASP A 148 -15.36 -26.31 -1.28
CA ASP A 148 -16.56 -27.13 -1.35
C ASP A 148 -16.20 -28.60 -1.14
N ALA A 149 -16.61 -29.16 -0.01
CA ALA A 149 -16.40 -30.59 0.29
C ALA A 149 -17.11 -31.52 -0.69
N ARG A 150 -18.01 -30.98 -1.52
CA ARG A 150 -18.71 -31.75 -2.54
C ARG A 150 -17.95 -31.80 -3.87
N THR A 151 -16.86 -31.05 -3.98
CA THR A 151 -16.12 -30.99 -5.24
C THR A 151 -15.63 -32.38 -5.62
N LYS A 152 -15.91 -32.76 -6.87
CA LYS A 152 -15.54 -34.08 -7.37
C LYS A 152 -14.15 -34.08 -8.01
N TYR A 153 -13.13 -34.00 -7.18
CA TYR A 153 -11.78 -34.03 -7.68
C TYR A 153 -11.53 -35.40 -8.29
N LYS A 154 -10.72 -35.46 -9.35
CA LYS A 154 -10.40 -36.73 -9.97
C LYS A 154 -9.71 -37.67 -8.97
N GLU A 155 -9.92 -38.96 -9.14
CA GLU A 155 -9.32 -40.00 -8.28
C GLU A 155 -8.02 -40.54 -8.84
N GLU A 156 -7.63 -40.05 -10.02
CA GLU A 156 -6.34 -40.42 -10.63
C GLU A 156 -5.52 -39.16 -10.81
N GLY A 157 -4.20 -39.27 -10.71
CA GLY A 157 -3.27 -38.25 -11.18
C GLY A 157 -3.08 -37.05 -10.26
N VAL A 158 -3.68 -37.11 -9.07
CA VAL A 158 -3.67 -35.97 -8.16
C VAL A 158 -3.85 -36.45 -6.72
N VAL A 159 -3.26 -35.74 -5.75
CA VAL A 159 -3.42 -36.12 -4.35
C VAL A 159 -4.44 -35.16 -3.72
N THR A 160 -5.57 -35.70 -3.29
CA THR A 160 -6.62 -34.90 -2.64
C THR A 160 -6.88 -35.43 -1.23
N ILE A 161 -7.81 -34.81 -0.51
CA ILE A 161 -8.14 -35.26 0.84
C ILE A 161 -8.55 -36.74 0.89
N LYS A 162 -9.41 -37.13 -0.04
CA LYS A 162 -9.87 -38.51 -0.12
C LYS A 162 -8.71 -39.51 -0.35
N THR A 163 -7.69 -39.08 -1.10
CA THR A 163 -6.47 -39.90 -1.27
C THR A 163 -5.90 -40.31 0.09
N ILE A 164 -5.92 -39.36 1.03
CA ILE A 164 -5.33 -39.58 2.33
C ILE A 164 -6.27 -40.33 3.25
N THR A 165 -7.52 -39.89 3.31
CA THR A 165 -8.47 -40.47 4.28
C THR A 165 -9.12 -41.78 3.83
N LYS A 166 -9.11 -42.04 2.51
CA LYS A 166 -9.82 -43.17 1.91
C LYS A 166 -11.34 -43.03 2.06
N LYS A 167 -11.80 -41.84 2.44
CA LYS A 167 -13.23 -41.55 2.58
C LYS A 167 -13.53 -40.23 1.89
N ASP A 168 -14.78 -40.04 1.47
CA ASP A 168 -15.16 -38.76 0.88
C ASP A 168 -14.99 -37.63 1.88
N MET A 169 -14.75 -36.42 1.36
CA MET A 169 -14.72 -35.21 2.19
C MET A 169 -16.01 -35.00 2.99
N VAL A 170 -15.88 -34.29 4.11
CA VAL A 170 -17.01 -34.00 4.99
C VAL A 170 -17.13 -32.48 5.16
N ASN A 171 -18.23 -32.01 5.76
CA ASN A 171 -18.42 -30.57 5.88
C ASN A 171 -17.28 -29.86 6.61
N LYS A 172 -16.66 -30.55 7.57
CA LYS A 172 -15.54 -29.98 8.32
C LYS A 172 -14.32 -29.67 7.43
N ASP A 173 -14.24 -30.30 6.26
CA ASP A 173 -13.16 -30.01 5.33
C ASP A 173 -13.22 -28.63 4.66
N GLN A 174 -14.35 -27.93 4.84
CA GLN A 174 -14.48 -26.54 4.39
C GLN A 174 -13.93 -25.55 5.42
N VAL A 175 -13.68 -26.06 6.63
CA VAL A 175 -12.97 -25.31 7.68
C VAL A 175 -11.72 -26.13 8.06
N LEU A 176 -11.29 -26.08 9.32
CA LEU A 176 -10.11 -26.84 9.71
C LEU A 176 -10.50 -28.19 10.31
N ASN A 177 -10.22 -29.25 9.55
CA ASN A 177 -10.43 -30.63 10.00
C ASN A 177 -9.04 -31.26 10.18
N PRO A 178 -8.61 -31.49 11.44
CA PRO A 178 -7.25 -31.96 11.73
CA PRO A 178 -7.24 -31.96 11.72
C PRO A 178 -6.92 -33.34 11.13
N ILE A 179 -7.93 -34.10 10.73
CA ILE A 179 -7.71 -35.41 10.09
CA ILE A 179 -7.64 -35.40 10.13
C ILE A 179 -7.16 -35.23 8.67
N SER A 180 -7.47 -34.10 8.05
CA SER A 180 -7.12 -33.90 6.64
C SER A 180 -5.74 -33.29 6.45
N LYS A 181 -4.71 -34.11 6.62
CA LYS A 181 -3.32 -33.65 6.59
CA LYS A 181 -3.32 -33.65 6.60
C LYS A 181 -2.52 -34.51 5.63
N ALA A 182 -1.45 -33.92 5.07
CA ALA A 182 -0.58 -34.64 4.15
C ALA A 182 0.82 -34.03 4.20
N LYS A 183 1.74 -34.62 3.47
CA LYS A 183 3.09 -34.06 3.32
C LYS A 183 3.34 -33.79 1.85
N LEU A 184 4.01 -32.67 1.57
CA LEU A 184 4.33 -32.32 0.18
C LEU A 184 5.54 -33.15 -0.27
N ASP A 185 5.28 -34.37 -0.72
CA ASP A 185 6.35 -35.31 -1.04
C ASP A 185 6.48 -35.58 -2.55
N LYS A 186 5.66 -34.90 -3.35
CA LYS A 186 5.70 -35.07 -4.81
C LYS A 186 5.48 -33.75 -5.50
N ASP A 187 6.27 -33.50 -6.55
CA ASP A 187 6.07 -32.33 -7.42
C ASP A 187 4.84 -32.46 -8.32
N GLY A 188 4.10 -31.36 -8.51
CA GLY A 188 2.98 -31.30 -9.47
C GLY A 188 1.79 -32.21 -9.15
N MET A 189 1.55 -32.47 -7.87
CA MET A 189 0.54 -33.47 -7.47
C MET A 189 -0.49 -33.00 -6.42
N TYR A 190 -0.13 -31.99 -5.63
CA TYR A 190 -0.97 -31.48 -4.53
C TYR A 190 -1.57 -30.13 -4.92
N PRO A 191 -2.89 -30.08 -5.25
CA PRO A 191 -3.50 -28.81 -5.66
C PRO A 191 -3.43 -27.74 -4.59
N VAL A 192 -3.10 -26.51 -4.99
CA VAL A 192 -2.97 -25.42 -4.02
C VAL A 192 -4.32 -24.93 -3.48
N GLU A 193 -5.41 -25.28 -4.17
CA GLU A 193 -6.74 -24.90 -3.68
C GLU A 193 -7.23 -25.89 -2.61
N ILE A 194 -6.45 -26.95 -2.37
CA ILE A 194 -6.77 -27.95 -1.35
C ILE A 194 -5.78 -27.91 -0.17
N TRP A 195 -4.49 -27.85 -0.50
CA TRP A 195 -3.43 -28.12 0.48
C TRP A 195 -2.65 -26.87 0.87
N HIS A 196 -2.64 -26.57 2.17
CA HIS A 196 -2.06 -25.33 2.70
C HIS A 196 -0.95 -25.68 3.67
N PRO A 197 0.04 -24.78 3.86
CA PRO A 197 1.04 -25.07 4.89
C PRO A 197 0.36 -25.25 6.26
N ASP A 198 0.79 -26.27 6.99
CA ASP A 198 0.13 -26.62 8.24
C ASP A 198 0.87 -25.91 9.38
N PRO A 199 0.22 -24.87 9.99
CA PRO A 199 0.94 -24.14 11.06
C PRO A 199 1.09 -24.92 12.36
N ALA A 200 0.33 -26.01 12.50
CA ALA A 200 0.42 -26.87 13.67
C ALA A 200 1.63 -27.81 13.61
N LYS A 201 2.25 -27.93 12.44
CA LYS A 201 3.47 -28.73 12.35
C LYS A 201 4.60 -27.88 11.78
N ASN A 202 5.35 -28.39 10.80
CA ASN A 202 6.43 -27.57 10.19
C ASN A 202 7.43 -26.96 11.15
N GLU A 203 7.77 -27.70 12.21
CA GLU A 203 8.78 -27.24 13.15
C GLU A 203 10.16 -27.10 12.49
N ASN A 204 10.37 -27.85 11.40
CA ASN A 204 11.69 -27.95 10.76
C ASN A 204 11.68 -27.39 9.34
N THR A 205 10.72 -26.49 9.08
CA THR A 205 10.55 -25.82 7.80
C THR A 205 10.12 -24.36 8.08
N ARG A 206 10.61 -23.42 7.27
CA ARG A 206 10.09 -22.05 7.26
C ARG A 206 9.30 -21.83 5.98
N TYR A 207 8.08 -21.30 6.10
CA TYR A 207 7.28 -20.98 4.91
C TYR A 207 6.77 -19.54 4.97
N PHE A 208 6.53 -18.96 3.80
CA PHE A 208 6.16 -17.55 3.66
C PHE A 208 5.22 -17.48 2.47
N GLY A 209 4.03 -16.91 2.69
CA GLY A 209 3.03 -16.91 1.62
C GLY A 209 2.18 -15.65 1.63
N ASN A 210 1.62 -15.34 0.47
CA ASN A 210 0.59 -14.32 0.40
C ASN A 210 -0.40 -14.61 -0.72
N TYR A 211 -1.59 -14.05 -0.58
CA TYR A 211 -2.68 -14.28 -1.51
C TYR A 211 -3.29 -12.93 -1.80
N THR A 212 -3.59 -12.68 -3.08
CA THR A 212 -4.37 -11.51 -3.49
C THR A 212 -5.43 -12.01 -4.48
N GLY A 213 -6.70 -11.73 -4.20
CA GLY A 213 -7.79 -12.27 -4.99
C GLY A 213 -8.30 -11.38 -6.09
N GLY A 214 -9.57 -11.54 -6.45
CA GLY A 214 -10.19 -10.74 -7.51
C GLY A 214 -10.06 -11.36 -8.90
N THR A 215 -10.65 -10.71 -9.89
CA THR A 215 -10.68 -11.26 -11.26
C THR A 215 -9.81 -10.48 -12.23
N THR A 216 -9.76 -9.16 -12.09
CA THR A 216 -8.96 -8.35 -13.00
C THR A 216 -7.85 -7.58 -12.26
N THR A 217 -7.52 -8.02 -11.04
CA THR A 217 -6.53 -7.37 -10.18
C THR A 217 -5.17 -7.29 -10.91
N PRO A 218 -4.54 -6.09 -10.93
CA PRO A 218 -3.21 -5.99 -11.53
CA PRO A 218 -3.20 -5.98 -11.52
C PRO A 218 -2.19 -6.89 -10.78
N PRO A 219 -1.43 -7.70 -11.53
CA PRO A 219 -0.40 -8.48 -10.84
C PRO A 219 0.77 -7.58 -10.44
N VAL A 220 1.37 -7.89 -9.29
CA VAL A 220 2.47 -7.11 -8.76
CA VAL A 220 2.47 -7.11 -8.76
CA VAL A 220 2.49 -7.11 -8.79
C VAL A 220 3.61 -8.07 -8.37
N LEU A 221 4.86 -7.70 -8.68
CA LEU A 221 5.99 -8.53 -8.30
C LEU A 221 7.26 -7.70 -8.17
N GLN A 222 8.09 -8.06 -7.21
CA GLN A 222 9.42 -7.45 -7.06
CA GLN A 222 9.42 -7.45 -7.03
C GLN A 222 10.48 -8.53 -7.22
N PHE A 223 11.67 -8.12 -7.65
CA PHE A 223 12.77 -9.06 -7.81
C PHE A 223 14.09 -8.33 -7.69
N THR A 224 15.01 -8.95 -6.98
CA THR A 224 16.34 -8.40 -6.78
C THR A 224 17.25 -9.53 -6.35
N ASN A 225 18.53 -9.38 -6.60
CA ASN A 225 19.49 -10.37 -6.13
C ASN A 225 20.18 -9.93 -4.84
N THR A 226 19.63 -8.89 -4.19
CA THR A 226 20.25 -8.30 -3.01
C THR A 226 19.55 -8.66 -1.67
N LEU A 227 18.51 -9.48 -1.73
CA LEU A 227 17.68 -9.80 -0.56
CA LEU A 227 17.69 -9.79 -0.56
C LEU A 227 17.88 -11.22 -0.05
N THR A 228 18.22 -11.33 1.23
CA THR A 228 18.43 -12.62 1.87
C THR A 228 17.33 -12.85 2.92
N THR A 229 16.72 -14.04 2.88
CA THR A 229 15.78 -14.44 3.93
C THR A 229 16.51 -15.32 4.95
N VAL A 230 16.56 -14.87 6.21
CA VAL A 230 17.22 -15.66 7.26
C VAL A 230 16.28 -16.79 7.69
N LEU A 231 16.81 -17.99 7.89
CA LEU A 231 15.96 -19.15 8.19
C LEU A 231 16.13 -19.64 9.63
N LEU A 232 16.98 -18.95 10.39
CA LEU A 232 17.22 -19.28 11.79
C LEU A 232 16.00 -18.97 12.63
N ASP A 233 15.73 -19.80 13.63
CA ASP A 233 14.59 -19.58 14.52
C ASP A 233 15.00 -18.68 15.68
N GLU A 234 14.09 -18.47 16.64
CA GLU A 234 14.34 -17.66 17.84
C GLU A 234 15.61 -18.08 18.58
N ASN A 235 15.98 -19.35 18.49
CA ASN A 235 17.18 -19.86 19.17
C ASN A 235 18.42 -19.85 18.29
N GLY A 236 18.28 -19.34 17.07
CA GLY A 236 19.41 -19.23 16.16
C GLY A 236 19.68 -20.52 15.42
N VAL A 237 18.64 -21.34 15.24
CA VAL A 237 18.79 -22.64 14.60
C VAL A 237 17.95 -22.72 13.34
N GLY A 238 18.59 -23.03 12.22
CA GLY A 238 17.88 -23.17 10.94
C GLY A 238 17.28 -24.57 10.81
N PRO A 239 16.48 -24.81 9.76
CA PRO A 239 16.02 -26.18 9.45
C PRO A 239 17.23 -27.16 9.40
N LEU A 240 17.06 -28.33 10.02
CA LEU A 240 18.09 -29.37 10.04
C LEU A 240 17.69 -30.50 9.07
N CYS A 241 18.58 -30.80 8.13
CA CYS A 241 18.27 -31.69 7.03
C CYS A 241 18.37 -33.17 7.40
N LYS A 242 17.21 -33.78 7.61
CA LYS A 242 17.14 -35.18 7.99
C LYS A 242 17.67 -36.05 6.85
N GLY A 243 18.63 -36.93 7.14
CA GLY A 243 19.27 -37.75 6.13
C GLY A 243 19.83 -36.95 4.97
N GLU A 244 20.33 -35.74 5.27
CA GLU A 244 20.97 -34.84 4.29
C GLU A 244 20.06 -34.45 3.11
N GLY A 245 18.75 -34.46 3.35
CA GLY A 245 17.77 -34.03 2.35
C GLY A 245 17.26 -32.63 2.63
N LEU A 246 17.29 -31.77 1.61
CA LEU A 246 16.79 -30.41 1.71
C LEU A 246 15.55 -30.25 0.84
N TYR A 247 14.45 -29.78 1.43
CA TYR A 247 13.18 -29.66 0.72
C TYR A 247 12.87 -28.22 0.37
N LEU A 248 12.61 -28.00 -0.92
CA LEU A 248 12.19 -26.71 -1.44
C LEU A 248 10.77 -26.87 -1.98
N SER A 249 9.89 -25.94 -1.62
CA SER A 249 8.50 -25.99 -2.03
C SER A 249 8.07 -24.59 -2.45
N CYS A 250 7.21 -24.49 -3.47
CA CYS A 250 6.70 -23.17 -3.86
C CYS A 250 5.52 -23.25 -4.80
N VAL A 251 4.86 -22.11 -4.97
CA VAL A 251 3.85 -21.90 -6.01
C VAL A 251 3.82 -20.39 -6.25
N ASP A 252 3.79 -20.02 -7.52
CA ASP A 252 3.78 -18.61 -7.89
C ASP A 252 2.82 -18.33 -9.05
N ILE A 253 1.55 -18.18 -8.68
CA ILE A 253 0.48 -17.84 -9.61
C ILE A 253 0.39 -16.33 -9.83
N MET A 254 0.42 -15.92 -11.09
CA MET A 254 0.37 -14.51 -11.46
C MET A 254 -1.03 -13.99 -11.85
N GLY A 255 -1.97 -14.89 -12.07
CA GLY A 255 -3.31 -14.53 -12.54
C GLY A 255 -3.73 -15.44 -13.68
N TRP A 256 -4.63 -14.95 -14.53
CA TRP A 256 -5.07 -15.71 -15.72
C TRP A 256 -4.89 -14.87 -16.98
N ARG A 257 -4.67 -15.55 -18.11
CA ARG A 257 -4.97 -14.94 -19.40
CA ARG A 257 -4.96 -14.96 -19.42
C ARG A 257 -6.36 -15.42 -19.81
N VAL A 258 -7.02 -14.64 -20.67
CA VAL A 258 -8.39 -14.91 -21.12
C VAL A 258 -8.39 -14.96 -22.65
N THR A 259 -8.95 -16.03 -23.21
CA THR A 259 -8.99 -16.19 -24.67
C THR A 259 -10.14 -15.42 -25.30
N ARG A 260 -10.14 -15.39 -26.63
CA ARG A 260 -11.21 -14.77 -27.41
C ARG A 260 -12.40 -15.70 -27.59
N ASN A 261 -12.35 -16.89 -26.99
CA ASN A 261 -13.42 -17.88 -27.20
C ASN A 261 -14.11 -18.16 -25.88
N TYR A 262 -15.29 -17.58 -25.71
CA TYR A 262 -16.08 -17.69 -24.48
C TYR A 262 -15.30 -17.45 -23.18
N ASP A 263 -14.42 -16.45 -23.21
CA ASP A 263 -13.68 -16.03 -22.02
C ASP A 263 -12.98 -17.16 -21.28
N VAL A 264 -12.46 -18.17 -21.99
CA VAL A 264 -11.70 -19.24 -21.35
C VAL A 264 -10.48 -18.68 -20.61
N HIS A 265 -10.35 -19.04 -19.33
CA HIS A 265 -9.21 -18.63 -18.52
C HIS A 265 -8.14 -19.71 -18.41
N HIS A 266 -6.88 -19.28 -18.48
CA HIS A 266 -5.72 -20.16 -18.25
C HIS A 266 -4.88 -19.52 -17.16
N TRP A 267 -4.63 -20.29 -16.09
CA TRP A 267 -3.70 -19.86 -15.04
C TRP A 267 -2.30 -19.64 -15.62
N ARG A 268 -1.58 -18.64 -15.10
CA ARG A 268 -0.17 -18.41 -15.43
C ARG A 268 0.68 -18.51 -14.17
N GLY A 269 1.74 -19.32 -14.26
CA GLY A 269 2.73 -19.43 -13.19
C GLY A 269 4.10 -19.05 -13.69
N LEU A 270 4.99 -18.68 -12.75
CA LEU A 270 6.36 -18.35 -13.06
C LEU A 270 7.32 -19.19 -12.20
N PRO A 271 8.53 -19.46 -12.72
CA PRO A 271 9.51 -20.27 -11.98
C PRO A 271 10.15 -19.48 -10.85
N ARG A 272 10.61 -20.21 -9.84
CA ARG A 272 11.26 -19.60 -8.68
C ARG A 272 12.66 -20.15 -8.51
N TYR A 273 13.60 -19.22 -8.29
CA TYR A 273 15.01 -19.55 -8.02
C TYR A 273 15.25 -19.56 -6.50
N PHE A 274 16.11 -20.49 -6.06
CA PHE A 274 16.52 -20.60 -4.65
C PHE A 274 18.03 -20.71 -4.63
N LYS A 275 18.69 -19.94 -3.75
CA LYS A 275 20.11 -20.19 -3.43
C LYS A 275 20.18 -20.30 -1.91
N ILE A 276 20.47 -21.50 -1.41
CA ILE A 276 20.43 -21.77 0.03
C ILE A 276 21.85 -21.88 0.58
N THR A 277 22.09 -21.19 1.68
CA THR A 277 23.37 -21.31 2.38
C THR A 277 23.15 -22.26 3.54
N LEU A 278 24.00 -23.29 3.61
CA LEU A 278 23.95 -24.27 4.69
C LEU A 278 25.29 -24.38 5.39
N ARG A 279 25.25 -24.72 6.68
CA ARG A 279 26.43 -24.99 7.47
C ARG A 279 26.25 -26.30 8.21
N LYS A 280 27.37 -26.96 8.53
CA LYS A 280 27.31 -28.16 9.35
C LYS A 280 27.12 -27.81 10.83
N ARG A 281 26.28 -28.60 11.50
CA ARG A 281 25.92 -28.39 12.89
C ARG A 281 26.13 -29.68 13.67
N TRP A 282 26.78 -29.58 14.82
CA TRP A 282 26.97 -30.74 15.71
C TRP A 282 25.65 -31.03 16.40
N VAL A 283 25.26 -32.30 16.44
CA VAL A 283 24.02 -32.70 17.12
C VAL A 283 24.24 -33.94 17.98
N LYS A 284 23.42 -34.09 19.02
CA LYS A 284 23.51 -35.23 19.93
C LYS A 284 22.13 -35.83 20.14
N GLY B 1 41.68 -10.50 -9.91
CA GLY B 1 40.51 -10.01 -9.11
C GLY B 1 39.79 -11.11 -8.36
N MET B 2 40.50 -12.19 -8.06
CA MET B 2 39.94 -13.33 -7.33
C MET B 2 39.85 -13.04 -5.83
N GLU B 3 40.98 -12.67 -5.22
CA GLU B 3 41.01 -12.37 -3.79
C GLU B 3 40.95 -10.85 -3.53
N VAL B 4 39.98 -10.44 -2.72
CA VAL B 4 39.72 -9.04 -2.45
C VAL B 4 40.46 -8.61 -1.19
N LEU B 5 41.31 -7.59 -1.29
CA LEU B 5 42.14 -7.17 -0.16
C LEU B 5 41.67 -5.84 0.45
N ASP B 6 42.61 -5.03 0.94
CA ASP B 6 42.29 -3.73 1.56
C ASP B 6 41.80 -2.70 0.55
N LEU B 7 41.12 -1.67 1.05
CA LEU B 7 40.81 -0.49 0.27
C LEU B 7 42.09 0.30 0.00
N VAL B 8 42.18 0.92 -1.17
CA VAL B 8 43.30 1.78 -1.52
C VAL B 8 43.07 3.16 -0.92
N THR B 9 44.09 3.73 -0.31
CA THR B 9 44.01 5.12 0.18
C THR B 9 44.92 6.06 -0.61
N GLY B 10 44.73 7.37 -0.42
CA GLY B 10 45.56 8.36 -1.09
C GLY B 10 44.80 9.21 -2.08
N PRO B 11 45.53 10.01 -2.89
CA PRO B 11 44.90 10.98 -3.79
C PRO B 11 44.16 10.27 -4.90
N ASP B 12 42.93 10.72 -5.17
CA ASP B 12 42.10 10.17 -6.25
C ASP B 12 41.81 8.67 -6.09
N SER B 13 41.65 8.21 -4.84
CA SER B 13 41.30 6.82 -4.60
C SER B 13 39.79 6.59 -4.66
N VAL B 14 39.03 7.70 -4.60
CA VAL B 14 37.57 7.67 -4.73
CA VAL B 14 37.58 7.63 -4.77
CA VAL B 14 37.57 7.67 -4.73
C VAL B 14 37.16 8.51 -5.94
N THR B 15 36.18 8.02 -6.70
CA THR B 15 35.69 8.76 -7.84
C THR B 15 34.16 8.70 -7.91
N GLU B 16 33.56 9.66 -8.59
CA GLU B 16 32.13 9.68 -8.77
C GLU B 16 31.85 9.92 -10.24
N ILE B 17 30.98 9.09 -10.83
CA ILE B 17 30.60 9.29 -12.23
C ILE B 17 29.10 9.25 -12.42
N GLU B 18 28.63 10.02 -13.39
CA GLU B 18 27.20 10.10 -13.62
C GLU B 18 26.88 9.88 -15.09
N ALA B 19 25.66 9.40 -15.34
CA ALA B 19 25.18 9.15 -16.69
C ALA B 19 23.67 9.10 -16.67
N PHE B 20 23.08 9.38 -17.84
CA PHE B 20 21.66 9.16 -18.03
CA PHE B 20 21.65 9.23 -18.09
C PHE B 20 21.48 8.15 -19.16
N LEU B 21 20.49 7.28 -18.99
CA LEU B 21 20.16 6.33 -20.05
C LEU B 21 18.77 6.67 -20.53
N ASN B 22 18.67 7.02 -21.81
CA ASN B 22 17.36 7.28 -22.40
C ASN B 22 16.60 5.99 -22.68
N PRO B 23 15.26 6.04 -22.53
CA PRO B 23 14.47 4.81 -22.72
C PRO B 23 14.55 4.28 -24.16
N ARG B 24 14.32 2.97 -24.31
CA ARG B 24 14.32 2.32 -25.63
C ARG B 24 12.98 1.60 -25.83
N MET B 25 11.94 2.39 -26.12
CA MET B 25 10.58 1.87 -26.17
C MET B 25 10.20 1.29 -27.53
N GLY B 26 10.94 1.65 -28.56
CA GLY B 26 10.74 1.04 -29.88
C GLY B 26 11.12 1.95 -31.03
N GLN B 27 10.74 3.22 -30.95
CA GLN B 27 11.19 4.19 -31.94
C GLN B 27 12.63 4.58 -31.63
N PRO B 28 13.54 4.43 -32.60
CA PRO B 28 14.92 4.85 -32.38
C PRO B 28 15.03 6.38 -32.25
N PRO B 29 16.19 6.89 -31.78
CA PRO B 29 16.38 8.35 -31.67
C PRO B 29 16.28 9.09 -33.01
N THR B 30 16.62 8.41 -34.11
CA THR B 30 16.50 9.00 -35.45
C THR B 30 15.48 8.20 -36.29
N PRO B 31 14.84 8.82 -37.30
CA PRO B 31 14.97 10.22 -37.76
C PRO B 31 14.53 11.22 -36.67
N GLU B 32 15.16 12.38 -36.66
CA GLU B 32 14.85 13.41 -35.67
C GLU B 32 13.57 14.17 -35.98
N SER B 33 13.18 14.16 -37.27
CA SER B 33 12.04 14.94 -37.74
C SER B 33 10.74 14.55 -37.03
N LEU B 34 10.00 15.57 -36.61
CA LEU B 34 8.75 15.37 -35.88
C LEU B 34 7.56 15.04 -36.78
N THR B 35 7.82 14.92 -38.09
CA THR B 35 6.81 14.41 -39.02
C THR B 35 7.18 13.04 -39.62
N GLU B 36 8.44 12.66 -39.50
CA GLU B 36 8.92 11.42 -40.13
C GLU B 36 9.10 10.26 -39.14
N GLY B 37 8.64 10.44 -37.91
CA GLY B 37 8.70 9.35 -36.93
C GLY B 37 9.33 9.73 -35.62
N GLY B 38 10.13 10.80 -35.62
CA GLY B 38 10.76 11.31 -34.41
C GLY B 38 9.79 11.72 -33.33
N GLN B 39 8.55 12.03 -33.72
CA GLN B 39 7.52 12.37 -32.76
C GLN B 39 7.21 11.20 -31.80
N TYR B 40 7.63 9.99 -32.16
CA TYR B 40 7.41 8.82 -31.30
C TYR B 40 8.63 8.49 -30.42
N TYR B 41 9.69 9.30 -30.51
CA TYR B 41 10.88 9.02 -29.68
C TYR B 41 10.52 9.17 -28.21
N GLY B 42 10.80 8.12 -27.42
CA GLY B 42 10.38 8.04 -26.02
C GLY B 42 9.17 7.13 -25.90
N TRP B 43 8.62 6.74 -27.05
CA TRP B 43 7.46 5.86 -27.12
C TRP B 43 7.75 4.66 -28.05
N SER B 44 6.90 3.65 -28.00
CA SER B 44 6.91 2.64 -29.06
C SER B 44 6.04 3.14 -30.21
N ARG B 45 6.13 2.45 -31.34
CA ARG B 45 5.14 2.63 -32.39
C ARG B 45 3.90 1.82 -31.99
N GLY B 46 2.82 1.98 -32.74
CA GLY B 46 1.55 1.34 -32.40
C GLY B 46 1.68 -0.18 -32.23
N ILE B 47 1.30 -0.68 -31.06
CA ILE B 47 1.34 -2.12 -30.79
C ILE B 47 0.46 -2.87 -31.79
N ASN B 48 1.04 -3.83 -32.50
CA ASN B 48 0.29 -4.63 -33.47
C ASN B 48 0.00 -6.01 -32.89
N LEU B 49 -1.20 -6.54 -33.16
CA LEU B 49 -1.66 -7.78 -32.52
C LEU B 49 -1.57 -9.01 -33.40
N ALA B 50 -1.40 -10.17 -32.76
CA ALA B 50 -1.49 -11.46 -33.43
C ALA B 50 -2.78 -11.54 -34.23
N THR B 51 -2.74 -12.26 -35.36
CA THR B 51 -3.91 -12.44 -36.21
C THR B 51 -4.55 -13.79 -35.98
N SER B 52 -3.87 -14.67 -35.23
CA SER B 52 -4.43 -15.97 -34.85
C SER B 52 -3.61 -16.52 -33.70
N ASP B 53 -4.08 -17.66 -33.16
CA ASP B 53 -3.37 -18.37 -32.10
C ASP B 53 -1.99 -18.85 -32.55
N THR B 54 -1.76 -18.88 -33.86
CA THR B 54 -0.48 -19.38 -34.37
C THR B 54 0.28 -18.34 -35.19
N GLU B 55 -0.21 -17.10 -35.17
CA GLU B 55 0.40 -16.05 -35.99
C GLU B 55 0.58 -14.77 -35.18
N ASP B 56 1.65 -14.74 -34.39
CA ASP B 56 1.98 -13.59 -33.56
C ASP B 56 3.35 -13.02 -33.99
N SER B 57 3.30 -11.92 -34.74
CA SER B 57 4.50 -11.32 -35.34
C SER B 57 4.64 -9.84 -34.96
N PRO B 58 5.19 -9.54 -33.76
CA PRO B 58 5.29 -8.15 -33.31
C PRO B 58 6.37 -7.39 -34.08
N GLY B 59 6.09 -6.13 -34.43
CA GLY B 59 7.11 -5.27 -35.05
C GLY B 59 8.21 -4.94 -34.04
N ASN B 60 9.46 -4.92 -34.49
CA ASN B 60 10.58 -4.56 -33.60
C ASN B 60 10.35 -3.25 -32.87
N ASN B 61 9.77 -2.28 -33.58
CA ASN B 61 9.54 -0.95 -33.01
C ASN B 61 8.32 -0.90 -32.06
N THR B 62 7.72 -2.06 -31.80
CA THR B 62 6.64 -2.14 -30.80
C THR B 62 7.10 -2.80 -29.51
N LEU B 63 8.38 -3.19 -29.45
CA LEU B 63 8.91 -3.95 -28.32
C LEU B 63 9.93 -3.14 -27.52
N PRO B 64 9.57 -2.76 -26.27
CA PRO B 64 10.56 -2.10 -25.42
C PRO B 64 11.76 -3.01 -25.18
N THR B 65 12.95 -2.43 -25.20
CA THR B 65 14.19 -3.17 -24.98
C THR B 65 14.99 -2.57 -23.80
N TRP B 66 15.96 -3.32 -23.30
CA TRP B 66 16.82 -2.84 -22.23
C TRP B 66 17.67 -1.67 -22.70
N SER B 67 17.79 -0.64 -21.85
CA SER B 67 18.82 0.37 -22.04
C SER B 67 20.08 -0.12 -21.34
N MET B 68 21.24 0.18 -21.94
CA MET B 68 22.51 -0.12 -21.28
C MET B 68 23.62 0.83 -21.72
N ALA B 69 24.59 1.02 -20.82
CA ALA B 69 25.78 1.77 -21.15
C ALA B 69 26.96 1.15 -20.42
N LYS B 70 28.10 1.13 -21.10
CA LYS B 70 29.36 0.74 -20.50
C LYS B 70 30.20 2.00 -20.38
N LEU B 71 30.57 2.34 -19.15
CA LEU B 71 31.38 3.54 -18.91
C LEU B 71 32.82 3.16 -18.62
N GLN B 72 33.75 3.90 -19.22
CA GLN B 72 35.18 3.67 -18.98
C GLN B 72 35.65 4.45 -17.76
N LEU B 73 36.35 3.76 -16.87
CA LEU B 73 36.84 4.36 -15.64
C LEU B 73 38.33 4.68 -15.80
N PRO B 74 38.88 5.60 -14.97
CA PRO B 74 40.31 5.92 -15.02
C PRO B 74 41.19 4.65 -14.96
N MET B 75 42.20 4.58 -15.83
CA MET B 75 43.12 3.44 -15.88
C MET B 75 43.84 3.28 -14.53
N LEU B 76 44.16 2.05 -14.16
N LEU B 76 44.09 2.03 -14.15
CA LEU B 76 44.67 1.76 -12.81
CA LEU B 76 44.83 1.70 -12.93
C LEU B 76 46.06 1.12 -12.75
C LEU B 76 45.93 0.72 -13.31
N ASN B 77 46.26 0.07 -13.54
N ASN B 77 46.94 0.62 -12.45
CA ASN B 77 47.46 -0.76 -13.44
CA ASN B 77 48.01 -0.34 -12.64
C ASN B 77 48.35 -0.69 -14.66
C ASN B 77 49.04 0.13 -13.67
N ASP B 83 51.26 -9.14 -8.92
CA ASP B 83 50.86 -9.74 -7.66
C ASP B 83 49.64 -9.03 -7.08
N THR B 84 49.81 -7.77 -6.69
CA THR B 84 48.73 -6.97 -6.12
C THR B 84 48.36 -5.79 -7.04
N LEU B 85 47.21 -5.92 -7.68
CA LEU B 85 46.69 -4.90 -8.59
C LEU B 85 45.58 -4.11 -7.90
N GLN B 86 45.07 -3.10 -8.59
CA GLN B 86 43.91 -2.33 -8.11
C GLN B 86 42.73 -2.49 -9.08
N MET B 87 41.52 -2.52 -8.54
CA MET B 87 40.29 -2.47 -9.35
C MET B 87 39.37 -1.40 -8.80
N TRP B 88 38.55 -0.83 -9.67
CA TRP B 88 37.48 0.07 -9.24
C TRP B 88 36.33 -0.77 -8.67
N GLU B 89 35.86 -0.36 -7.49
CA GLU B 89 34.76 -1.02 -6.79
C GLU B 89 33.58 -0.06 -6.68
N ALA B 90 32.44 -0.46 -7.23
CA ALA B 90 31.24 0.36 -7.17
C ALA B 90 30.60 0.23 -5.78
N VAL B 91 30.57 1.33 -5.04
CA VAL B 91 30.17 1.34 -3.62
C VAL B 91 28.68 1.59 -3.44
N SER B 92 28.17 2.56 -4.18
CA SER B 92 26.78 2.95 -4.06
C SER B 92 26.35 3.69 -5.31
N VAL B 93 25.04 3.83 -5.47
CA VAL B 93 24.47 4.55 -6.60
C VAL B 93 23.26 5.35 -6.14
N LYS B 94 23.17 6.58 -6.64
CA LYS B 94 21.95 7.35 -6.54
C LYS B 94 21.36 7.33 -7.92
N THR B 95 20.11 6.86 -8.00
CA THR B 95 19.47 6.73 -9.29
C THR B 95 18.04 7.27 -9.23
N GLU B 96 17.58 7.83 -10.35
CA GLU B 96 16.30 8.53 -10.40
CA GLU B 96 16.30 8.53 -10.40
C GLU B 96 15.68 8.43 -11.78
N VAL B 97 14.37 8.21 -11.83
CA VAL B 97 13.65 8.22 -13.09
C VAL B 97 13.07 9.62 -13.23
N VAL B 98 13.41 10.30 -14.33
CA VAL B 98 13.06 11.72 -14.51
C VAL B 98 11.90 11.88 -15.48
N GLY B 99 11.01 12.83 -15.18
CA GLY B 99 9.99 13.26 -16.15
C GLY B 99 8.57 12.79 -15.91
N SER B 100 8.29 12.24 -14.74
CA SER B 100 6.91 11.79 -14.47
C SER B 100 5.89 12.94 -14.53
N GLY B 101 6.33 14.14 -14.19
CA GLY B 101 5.51 15.35 -14.33
C GLY B 101 4.95 15.53 -15.73
N SER B 102 5.66 15.02 -16.74
CA SER B 102 5.23 15.15 -18.13
C SER B 102 3.93 14.36 -18.40
N LEU B 103 3.66 13.37 -17.55
CA LEU B 103 2.42 12.57 -17.66
C LEU B 103 1.18 13.36 -17.27
N LEU B 104 1.40 14.55 -16.71
CA LEU B 104 0.33 15.49 -16.36
C LEU B 104 -0.20 16.25 -17.59
N ASP B 105 0.41 16.03 -18.75
CA ASP B 105 -0.18 16.51 -20.00
C ASP B 105 -1.42 15.67 -20.35
N VAL B 106 -2.60 16.22 -20.05
CA VAL B 106 -3.87 15.58 -20.41
C VAL B 106 -4.65 16.48 -21.38
N HIS B 107 -3.91 17.27 -22.17
CA HIS B 107 -4.52 18.20 -23.11
C HIS B 107 -4.28 17.81 -24.57
N GLY B 108 -3.67 16.64 -24.80
CA GLY B 108 -3.34 16.18 -26.16
C GLY B 108 -4.52 15.50 -26.86
N PHE B 109 -4.20 14.61 -27.81
CA PHE B 109 -5.21 14.04 -28.72
C PHE B 109 -5.38 12.54 -28.50
N ASN B 110 -5.08 12.06 -27.28
CA ASN B 110 -5.33 10.66 -26.94
C ASN B 110 -6.83 10.38 -26.91
N LYS B 111 -7.19 9.09 -26.85
CA LYS B 111 -8.55 8.72 -26.55
CA LYS B 111 -8.55 8.69 -26.54
C LYS B 111 -9.03 9.55 -25.36
N PRO B 112 -10.18 10.23 -25.50
CA PRO B 112 -10.62 11.09 -24.40
C PRO B 112 -11.36 10.30 -23.32
N THR B 113 -11.54 10.93 -22.16
CA THR B 113 -12.17 10.25 -21.03
C THR B 113 -13.68 10.09 -21.19
N ASP B 114 -14.30 10.99 -21.95
CA ASP B 114 -15.71 10.82 -22.34
C ASP B 114 -15.76 10.38 -23.81
N THR B 115 -15.88 9.07 -24.04
CA THR B 115 -15.87 8.55 -25.40
C THR B 115 -17.23 8.71 -26.08
N VAL B 116 -18.28 8.78 -25.27
CA VAL B 116 -19.63 9.04 -25.77
C VAL B 116 -19.66 10.34 -26.60
N ASN B 117 -19.16 11.42 -26.01
CA ASN B 117 -19.20 12.74 -26.66
C ASN B 117 -17.88 13.22 -27.25
N THR B 118 -16.81 12.44 -27.05
CA THR B 118 -15.44 12.83 -27.43
C THR B 118 -15.04 14.12 -26.70
N LYS B 119 -15.07 14.07 -25.36
CA LYS B 119 -14.89 15.24 -24.50
C LYS B 119 -14.14 14.80 -23.24
N GLY B 120 -13.95 15.74 -22.30
CA GLY B 120 -13.24 15.43 -21.05
C GLY B 120 -11.79 15.84 -21.15
N ILE B 121 -10.89 14.90 -20.89
CA ILE B 121 -9.46 15.16 -21.02
C ILE B 121 -8.84 14.08 -21.87
N SER B 122 -7.63 14.33 -22.35
CA SER B 122 -6.85 13.34 -23.09
C SER B 122 -6.39 12.29 -22.06
N THR B 123 -6.79 11.04 -22.23
CA THR B 123 -6.45 10.00 -21.23
C THR B 123 -4.93 9.93 -21.00
N PRO B 124 -4.49 10.09 -19.74
CA PRO B 124 -3.06 10.01 -19.44
C PRO B 124 -2.53 8.58 -19.59
N VAL B 125 -1.22 8.46 -19.65
CA VAL B 125 -0.55 7.16 -19.69
C VAL B 125 -1.01 6.32 -18.50
N GLU B 126 -1.38 5.06 -18.74
CA GLU B 126 -1.89 4.15 -17.68
C GLU B 126 -1.46 2.74 -18.01
N GLY B 127 -1.59 1.84 -17.03
CA GLY B 127 -1.47 0.41 -17.32
C GLY B 127 -0.21 -0.22 -16.76
N SER B 128 0.37 -1.13 -17.55
CA SER B 128 1.46 -1.98 -17.05
C SER B 128 2.75 -1.20 -16.95
N GLN B 129 3.45 -1.39 -15.83
CA GLN B 129 4.65 -0.63 -15.49
C GLN B 129 5.77 -1.58 -15.13
N TYR B 130 6.99 -1.21 -15.47
CA TYR B 130 8.13 -2.08 -15.28
C TYR B 130 9.36 -1.23 -15.04
N HIS B 131 9.98 -1.38 -13.88
CA HIS B 131 11.14 -0.55 -13.49
C HIS B 131 12.24 -1.48 -13.01
N VAL B 132 13.36 -1.49 -13.73
CA VAL B 132 14.52 -2.29 -13.31
C VAL B 132 15.76 -1.45 -13.52
N PHE B 133 16.67 -1.48 -12.56
CA PHE B 133 18.02 -0.99 -12.83
C PHE B 133 19.06 -1.96 -12.31
N ALA B 134 20.25 -1.89 -12.90
CA ALA B 134 21.39 -2.70 -12.47
C ALA B 134 22.68 -1.91 -12.61
N VAL B 135 23.62 -2.16 -11.70
CA VAL B 135 24.97 -1.63 -11.76
C VAL B 135 25.91 -2.80 -11.51
N GLY B 136 26.88 -3.00 -12.42
CA GLY B 136 27.82 -4.12 -12.27
C GLY B 136 29.17 -3.89 -12.92
N GLY B 137 30.09 -4.82 -12.68
CA GLY B 137 31.44 -4.73 -13.22
C GLY B 137 31.63 -5.51 -14.50
N GLU B 138 30.51 -5.95 -15.08
CA GLU B 138 30.47 -6.75 -16.30
C GLU B 138 29.02 -6.73 -16.78
N PRO B 139 28.74 -7.16 -18.04
CA PRO B 139 27.36 -7.09 -18.53
C PRO B 139 26.36 -7.82 -17.65
N LEU B 140 25.15 -7.28 -17.56
CA LEU B 140 24.04 -7.95 -16.87
C LEU B 140 23.79 -9.31 -17.52
N ASP B 141 23.76 -10.36 -16.69
CA ASP B 141 23.44 -11.69 -17.15
C ASP B 141 21.92 -11.82 -17.32
N LEU B 142 21.51 -12.34 -18.48
CA LEU B 142 20.09 -12.44 -18.83
C LEU B 142 19.63 -13.89 -18.98
N GLN B 143 18.42 -14.14 -18.50
CA GLN B 143 17.74 -15.40 -18.64
C GLN B 143 16.49 -15.15 -19.48
N GLY B 144 16.34 -15.92 -20.57
CA GLY B 144 15.18 -15.83 -21.42
C GLY B 144 13.98 -16.53 -20.81
N LEU B 145 12.81 -15.92 -20.99
CA LEU B 145 11.51 -16.50 -20.62
C LEU B 145 10.42 -15.70 -21.32
N VAL B 146 9.57 -16.40 -22.06
CA VAL B 146 8.55 -15.72 -22.88
C VAL B 146 7.14 -16.17 -22.52
N THR B 147 6.17 -15.35 -22.90
CA THR B 147 4.77 -15.70 -22.85
C THR B 147 4.47 -16.87 -23.79
N ASP B 148 5.00 -16.80 -25.02
CA ASP B 148 4.62 -17.76 -26.05
C ASP B 148 5.83 -18.12 -26.90
N ALA B 149 6.27 -19.37 -26.78
CA ALA B 149 7.41 -19.89 -27.52
C ALA B 149 7.16 -19.90 -29.04
N ARG B 150 5.91 -19.68 -29.44
CA ARG B 150 5.52 -19.64 -30.85
C ARG B 150 5.62 -18.24 -31.44
N THR B 151 5.81 -17.23 -30.59
CA THR B 151 5.93 -15.85 -31.07
C THR B 151 7.02 -15.74 -32.15
N LYS B 152 6.68 -15.10 -33.26
CA LYS B 152 7.55 -14.96 -34.41
C LYS B 152 8.27 -13.62 -34.37
N TYR B 153 9.28 -13.51 -33.52
CA TYR B 153 10.12 -12.30 -33.48
C TYR B 153 10.91 -12.19 -34.78
N LYS B 154 11.14 -10.95 -35.24
CA LYS B 154 12.02 -10.69 -36.37
C LYS B 154 13.42 -11.26 -36.10
N GLU B 155 14.09 -11.72 -37.13
CA GLU B 155 15.45 -12.23 -36.97
C GLU B 155 16.47 -11.08 -36.89
N GLU B 156 16.24 -10.03 -37.67
CA GLU B 156 17.13 -8.87 -37.68
C GLU B 156 16.56 -7.75 -36.83
N GLY B 157 17.43 -7.00 -36.16
CA GLY B 157 17.01 -5.80 -35.43
C GLY B 157 16.71 -5.99 -33.95
N VAL B 158 16.54 -7.24 -33.51
CA VAL B 158 16.38 -7.57 -32.09
C VAL B 158 17.18 -8.82 -31.76
N VAL B 159 17.67 -8.90 -30.53
CA VAL B 159 18.32 -10.11 -30.07
C VAL B 159 17.30 -10.91 -29.26
N THR B 160 16.96 -12.09 -29.74
CA THR B 160 15.95 -12.95 -29.10
C THR B 160 16.55 -14.31 -28.79
N ILE B 161 15.77 -15.23 -28.24
CA ILE B 161 16.30 -16.55 -27.87
C ILE B 161 16.93 -17.24 -29.08
N LYS B 162 16.21 -17.24 -30.20
CA LYS B 162 16.69 -17.87 -31.44
C LYS B 162 18.04 -17.29 -31.91
N THR B 163 18.24 -15.99 -31.70
CA THR B 163 19.53 -15.35 -31.99
C THR B 163 20.69 -16.09 -31.31
N ILE B 164 20.47 -16.49 -30.06
CA ILE B 164 21.50 -17.13 -29.25
C ILE B 164 21.63 -18.61 -29.60
N THR B 165 20.50 -19.32 -29.66
CA THR B 165 20.55 -20.78 -29.80
C THR B 165 20.69 -21.25 -31.25
N LYS B 166 20.36 -20.37 -32.20
CA LYS B 166 20.28 -20.71 -33.64
C LYS B 166 19.16 -21.69 -33.94
N LYS B 167 18.22 -21.85 -32.99
CA LYS B 167 17.09 -22.78 -33.14
C LYS B 167 15.83 -22.09 -32.64
N ASP B 168 14.68 -22.53 -33.15
CA ASP B 168 13.39 -22.01 -32.70
C ASP B 168 13.24 -22.23 -31.20
N MET B 169 12.46 -21.37 -30.56
CA MET B 169 12.12 -21.54 -29.15
C MET B 169 11.42 -22.88 -28.93
N VAL B 170 11.59 -23.43 -27.73
CA VAL B 170 10.95 -24.69 -27.33
C VAL B 170 9.93 -24.39 -26.21
N ASN B 171 9.03 -25.33 -25.90
CA ASN B 171 8.02 -25.05 -24.87
C ASN B 171 8.61 -24.69 -23.50
N LYS B 172 9.79 -25.23 -23.19
CA LYS B 172 10.47 -24.94 -21.93
C LYS B 172 10.83 -23.45 -21.81
N ASP B 173 10.85 -22.73 -22.93
CA ASP B 173 11.14 -21.28 -22.91
C ASP B 173 9.99 -20.43 -22.34
N GLN B 174 8.84 -21.06 -22.11
CA GLN B 174 7.73 -20.39 -21.41
C GLN B 174 7.86 -20.53 -19.90
N VAL B 175 8.82 -21.34 -19.45
CA VAL B 175 9.21 -21.44 -18.03
C VAL B 175 10.72 -21.21 -17.97
N LEU B 176 11.42 -21.79 -17.00
CA LEU B 176 12.89 -21.59 -16.90
C LEU B 176 13.65 -22.66 -17.68
N ASN B 177 14.26 -22.25 -18.80
CA ASN B 177 15.12 -23.11 -19.60
C ASN B 177 16.56 -22.54 -19.52
N PRO B 178 17.46 -23.22 -18.78
CA PRO B 178 18.84 -22.75 -18.54
CA PRO B 178 18.82 -22.70 -18.54
C PRO B 178 19.65 -22.55 -19.83
N ILE B 179 19.25 -23.21 -20.90
CA ILE B 179 19.92 -23.01 -22.20
C ILE B 179 19.74 -21.58 -22.74
N SER B 180 18.61 -20.96 -22.42
CA SER B 180 18.26 -19.67 -23.02
C SER B 180 18.80 -18.48 -22.23
N LYS B 181 20.11 -18.27 -22.34
CA LYS B 181 20.81 -17.22 -21.61
C LYS B 181 21.56 -16.29 -22.56
N ALA B 182 21.75 -15.05 -22.13
CA ALA B 182 22.47 -14.05 -22.91
C ALA B 182 23.10 -13.03 -21.97
N LYS B 183 23.83 -12.07 -22.54
CA LYS B 183 24.40 -10.98 -21.76
C LYS B 183 23.91 -9.67 -22.34
N LEU B 184 23.60 -8.71 -21.47
CA LEU B 184 23.12 -7.42 -21.93
C LEU B 184 24.32 -6.59 -22.42
N ASP B 185 24.68 -6.81 -23.68
CA ASP B 185 25.89 -6.19 -24.22
C ASP B 185 25.61 -5.13 -25.28
N LYS B 186 24.33 -4.87 -25.57
CA LYS B 186 23.97 -3.85 -26.56
C LYS B 186 22.78 -3.07 -26.06
N ASP B 187 22.82 -1.75 -26.26
CA ASP B 187 21.69 -0.88 -25.94
C ASP B 187 20.56 -1.04 -26.95
N GLY B 188 19.31 -1.04 -26.46
CA GLY B 188 18.13 -1.02 -27.33
C GLY B 188 17.96 -2.22 -28.26
N MET B 189 18.37 -3.40 -27.80
CA MET B 189 18.36 -4.60 -28.65
C MET B 189 17.71 -5.83 -28.03
N TYR B 190 17.71 -5.92 -26.70
CA TYR B 190 17.18 -7.08 -25.97
C TYR B 190 15.77 -6.79 -25.41
N PRO B 191 14.72 -7.40 -26.00
CA PRO B 191 13.35 -7.09 -25.54
C PRO B 191 13.11 -7.48 -24.09
N VAL B 192 12.47 -6.59 -23.34
CA VAL B 192 12.20 -6.88 -21.92
C VAL B 192 11.11 -7.93 -21.70
N GLU B 193 10.29 -8.20 -22.72
CA GLU B 193 9.32 -9.30 -22.60
C GLU B 193 9.97 -10.68 -22.83
N ILE B 194 11.26 -10.68 -23.17
CA ILE B 194 12.01 -11.94 -23.38
C ILE B 194 13.11 -12.12 -22.31
N TRP B 195 13.86 -11.06 -22.03
CA TRP B 195 15.12 -11.15 -21.27
C TRP B 195 15.05 -10.57 -19.85
N HIS B 196 15.30 -11.41 -18.87
CA HIS B 196 15.17 -11.09 -17.44
C HIS B 196 16.53 -11.21 -16.76
N PRO B 197 16.76 -10.43 -15.68
CA PRO B 197 18.00 -10.65 -14.93
C PRO B 197 18.11 -12.12 -14.49
N ASP B 198 19.27 -12.74 -14.73
CA ASP B 198 19.50 -14.13 -14.36
C ASP B 198 19.93 -14.24 -12.88
N PRO B 199 19.06 -14.78 -12.01
CA PRO B 199 19.42 -14.87 -10.59
C PRO B 199 20.49 -15.92 -10.31
N ALA B 200 20.75 -16.81 -11.27
CA ALA B 200 21.74 -17.87 -11.11
C ALA B 200 23.15 -17.38 -11.41
N LYS B 201 23.26 -16.18 -11.96
CA LYS B 201 24.57 -15.60 -12.27
C LYS B 201 24.61 -14.20 -11.62
N ASN B 202 25.12 -13.18 -12.32
CA ASN B 202 25.14 -11.81 -11.76
C ASN B 202 25.79 -11.68 -10.38
N GLU B 203 26.82 -12.49 -10.13
CA GLU B 203 27.62 -12.39 -8.90
C GLU B 203 28.27 -11.01 -8.74
N ASN B 204 28.48 -10.32 -9.87
CA ASN B 204 29.27 -9.08 -9.89
C ASN B 204 28.41 -7.89 -10.35
N THR B 205 27.11 -8.05 -10.23
CA THR B 205 26.12 -7.03 -10.56
C THR B 205 25.01 -7.04 -9.50
N ARG B 206 24.52 -5.86 -9.15
CA ARG B 206 23.32 -5.76 -8.31
C ARG B 206 22.17 -5.24 -9.17
N TYR B 207 21.04 -5.93 -9.13
CA TYR B 207 19.85 -5.49 -9.87
C TYR B 207 18.62 -5.41 -8.96
N PHE B 208 17.70 -4.53 -9.32
CA PHE B 208 16.53 -4.22 -8.50
C PHE B 208 15.39 -3.97 -9.48
N GLY B 209 14.32 -4.74 -9.35
CA GLY B 209 13.21 -4.65 -10.30
C GLY B 209 11.83 -4.71 -9.68
N ASN B 210 10.87 -4.11 -10.36
CA ASN B 210 9.48 -4.33 -9.99
C ASN B 210 8.53 -4.24 -11.18
N TYR B 211 7.40 -4.91 -11.05
CA TYR B 211 6.41 -5.03 -12.10
C TYR B 211 5.01 -4.79 -11.51
N THR B 212 4.20 -3.98 -12.18
CA THR B 212 2.78 -3.83 -11.87
C THR B 212 2.04 -3.92 -13.19
N GLY B 213 1.05 -4.81 -13.26
CA GLY B 213 0.38 -5.08 -14.54
C GLY B 213 -0.94 -4.36 -14.70
N GLY B 214 -1.85 -4.96 -15.46
CA GLY B 214 -3.16 -4.36 -15.70
C GLY B 214 -3.18 -3.51 -16.96
N THR B 215 -4.34 -2.96 -17.27
CA THR B 215 -4.52 -2.22 -18.53
C THR B 215 -4.70 -0.72 -18.29
N THR B 216 -5.41 -0.37 -17.22
CA THR B 216 -5.65 1.06 -16.93
C THR B 216 -5.10 1.48 -15.56
N THR B 217 -4.22 0.66 -15.01
CA THR B 217 -3.63 0.90 -13.67
C THR B 217 -2.96 2.29 -13.60
N PRO B 218 -3.25 3.05 -12.54
CA PRO B 218 -2.56 4.34 -12.34
C PRO B 218 -1.04 4.17 -12.21
N PRO B 219 -0.24 4.86 -13.03
CA PRO B 219 1.19 4.76 -12.80
C PRO B 219 1.60 5.48 -11.53
N VAL B 220 2.60 4.93 -10.85
CA VAL B 220 3.13 5.50 -9.62
CA VAL B 220 3.14 5.56 -9.65
CA VAL B 220 3.13 5.52 -9.63
C VAL B 220 4.65 5.68 -9.76
N LEU B 221 5.18 6.79 -9.25
CA LEU B 221 6.61 7.01 -9.27
C LEU B 221 7.00 7.95 -8.16
N GLN B 222 8.17 7.69 -7.57
CA GLN B 222 8.76 8.60 -6.60
CA GLN B 222 8.78 8.57 -6.58
C GLN B 222 10.12 9.04 -7.11
N PHE B 223 10.56 10.21 -6.68
CA PHE B 223 11.87 10.75 -7.05
C PHE B 223 12.41 11.68 -5.98
N THR B 224 13.71 11.58 -5.75
CA THR B 224 14.38 12.42 -4.78
C THR B 224 15.89 12.35 -5.04
N ASN B 225 16.60 13.41 -4.69
CA ASN B 225 18.06 13.36 -4.81
C ASN B 225 18.72 13.00 -3.47
N THR B 226 17.92 12.47 -2.53
CA THR B 226 18.41 12.18 -1.18
C THR B 226 18.56 10.68 -0.87
N LEU B 227 18.28 9.82 -1.84
CA LEU B 227 18.26 8.38 -1.61
C LEU B 227 19.48 7.68 -2.22
N THR B 228 20.24 6.98 -1.40
CA THR B 228 21.40 6.23 -1.88
C THR B 228 21.16 4.72 -1.80
N THR B 229 21.44 4.02 -2.90
CA THR B 229 21.44 2.55 -2.90
C THR B 229 22.85 2.00 -2.71
N VAL B 230 23.09 1.34 -1.59
CA VAL B 230 24.39 0.72 -1.31
C VAL B 230 24.54 -0.55 -2.18
N LEU B 231 25.73 -0.73 -2.75
CA LEU B 231 25.97 -1.83 -3.67
C LEU B 231 26.88 -2.90 -3.08
N LEU B 232 27.34 -2.67 -1.84
CA LEU B 232 28.20 -3.64 -1.14
C LEU B 232 27.42 -4.91 -0.87
N ASP B 233 28.08 -6.05 -1.01
CA ASP B 233 27.47 -7.33 -0.68
C ASP B 233 27.56 -7.62 0.83
N GLU B 234 27.15 -8.83 1.22
CA GLU B 234 27.19 -9.27 2.61
C GLU B 234 28.59 -9.18 3.22
N ASN B 235 29.62 -9.28 2.38
CA ASN B 235 30.99 -9.18 2.86
C ASN B 235 31.58 -7.76 2.77
N GLY B 236 30.74 -6.80 2.38
CA GLY B 236 31.19 -5.40 2.26
C GLY B 236 31.95 -5.13 0.97
N VAL B 237 31.67 -5.90 -0.07
CA VAL B 237 32.39 -5.77 -1.34
C VAL B 237 31.40 -5.39 -2.44
N GLY B 238 31.65 -4.27 -3.11
CA GLY B 238 30.78 -3.86 -4.22
C GLY B 238 31.20 -4.53 -5.53
N PRO B 239 30.41 -4.35 -6.60
CA PRO B 239 30.84 -4.83 -7.92
C PRO B 239 32.25 -4.35 -8.27
N LEU B 240 33.06 -5.26 -8.79
CA LEU B 240 34.43 -4.97 -9.20
C LEU B 240 34.50 -4.86 -10.72
N CYS B 241 35.00 -3.73 -11.20
CA CYS B 241 34.94 -3.37 -12.62
C CYS B 241 36.05 -4.00 -13.44
N LYS B 242 35.71 -5.05 -14.17
CA LYS B 242 36.67 -5.78 -14.96
C LYS B 242 37.14 -4.93 -16.16
N GLY B 243 38.46 -4.79 -16.28
CA GLY B 243 39.04 -3.93 -17.31
C GLY B 243 38.60 -2.48 -17.17
N GLU B 244 38.30 -2.07 -15.94
CA GLU B 244 37.84 -0.71 -15.63
C GLU B 244 36.55 -0.32 -16.37
N GLY B 245 35.74 -1.31 -16.68
CA GLY B 245 34.44 -1.08 -17.31
C GLY B 245 33.32 -1.13 -16.29
N LEU B 246 32.43 -0.14 -16.32
CA LEU B 246 31.28 -0.14 -15.42
C LEU B 246 29.99 -0.23 -16.24
N TYR B 247 29.15 -1.22 -15.92
CA TYR B 247 27.92 -1.45 -16.69
C TYR B 247 26.67 -0.93 -15.98
N LEU B 248 25.90 -0.12 -16.71
CA LEU B 248 24.60 0.35 -16.22
C LEU B 248 23.51 -0.16 -17.14
N SER B 249 22.45 -0.70 -16.56
CA SER B 249 21.34 -1.29 -17.30
C SER B 249 20.04 -0.85 -16.67
N CYS B 250 19.02 -0.61 -17.49
CA CYS B 250 17.71 -0.24 -16.97
C CYS B 250 16.58 -0.33 -17.99
N VAL B 251 15.36 -0.29 -17.47
CA VAL B 251 14.17 -0.12 -18.27
C VAL B 251 13.14 0.50 -17.36
N ASP B 252 12.43 1.51 -17.86
CA ASP B 252 11.44 2.20 -17.04
C ASP B 252 10.18 2.52 -17.84
N ILE B 253 9.28 1.54 -17.85
CA ILE B 253 8.03 1.62 -18.60
C ILE B 253 6.94 2.18 -17.66
N MET B 254 6.28 3.24 -18.11
CA MET B 254 5.23 3.93 -17.33
C MET B 254 3.82 3.46 -17.65
N GLY B 255 3.65 2.75 -18.78
CA GLY B 255 2.32 2.33 -19.26
C GLY B 255 2.19 2.63 -20.75
N TRP B 256 0.94 2.81 -21.19
CA TRP B 256 0.63 3.15 -22.60
C TRP B 256 -0.22 4.40 -22.69
N ARG B 257 -0.05 5.16 -23.78
CA ARG B 257 -1.09 6.08 -24.21
CA ARG B 257 -1.08 6.09 -24.23
C ARG B 257 -1.93 5.35 -25.26
N VAL B 258 -3.17 5.80 -25.43
CA VAL B 258 -4.12 5.15 -26.33
C VAL B 258 -4.62 6.22 -27.31
N THR B 259 -4.63 5.90 -28.60
CA THR B 259 -5.04 6.89 -29.60
C THR B 259 -6.54 6.86 -29.82
N ARG B 260 -7.02 7.81 -30.62
CA ARG B 260 -8.42 7.87 -30.97
C ARG B 260 -8.78 6.95 -32.14
N ASN B 261 -7.80 6.21 -32.65
CA ASN B 261 -7.99 5.33 -33.81
C ASN B 261 -7.81 3.88 -33.40
N TYR B 262 -8.91 3.14 -33.31
CA TYR B 262 -8.90 1.72 -32.94
C TYR B 262 -8.11 1.42 -31.67
N ASP B 263 -8.17 2.32 -30.70
CA ASP B 263 -7.49 2.12 -29.40
C ASP B 263 -6.04 1.66 -29.58
N VAL B 264 -5.31 2.22 -30.53
CA VAL B 264 -3.90 1.86 -30.70
C VAL B 264 -3.10 2.30 -29.48
N HIS B 265 -2.29 1.38 -28.93
CA HIS B 265 -1.50 1.68 -27.75
C HIS B 265 -0.04 1.95 -28.13
N HIS B 266 0.55 2.93 -27.44
CA HIS B 266 1.98 3.19 -27.55
C HIS B 266 2.60 3.12 -26.16
N TRP B 267 3.60 2.25 -25.97
CA TRP B 267 4.37 2.23 -24.72
C TRP B 267 5.01 3.58 -24.44
N ARG B 268 5.11 3.97 -23.17
CA ARG B 268 5.82 5.19 -22.76
C ARG B 268 6.93 4.79 -21.80
N GLY B 269 8.15 5.25 -22.08
CA GLY B 269 9.26 5.08 -21.14
C GLY B 269 9.86 6.42 -20.74
N LEU B 270 10.60 6.42 -19.63
CA LEU B 270 11.27 7.60 -19.12
C LEU B 270 12.76 7.33 -18.89
N PRO B 271 13.60 8.38 -19.00
CA PRO B 271 15.03 8.21 -18.81
C PRO B 271 15.41 8.03 -17.33
N ARG B 272 16.56 7.39 -17.10
CA ARG B 272 17.02 7.14 -15.75
C ARG B 272 18.41 7.73 -15.56
N TYR B 273 18.55 8.46 -14.46
CA TYR B 273 19.83 9.06 -14.05
C TYR B 273 20.55 8.11 -13.10
N PHE B 274 21.88 8.05 -13.22
CA PHE B 274 22.73 7.26 -12.31
C PHE B 274 23.89 8.15 -11.88
N LYS B 275 24.19 8.12 -10.58
CA LYS B 275 25.45 8.67 -10.08
C LYS B 275 26.09 7.62 -9.18
N ILE B 276 27.22 7.09 -9.63
CA ILE B 276 27.89 5.97 -8.97
C ILE B 276 29.15 6.45 -8.26
N THR B 277 29.28 6.06 -7.00
CA THR B 277 30.51 6.32 -6.24
C THR B 277 31.36 5.06 -6.32
N LEU B 278 32.65 5.23 -6.67
CA LEU B 278 33.57 4.10 -6.78
C LEU B 278 34.85 4.36 -6.00
N ARG B 279 35.48 3.29 -5.56
CA ARG B 279 36.72 3.40 -4.80
C ARG B 279 37.69 2.35 -5.32
N LYS B 280 38.98 2.62 -5.16
CA LYS B 280 40.00 1.68 -5.59
C LYS B 280 40.16 0.61 -4.51
N ARG B 281 40.30 -0.64 -4.96
CA ARG B 281 40.39 -1.79 -4.07
C ARG B 281 41.59 -2.64 -4.45
N TRP B 282 42.44 -2.98 -3.47
CA TRP B 282 43.56 -3.89 -3.71
C TRP B 282 43.01 -5.30 -3.98
N VAL B 283 43.55 -5.98 -4.99
CA VAL B 283 43.13 -7.34 -5.33
C VAL B 283 44.36 -8.19 -5.66
N LYS B 284 44.26 -9.49 -5.42
CA LYS B 284 45.31 -10.44 -5.79
C LYS B 284 44.70 -11.62 -6.53
N GLY C 1 32.60 30.19 0.24
CA GLY C 1 31.88 29.05 0.87
C GLY C 1 32.31 27.69 0.34
N MET C 2 33.53 27.61 -0.19
CA MET C 2 34.05 26.38 -0.78
C MET C 2 34.25 25.29 0.27
N GLU C 3 35.06 25.56 1.29
CA GLU C 3 35.28 24.61 2.38
C GLU C 3 34.32 24.84 3.54
N VAL C 4 33.73 23.76 4.04
CA VAL C 4 32.76 23.80 5.14
CA VAL C 4 32.77 23.81 5.14
CA VAL C 4 32.77 23.82 5.15
C VAL C 4 33.44 23.48 6.47
N LEU C 5 33.39 24.41 7.42
CA LEU C 5 34.07 24.23 8.72
C LEU C 5 33.10 23.91 9.86
N ASP C 6 33.40 24.37 11.07
CA ASP C 6 32.56 24.06 12.24
C ASP C 6 31.23 24.82 12.25
N LEU C 7 30.31 24.34 13.09
CA LEU C 7 29.07 25.06 13.37
C LEU C 7 29.42 26.28 14.22
N VAL C 8 28.70 27.37 14.01
CA VAL C 8 28.87 28.59 14.81
C VAL C 8 28.00 28.44 16.05
N THR C 9 28.57 28.70 17.21
CA THR C 9 27.79 28.76 18.45
C THR C 9 27.64 30.19 18.96
N GLY C 10 26.78 30.37 19.95
CA GLY C 10 26.54 31.67 20.55
C GLY C 10 25.14 32.20 20.28
N PRO C 11 24.86 33.44 20.74
CA PRO C 11 23.51 34.00 20.66
C PRO C 11 23.05 34.13 19.22
N ASP C 12 21.82 33.69 18.97
CA ASP C 12 21.18 33.78 17.64
C ASP C 12 21.92 33.02 16.54
N SER C 13 22.60 31.93 16.89
CA SER C 13 23.27 31.09 15.88
C SER C 13 22.28 30.15 15.17
N VAL C 14 21.09 29.97 15.75
CA VAL C 14 20.04 29.17 15.13
CA VAL C 14 20.03 29.14 15.16
CA VAL C 14 20.04 29.14 15.15
C VAL C 14 18.77 29.99 14.94
N THR C 15 18.09 29.76 13.81
CA THR C 15 16.87 30.50 13.51
C THR C 15 15.82 29.57 12.87
N GLU C 16 14.56 29.93 13.07
CA GLU C 16 13.45 29.25 12.40
C GLU C 16 12.72 30.26 11.55
N ILE C 17 12.36 29.87 10.34
CA ILE C 17 11.50 30.71 9.51
C ILE C 17 10.39 29.89 8.88
N GLU C 18 9.25 30.53 8.65
CA GLU C 18 8.12 29.81 8.09
C GLU C 18 7.52 30.56 6.93
N ALA C 19 6.89 29.81 6.03
CA ALA C 19 6.23 30.40 4.87
C ALA C 19 5.15 29.46 4.37
N PHE C 20 4.15 30.03 3.70
CA PHE C 20 3.15 29.28 2.92
CA PHE C 20 3.23 29.22 2.91
C PHE C 20 3.35 29.60 1.43
N LEU C 21 3.29 28.59 0.58
CA LEU C 21 3.26 28.82 -0.84
C LEU C 21 1.89 28.40 -1.37
N ASN C 22 1.14 29.36 -1.88
CA ASN C 22 -0.13 29.04 -2.52
C ASN C 22 0.05 28.33 -3.87
N PRO C 23 -0.90 27.46 -4.25
CA PRO C 23 -0.74 26.71 -5.49
C PRO C 23 -0.88 27.61 -6.72
N ARG C 24 -0.30 27.18 -7.83
CA ARG C 24 -0.36 27.94 -9.10
C ARG C 24 -0.91 27.04 -10.20
N MET C 25 -2.22 26.82 -10.15
CA MET C 25 -2.90 25.82 -11.00
C MET C 25 -3.32 26.35 -12.36
N GLY C 26 -3.35 27.67 -12.51
CA GLY C 26 -3.64 28.26 -13.82
C GLY C 26 -4.32 29.61 -13.72
N GLN C 27 -5.35 29.71 -12.87
CA GLN C 27 -5.98 31.00 -12.61
C GLN C 27 -5.12 31.82 -11.64
N PRO C 28 -4.73 33.05 -12.04
CA PRO C 28 -3.93 33.91 -11.16
C PRO C 28 -4.75 34.38 -9.95
N PRO C 29 -4.08 34.96 -8.94
CA PRO C 29 -4.78 35.41 -7.73
C PRO C 29 -5.78 36.55 -7.99
N THR C 30 -5.57 37.31 -9.08
CA THR C 30 -6.49 38.38 -9.47
C THR C 30 -7.00 38.07 -10.88
N PRO C 31 -8.21 38.56 -11.24
CA PRO C 31 -9.13 39.39 -10.44
C PRO C 31 -9.66 38.64 -9.24
N GLU C 32 -9.95 39.38 -8.18
CA GLU C 32 -10.47 38.78 -6.95
C GLU C 32 -11.95 38.45 -7.06
N SER C 33 -12.66 39.17 -7.93
CA SER C 33 -14.10 39.00 -8.12
C SER C 33 -14.52 37.56 -8.39
N LEU C 34 -15.52 37.11 -7.63
CA LEU C 34 -16.03 35.73 -7.73
C LEU C 34 -16.96 35.49 -8.92
N THR C 35 -17.15 36.51 -9.76
CA THR C 35 -17.90 36.35 -11.00
C THR C 35 -17.02 36.63 -12.22
N GLU C 36 -15.84 37.20 -12.00
CA GLU C 36 -14.96 37.58 -13.10
C GLU C 36 -13.74 36.66 -13.29
N GLY C 37 -13.72 35.51 -12.62
CA GLY C 37 -12.60 34.57 -12.76
C GLY C 37 -11.98 34.19 -11.43
N GLY C 38 -12.12 35.06 -10.43
CA GLY C 38 -11.62 34.79 -9.08
C GLY C 38 -12.11 33.51 -8.47
N GLN C 39 -13.33 33.10 -8.85
CA GLN C 39 -13.90 31.82 -8.39
C GLN C 39 -13.05 30.59 -8.78
N TYR C 40 -12.14 30.75 -9.74
CA TYR C 40 -11.23 29.66 -10.13
C TYR C 40 -9.86 29.66 -9.44
N TYR C 41 -9.62 30.62 -8.55
CA TYR C 41 -8.34 30.69 -7.85
C TYR C 41 -8.19 29.47 -6.93
N GLY C 42 -7.08 28.75 -7.09
CA GLY C 42 -6.86 27.47 -6.45
C GLY C 42 -7.06 26.31 -7.43
N TRP C 43 -7.52 26.66 -8.63
CA TRP C 43 -7.89 25.70 -9.67
C TRP C 43 -7.32 26.15 -11.00
N SER C 44 -7.31 25.26 -11.99
CA SER C 44 -7.04 25.73 -13.35
C SER C 44 -8.34 26.23 -13.99
N ARG C 45 -8.22 26.88 -15.13
CA ARG C 45 -9.39 27.09 -15.98
C ARG C 45 -9.64 25.78 -16.74
N GLY C 46 -10.77 25.68 -17.45
CA GLY C 46 -11.14 24.41 -18.08
C GLY C 46 -10.10 23.94 -19.08
N ILE C 47 -9.65 22.70 -18.91
CA ILE C 47 -8.62 22.12 -19.77
C ILE C 47 -9.11 21.99 -21.22
N ASN C 48 -8.38 22.62 -22.14
CA ASN C 48 -8.72 22.56 -23.56
C ASN C 48 -7.86 21.54 -24.29
N LEU C 49 -8.49 20.77 -25.19
CA LEU C 49 -7.83 19.66 -25.85
C LEU C 49 -7.31 20.02 -27.24
N ALA C 50 -6.22 19.37 -27.62
CA ALA C 50 -5.73 19.36 -28.99
C ALA C 50 -6.88 19.11 -29.98
N THR C 51 -6.79 19.71 -31.16
CA THR C 51 -7.83 19.52 -32.18
C THR C 51 -7.40 18.48 -33.22
N SER C 52 -6.13 18.10 -33.20
CA SER C 52 -5.62 17.03 -34.07
C SER C 52 -4.28 16.56 -33.54
N ASP C 53 -3.69 15.56 -34.20
CA ASP C 53 -2.37 15.05 -33.84
C ASP C 53 -1.26 16.11 -34.00
N THR C 54 -1.53 17.17 -34.75
CA THR C 54 -0.52 18.20 -35.00
C THR C 54 -0.93 19.60 -34.50
N GLU C 55 -2.01 19.69 -33.73
CA GLU C 55 -2.52 20.98 -33.25
C GLU C 55 -2.87 20.94 -31.77
N ASP C 56 -1.85 21.06 -30.92
CA ASP C 56 -2.03 21.01 -29.47
C ASP C 56 -1.59 22.35 -28.87
N SER C 57 -2.57 23.18 -28.53
CA SER C 57 -2.32 24.53 -28.04
C SER C 57 -3.00 24.77 -26.68
N PRO C 58 -2.36 24.30 -25.59
CA PRO C 58 -2.98 24.48 -24.28
C PRO C 58 -2.99 25.96 -23.86
N GLY C 59 -4.09 26.41 -23.28
CA GLY C 59 -4.13 27.76 -22.69
C GLY C 59 -3.17 27.83 -21.50
N ASN C 60 -2.50 28.96 -21.32
CA ASN C 60 -1.64 29.16 -20.14
C ASN C 60 -2.37 28.90 -18.82
N ASN C 61 -3.63 29.35 -18.72
CA ASN C 61 -4.38 29.20 -17.48
C ASN C 61 -4.94 27.77 -17.27
N THR C 62 -4.52 26.83 -18.10
CA THR C 62 -4.89 25.42 -17.95
C THR C 62 -3.69 24.58 -17.49
N LEU C 63 -2.54 25.23 -17.35
CA LEU C 63 -1.27 24.54 -17.04
C LEU C 63 -0.76 24.88 -15.63
N PRO C 64 -0.81 23.91 -14.70
CA PRO C 64 -0.22 24.13 -13.39
C PRO C 64 1.28 24.39 -13.50
N THR C 65 1.77 25.32 -12.68
CA THR C 65 3.16 25.72 -12.70
C THR C 65 3.74 25.57 -11.30
N TRP C 66 5.07 25.57 -11.21
CA TRP C 66 5.76 25.48 -9.92
C TRP C 66 5.47 26.71 -9.07
N SER C 67 5.27 26.48 -7.77
CA SER C 67 5.28 27.57 -6.80
C SER C 67 6.70 27.73 -6.30
N MET C 68 7.13 28.97 -6.08
CA MET C 68 8.42 29.22 -5.45
C MET C 68 8.45 30.53 -4.69
N ALA C 69 9.37 30.60 -3.73
CA ALA C 69 9.59 31.81 -2.95
C ALA C 69 11.05 31.84 -2.58
N LYS C 70 11.64 33.02 -2.62
CA LYS C 70 12.98 33.23 -2.13
C LYS C 70 12.86 34.02 -0.83
N LEU C 71 13.34 33.44 0.26
CA LEU C 71 13.29 34.09 1.56
C LEU C 71 14.65 34.68 1.92
N GLN C 72 14.66 35.92 2.40
CA GLN C 72 15.90 36.56 2.81
C GLN C 72 16.18 36.28 4.28
N LEU C 73 17.40 35.85 4.57
CA LEU C 73 17.81 35.49 5.93
C LEU C 73 18.59 36.63 6.58
N PRO C 74 18.70 36.65 7.92
CA PRO C 74 19.48 37.70 8.60
C PRO C 74 20.89 37.87 8.02
N MET C 75 21.35 39.12 7.92
CA MET C 75 22.66 39.42 7.33
C MET C 75 23.75 38.85 8.23
N LEU C 76 24.83 38.36 7.63
CA LEU C 76 25.87 37.65 8.39
C LEU C 76 27.26 38.30 8.41
N ASN C 77 27.76 38.67 7.23
CA ASN C 77 29.16 39.06 7.09
C ASN C 77 29.37 40.53 6.77
N THR C 84 37.59 33.71 7.30
CA THR C 84 36.51 32.83 7.72
C THR C 84 35.18 33.58 7.84
N LEU C 85 34.28 33.29 6.90
CA LEU C 85 32.95 33.87 6.86
C LEU C 85 31.92 32.90 7.43
N GLN C 86 30.67 33.35 7.52
CA GLN C 86 29.57 32.52 7.96
C GLN C 86 28.52 32.42 6.86
N MET C 87 27.79 31.29 6.84
CA MET C 87 26.65 31.10 5.96
C MET C 87 25.54 30.43 6.76
N TRP C 88 24.28 30.70 6.37
CA TRP C 88 23.15 29.97 6.92
C TRP C 88 23.04 28.61 6.26
N GLU C 89 22.87 27.60 7.09
CA GLU C 89 22.75 26.21 6.67
C GLU C 89 21.35 25.73 7.02
N ALA C 90 20.60 25.26 6.03
CA ALA C 90 19.26 24.72 6.32
C ALA C 90 19.44 23.29 6.84
N VAL C 91 19.02 23.03 8.09
CA VAL C 91 19.21 21.75 8.77
CA VAL C 91 19.23 21.71 8.69
CA VAL C 91 19.24 21.71 8.69
C VAL C 91 18.04 20.78 8.53
N SER C 92 16.84 21.33 8.62
CA SER C 92 15.63 20.53 8.59
C SER C 92 14.42 21.37 8.22
N VAL C 93 13.37 20.69 7.78
CA VAL C 93 12.13 21.35 7.42
C VAL C 93 10.94 20.52 7.88
N LYS C 94 9.93 21.19 8.44
CA LYS C 94 8.61 20.59 8.63
C LYS C 94 7.71 21.19 7.57
N THR C 95 7.15 20.33 6.73
CA THR C 95 6.31 20.80 5.65
C THR C 95 4.99 20.05 5.63
N GLU C 96 3.92 20.73 5.24
CA GLU C 96 2.58 20.15 5.27
CA GLU C 96 2.56 20.17 5.27
C GLU C 96 1.72 20.72 4.15
N VAL C 97 0.88 19.87 3.57
CA VAL C 97 -0.08 20.31 2.57
C VAL C 97 -1.40 20.52 3.31
N VAL C 98 -1.97 21.71 3.17
CA VAL C 98 -3.14 22.10 3.97
C VAL C 98 -4.39 22.10 3.13
N GLY C 99 -5.48 21.61 3.72
CA GLY C 99 -6.82 21.77 3.12
C GLY C 99 -7.44 20.56 2.47
N SER C 100 -6.89 19.35 2.68
CA SER C 100 -7.48 18.14 2.06
C SER C 100 -8.94 17.93 2.50
N GLY C 101 -9.25 18.33 3.74
CA GLY C 101 -10.64 18.29 4.24
C GLY C 101 -11.64 19.02 3.32
N SER C 102 -11.20 20.08 2.65
CA SER C 102 -12.07 20.82 1.72
C SER C 102 -12.56 19.94 0.55
N LEU C 103 -11.84 18.85 0.28
CA LEU C 103 -12.26 17.93 -0.78
C LEU C 103 -13.50 17.10 -0.38
N LEU C 104 -13.87 17.16 0.90
CA LEU C 104 -15.11 16.54 1.41
C LEU C 104 -16.37 17.34 1.04
N ASP C 105 -16.20 18.48 0.39
CA ASP C 105 -17.37 19.15 -0.21
C ASP C 105 -17.85 18.35 -1.43
N VAL C 106 -18.92 17.57 -1.24
CA VAL C 106 -19.54 16.82 -2.34
C VAL C 106 -21.00 17.31 -2.55
N HIS C 107 -21.21 18.59 -2.26
CA HIS C 107 -22.55 19.16 -2.33
C HIS C 107 -22.68 20.24 -3.42
N GLY C 108 -21.60 20.43 -4.20
CA GLY C 108 -21.60 21.44 -5.26
C GLY C 108 -22.25 20.97 -6.56
N PHE C 109 -21.85 21.60 -7.67
CA PHE C 109 -22.51 21.40 -8.97
C PHE C 109 -21.58 20.67 -9.95
N ASN C 110 -20.68 19.83 -9.45
CA ASN C 110 -19.84 19.02 -10.34
C ASN C 110 -20.69 17.95 -11.02
N LYS C 111 -20.09 17.27 -11.99
CA LYS C 111 -20.68 16.05 -12.55
C LYS C 111 -21.17 15.14 -11.41
N PRO C 112 -22.45 14.72 -11.43
CA PRO C 112 -22.95 13.94 -10.29
C PRO C 112 -22.58 12.47 -10.42
N THR C 113 -22.66 11.73 -9.32
CA THR C 113 -22.32 10.31 -9.33
C THR C 113 -23.30 9.44 -10.14
N ASP C 114 -24.58 9.83 -10.16
CA ASP C 114 -25.59 9.15 -10.97
C ASP C 114 -25.92 10.06 -12.15
N THR C 115 -25.30 9.81 -13.30
CA THR C 115 -25.52 10.65 -14.48
C THR C 115 -26.75 10.22 -15.28
N VAL C 116 -27.27 9.03 -14.98
CA VAL C 116 -28.46 8.52 -15.65
C VAL C 116 -29.66 9.37 -15.22
N ASN C 117 -29.75 9.65 -13.93
CA ASN C 117 -30.83 10.44 -13.37
C ASN C 117 -30.43 11.85 -12.93
N THR C 118 -29.14 12.13 -12.97
CA THR C 118 -28.57 13.43 -12.51
C THR C 118 -28.83 13.60 -11.02
N LYS C 119 -28.26 12.67 -10.24
CA LYS C 119 -28.53 12.57 -8.80
C LYS C 119 -27.28 12.10 -8.08
N GLY C 120 -27.38 11.97 -6.75
CA GLY C 120 -26.29 11.40 -5.95
C GLY C 120 -25.55 12.49 -5.20
N ILE C 121 -24.25 12.54 -5.44
CA ILE C 121 -23.43 13.62 -4.90
C ILE C 121 -22.65 14.28 -6.01
N SER C 122 -22.12 15.46 -5.70
CA SER C 122 -21.20 16.15 -6.57
C SER C 122 -19.86 15.39 -6.53
N THR C 123 -19.43 14.84 -7.66
CA THR C 123 -18.22 14.02 -7.70
C THR C 123 -17.04 14.82 -7.13
N PRO C 124 -16.38 14.28 -6.10
CA PRO C 124 -15.23 14.97 -5.50
C PRO C 124 -14.03 14.96 -6.46
N VAL C 125 -13.02 15.77 -6.13
CA VAL C 125 -11.77 15.81 -6.90
C VAL C 125 -11.13 14.43 -6.98
N GLU C 126 -10.71 14.01 -8.19
CA GLU C 126 -10.12 12.69 -8.38
C GLU C 126 -9.05 12.75 -9.48
N GLY C 127 -8.24 11.71 -9.54
CA GLY C 127 -7.32 11.53 -10.68
C GLY C 127 -5.85 11.70 -10.37
N SER C 128 -5.12 12.28 -11.33
CA SER C 128 -3.68 12.36 -11.27
C SER C 128 -3.24 13.33 -10.18
N GLN C 129 -2.25 12.92 -9.40
CA GLN C 129 -1.78 13.69 -8.25
C GLN C 129 -0.27 13.82 -8.33
N TYR C 130 0.23 14.98 -7.92
CA TYR C 130 1.65 15.27 -8.06
C TYR C 130 2.05 16.17 -6.90
N HIS C 131 2.98 15.68 -6.08
CA HIS C 131 3.47 16.40 -4.91
C HIS C 131 4.99 16.44 -4.92
N VAL C 132 5.55 17.64 -5.01
CA VAL C 132 6.99 17.84 -4.93
C VAL C 132 7.27 19.03 -4.04
N PHE C 133 8.29 18.91 -3.19
CA PHE C 133 8.79 20.09 -2.48
C PHE C 133 10.31 20.07 -2.49
N ALA C 134 10.90 21.27 -2.46
CA ALA C 134 12.35 21.39 -2.40
C ALA C 134 12.72 22.53 -1.48
N VAL C 135 13.89 22.39 -0.84
CA VAL C 135 14.46 23.44 -0.02
C VAL C 135 15.94 23.53 -0.42
N GLY C 136 16.41 24.74 -0.74
CA GLY C 136 17.78 24.90 -1.22
C GLY C 136 18.38 26.27 -0.99
N GLY C 137 19.69 26.37 -1.19
CA GLY C 137 20.41 27.61 -0.97
C GLY C 137 20.61 28.41 -2.25
N GLU C 138 19.91 27.99 -3.31
CA GLU C 138 19.91 28.62 -4.63
C GLU C 138 18.70 28.06 -5.41
N PRO C 139 18.34 28.66 -6.56
CA PRO C 139 17.15 28.15 -7.27
C PRO C 139 17.22 26.65 -7.59
N LEU C 140 16.07 25.98 -7.53
CA LEU C 140 15.96 24.60 -7.96
C LEU C 140 16.37 24.50 -9.44
N ASP C 141 17.31 23.61 -9.72
CA ASP C 141 17.72 23.34 -11.11
C ASP C 141 16.66 22.47 -11.78
N LEU C 142 16.28 22.87 -13.00
CA LEU C 142 15.22 22.21 -13.76
C LEU C 142 15.74 21.54 -15.02
N GLN C 143 15.20 20.37 -15.30
CA GLN C 143 15.46 19.66 -16.55
C GLN C 143 14.14 19.55 -17.30
N GLY C 144 14.11 20.02 -18.55
CA GLY C 144 12.91 19.92 -19.38
C GLY C 144 12.71 18.52 -19.92
N LEU C 145 11.45 18.10 -20.00
CA LEU C 145 11.05 16.84 -20.66
C LEU C 145 9.54 16.88 -20.85
N VAL C 146 9.10 16.66 -22.08
CA VAL C 146 7.68 16.80 -22.41
C VAL C 146 7.08 15.52 -22.97
N THR C 147 5.76 15.44 -22.92
CA THR C 147 5.01 14.41 -23.60
C THR C 147 5.20 14.53 -25.11
N ASP C 148 5.10 15.76 -25.62
CA ASP C 148 5.08 16.01 -27.07
C ASP C 148 5.89 17.26 -27.44
N ALA C 149 7.00 17.06 -28.16
CA ALA C 149 7.85 18.15 -28.64
C ALA C 149 7.11 19.07 -29.62
N ARG C 150 5.97 18.60 -30.11
CA ARG C 150 5.13 19.38 -31.05
C ARG C 150 4.12 20.29 -30.35
N THR C 151 3.97 20.14 -29.04
CA THR C 151 3.02 20.97 -28.30
C THR C 151 3.35 22.45 -28.54
N LYS C 152 2.31 23.22 -28.87
CA LYS C 152 2.44 24.65 -29.18
C LYS C 152 2.14 25.49 -27.94
N TYR C 153 3.09 25.56 -27.03
CA TYR C 153 2.95 26.41 -25.85
C TYR C 153 2.97 27.88 -26.26
N LYS C 154 2.24 28.72 -25.52
CA LYS C 154 2.27 30.16 -25.72
C LYS C 154 3.69 30.67 -25.47
N GLU C 155 4.10 31.69 -26.21
CA GLU C 155 5.42 32.29 -25.98
C GLU C 155 5.43 33.23 -24.77
N GLU C 156 4.35 33.97 -24.57
CA GLU C 156 4.25 34.90 -23.44
C GLU C 156 3.42 34.29 -22.33
N GLY C 157 3.85 34.50 -21.09
CA GLY C 157 3.05 34.14 -19.93
C GLY C 157 3.46 32.84 -19.28
N VAL C 158 4.30 32.07 -19.96
CA VAL C 158 4.91 30.85 -19.41
C VAL C 158 6.36 30.74 -19.88
N VAL C 159 7.19 30.12 -19.06
CA VAL C 159 8.55 29.82 -19.44
C VAL C 159 8.60 28.36 -19.83
N THR C 160 8.93 28.10 -21.10
CA THR C 160 8.97 26.74 -21.64
C THR C 160 10.36 26.50 -22.25
N ILE C 161 10.59 25.33 -22.86
CA ILE C 161 11.92 25.01 -23.40
C ILE C 161 12.36 26.03 -24.45
N LYS C 162 11.42 26.43 -25.30
CA LYS C 162 11.73 27.38 -26.37
C LYS C 162 12.14 28.76 -25.82
N THR C 163 11.54 29.15 -24.68
CA THR C 163 11.95 30.38 -23.99
C THR C 163 13.46 30.36 -23.73
N ILE C 164 13.96 29.21 -23.30
CA ILE C 164 15.37 29.06 -22.93
C ILE C 164 16.27 28.92 -24.17
N THR C 165 15.93 27.99 -25.07
CA THR C 165 16.79 27.69 -26.22
C THR C 165 16.66 28.69 -27.38
N LYS C 166 15.54 29.42 -27.42
CA LYS C 166 15.18 30.34 -28.53
C LYS C 166 14.91 29.56 -29.83
N LYS C 167 14.67 28.26 -29.70
CA LYS C 167 14.39 27.40 -30.84
C LYS C 167 13.25 26.45 -30.48
N ASP C 168 12.55 25.94 -31.50
CA ASP C 168 11.51 24.96 -31.27
C ASP C 168 12.08 23.74 -30.57
N MET C 169 11.22 23.04 -29.84
CA MET C 169 11.59 21.79 -29.19
C MET C 169 12.02 20.77 -30.24
N VAL C 170 12.87 19.83 -29.83
CA VAL C 170 13.32 18.78 -30.72
C VAL C 170 12.81 17.46 -30.18
N ASN C 171 12.93 16.39 -30.98
CA ASN C 171 12.38 15.11 -30.56
C ASN C 171 13.03 14.58 -29.29
N LYS C 172 14.30 14.94 -29.07
CA LYS C 172 15.02 14.53 -27.86
C LYS C 172 14.42 15.12 -26.58
N ASP C 173 13.61 16.16 -26.73
CA ASP C 173 12.92 16.77 -25.57
C ASP C 173 11.80 15.90 -25.01
N GLN C 174 11.47 14.82 -25.72
CA GLN C 174 10.52 13.83 -25.19
C GLN C 174 11.23 12.78 -24.32
N VAL C 175 12.57 12.80 -24.36
CA VAL C 175 13.39 12.03 -23.42
C VAL C 175 14.33 13.00 -22.68
N LEU C 176 15.54 12.58 -22.32
CA LEU C 176 16.46 13.48 -21.62
C LEU C 176 17.38 14.17 -22.63
N ASN C 177 17.15 15.48 -22.82
CA ASN C 177 18.01 16.34 -23.64
C ASN C 177 18.69 17.35 -22.72
N PRO C 178 20.01 17.18 -22.47
CA PRO C 178 20.73 18.01 -21.50
C PRO C 178 20.79 19.50 -21.84
N ILE C 179 20.51 19.83 -23.11
CA ILE C 179 20.40 21.22 -23.55
C ILE C 179 19.20 21.93 -22.89
N SER C 180 18.12 21.19 -22.65
CA SER C 180 16.88 21.80 -22.15
C SER C 180 16.85 21.92 -20.63
N LYS C 181 17.63 22.89 -20.12
CA LYS C 181 17.71 23.13 -18.68
CA LYS C 181 17.73 23.14 -18.68
C LYS C 181 17.32 24.56 -18.32
N ALA C 182 16.88 24.76 -17.08
CA ALA C 182 16.50 26.08 -16.58
C ALA C 182 16.63 26.11 -15.06
N LYS C 183 16.39 27.28 -14.48
CA LYS C 183 16.34 27.40 -13.03
C LYS C 183 14.97 27.92 -12.62
N LEU C 184 14.47 27.41 -11.48
CA LEU C 184 13.17 27.83 -10.99
C LEU C 184 13.31 29.17 -10.29
N ASP C 185 13.24 30.25 -11.07
CA ASP C 185 13.52 31.59 -10.57
C ASP C 185 12.31 32.52 -10.50
N LYS C 186 11.14 32.01 -10.88
CA LYS C 186 9.89 32.77 -10.85
C LYS C 186 8.75 31.88 -10.40
N ASP C 187 7.88 32.44 -9.56
CA ASP C 187 6.66 31.76 -9.13
C ASP C 187 5.62 31.76 -10.26
N GLY C 188 4.90 30.65 -10.42
CA GLY C 188 3.73 30.61 -11.29
C GLY C 188 4.03 30.73 -12.78
N MET C 189 5.19 30.25 -13.20
CA MET C 189 5.64 30.49 -14.58
C MET C 189 6.19 29.26 -15.30
N TYR C 190 6.68 28.28 -14.53
CA TYR C 190 7.32 27.09 -15.12
C TYR C 190 6.35 25.90 -15.06
N PRO C 191 5.75 25.49 -16.20
CA PRO C 191 4.78 24.37 -16.17
C PRO C 191 5.37 23.06 -15.65
N VAL C 192 4.64 22.38 -14.77
CA VAL C 192 5.13 21.13 -14.18
C VAL C 192 5.13 19.95 -15.17
N GLU C 193 4.35 20.07 -16.25
CA GLU C 193 4.38 19.06 -17.32
C GLU C 193 5.61 19.21 -18.23
N ILE C 194 6.38 20.28 -18.04
CA ILE C 194 7.62 20.49 -18.79
C ILE C 194 8.87 20.34 -17.93
N TRP C 195 8.86 20.95 -16.75
CA TRP C 195 10.07 21.17 -15.96
C TRP C 195 10.12 20.30 -14.70
N HIS C 196 11.18 19.51 -14.61
CA HIS C 196 11.39 18.51 -13.54
C HIS C 196 12.68 18.81 -12.78
N PRO C 197 12.74 18.39 -11.49
CA PRO C 197 14.01 18.57 -10.78
C PRO C 197 15.15 17.90 -11.55
N ASP C 198 16.25 18.61 -11.74
CA ASP C 198 17.40 18.08 -12.49
C ASP C 198 18.28 17.25 -11.54
N PRO C 199 18.32 15.93 -11.71
CA PRO C 199 19.14 15.10 -10.82
C PRO C 199 20.65 15.26 -11.08
N ALA C 200 21.03 15.82 -12.23
CA ALA C 200 22.45 16.01 -12.56
C ALA C 200 23.03 17.26 -11.89
N LYS C 201 22.17 18.07 -11.27
CA LYS C 201 22.63 19.27 -10.58
C LYS C 201 22.06 19.27 -9.15
N ASN C 202 21.51 20.39 -8.71
CA ASN C 202 20.88 20.47 -7.38
C ASN C 202 21.74 19.94 -6.23
N GLU C 203 23.05 20.22 -6.28
CA GLU C 203 23.95 19.82 -5.20
C GLU C 203 23.61 20.56 -3.91
N ASN C 204 23.01 21.74 -4.03
CA ASN C 204 22.76 22.61 -2.87
C ASN C 204 21.26 22.76 -2.57
N THR C 205 20.50 21.77 -3.04
CA THR C 205 19.05 21.69 -2.83
C THR C 205 18.66 20.21 -2.57
N ARG C 206 17.70 20.01 -1.66
CA ARG C 206 17.07 18.70 -1.48
C ARG C 206 15.64 18.77 -2.00
N TYR C 207 15.28 17.84 -2.88
CA TYR C 207 13.90 17.76 -3.37
C TYR C 207 13.32 16.36 -3.18
N PHE C 208 11.99 16.28 -3.07
CA PHE C 208 11.27 15.03 -2.75
C PHE C 208 9.97 15.08 -3.53
N GLY C 209 9.72 14.08 -4.36
CA GLY C 209 8.54 14.11 -5.22
C GLY C 209 7.86 12.78 -5.38
N ASN C 210 6.56 12.82 -5.66
CA ASN C 210 5.87 11.59 -6.08
C ASN C 210 4.72 11.92 -7.02
N TYR C 211 4.39 10.93 -7.83
CA TYR C 211 3.38 11.03 -8.84
C TYR C 211 2.46 9.82 -8.76
N THR C 212 1.15 10.06 -8.81
CA THR C 212 0.17 8.99 -9.00
C THR C 212 -0.76 9.39 -10.14
N GLY C 213 -0.93 8.51 -11.13
CA GLY C 213 -1.69 8.89 -12.33
C GLY C 213 -3.15 8.47 -12.31
N GLY C 214 -3.71 8.26 -13.50
CA GLY C 214 -5.09 7.83 -13.67
C GLY C 214 -6.07 8.98 -13.81
N THR C 215 -7.35 8.65 -13.97
CA THR C 215 -8.39 9.65 -14.23
C THR C 215 -9.37 9.78 -13.07
N THR C 216 -9.70 8.67 -12.43
CA THR C 216 -10.65 8.73 -11.31
C THR C 216 -10.01 8.22 -10.01
N THR C 217 -8.68 8.13 -10.02
CA THR C 217 -7.91 7.68 -8.86
C THR C 217 -8.29 8.45 -7.57
N PRO C 218 -8.56 7.72 -6.47
CA PRO C 218 -8.86 8.43 -5.21
C PRO C 218 -7.64 9.22 -4.71
N PRO C 219 -7.79 10.53 -4.40
CA PRO C 219 -6.63 11.24 -3.91
C PRO C 219 -6.33 10.84 -2.46
N VAL C 220 -5.05 10.79 -2.13
CA VAL C 220 -4.60 10.40 -0.80
CA VAL C 220 -4.65 10.45 -0.77
CA VAL C 220 -4.63 10.43 -0.79
C VAL C 220 -3.68 11.49 -0.24
N LEU C 221 -3.85 11.84 1.03
CA LEU C 221 -2.97 12.82 1.65
C LEU C 221 -2.88 12.57 3.14
N GLN C 222 -1.66 12.68 3.67
CA GLN C 222 -1.45 12.64 5.11
CA GLN C 222 -1.47 12.64 5.10
C GLN C 222 -0.97 14.01 5.55
N PHE C 223 -1.26 14.37 6.80
CA PHE C 223 -0.80 15.65 7.34
C PHE C 223 -0.64 15.56 8.84
N THR C 224 0.48 16.11 9.31
CA THR C 224 0.77 16.10 10.75
C THR C 224 1.80 17.18 11.05
N ASN C 225 1.79 17.70 12.27
CA ASN C 225 2.79 18.68 12.69
C ASN C 225 3.95 18.03 13.44
N THR C 226 4.05 16.71 13.36
CA THR C 226 5.04 15.95 14.15
C THR C 226 6.17 15.35 13.32
N LEU C 227 6.21 15.63 12.02
CA LEU C 227 7.17 15.02 11.10
CA LEU C 227 7.20 15.02 11.16
C LEU C 227 8.24 16.01 10.64
N THR C 228 9.50 15.66 10.84
CA THR C 228 10.60 16.51 10.40
C THR C 228 11.39 15.85 9.26
N THR C 229 11.70 16.63 8.23
CA THR C 229 12.57 16.17 7.16
C THR C 229 13.97 16.74 7.37
N VAL C 230 14.94 15.88 7.64
CA VAL C 230 16.33 16.32 7.82
C VAL C 230 16.89 16.65 6.44
N LEU C 231 17.63 17.76 6.34
CA LEU C 231 18.16 18.24 5.04
C LEU C 231 19.67 18.04 4.91
N LEU C 232 20.29 17.49 5.96
CA LEU C 232 21.73 17.25 5.97
C LEU C 232 22.09 16.19 4.96
N ASP C 233 23.20 16.39 4.25
CA ASP C 233 23.69 15.38 3.31
C ASP C 233 24.47 14.30 4.06
N GLU C 234 25.08 13.38 3.30
CA GLU C 234 25.85 12.27 3.88
C GLU C 234 27.02 12.74 4.75
N ASN C 235 27.42 13.99 4.59
CA ASN C 235 28.52 14.57 5.37
C ASN C 235 28.05 15.43 6.54
N GLY C 236 26.74 15.48 6.75
CA GLY C 236 26.17 16.26 7.85
C GLY C 236 26.00 17.73 7.53
N VAL C 237 25.99 18.06 6.23
CA VAL C 237 25.91 19.45 5.79
C VAL C 237 24.60 19.69 5.04
N GLY C 238 23.83 20.67 5.49
CA GLY C 238 22.58 21.02 4.80
C GLY C 238 22.82 22.04 3.70
N PRO C 239 21.77 22.37 2.93
CA PRO C 239 21.91 23.43 1.92
C PRO C 239 22.50 24.72 2.51
N LEU C 240 23.48 25.29 1.82
CA LEU C 240 24.10 26.54 2.26
C LEU C 240 23.53 27.70 1.45
N CYS C 241 23.01 28.70 2.16
CA CYS C 241 22.26 29.79 1.51
C CYS C 241 23.16 30.88 0.93
N LYS C 242 23.29 30.87 -0.39
CA LYS C 242 24.16 31.82 -1.08
C LYS C 242 23.54 33.21 -0.99
N GLY C 243 24.35 34.19 -0.58
CA GLY C 243 23.87 35.55 -0.33
C GLY C 243 22.69 35.64 0.63
N GLU C 244 22.65 34.72 1.61
CA GLU C 244 21.57 34.65 2.62
C GLU C 244 20.15 34.47 2.03
N GLY C 245 20.07 33.85 0.86
CA GLY C 245 18.77 33.56 0.23
C GLY C 245 18.39 32.09 0.39
N LEU C 246 17.16 31.84 0.84
CA LEU C 246 16.63 30.48 0.98
C LEU C 246 15.49 30.24 -0.01
N TYR C 247 15.61 29.20 -0.82
CA TYR C 247 14.65 28.92 -1.88
C TYR C 247 13.72 27.79 -1.50
N LEU C 248 12.42 28.05 -1.62
CA LEU C 248 11.39 27.06 -1.36
C LEU C 248 10.63 26.84 -2.65
N SER C 249 10.41 25.58 -3.02
CA SER C 249 9.78 25.25 -4.30
C SER C 249 8.76 24.15 -4.07
N CYS C 250 7.59 24.21 -4.72
CA CYS C 250 6.65 23.08 -4.61
C CYS C 250 5.55 23.08 -5.64
N VAL C 251 4.87 21.94 -5.72
CA VAL C 251 3.60 21.80 -6.46
C VAL C 251 2.80 20.69 -5.79
N ASP C 252 1.52 20.93 -5.58
CA ASP C 252 0.68 19.94 -4.92
C ASP C 252 -0.65 19.82 -5.62
N ILE C 253 -0.66 18.98 -6.66
CA ILE C 253 -1.86 18.72 -7.44
C ILE C 253 -2.64 17.56 -6.83
N MET C 254 -3.93 17.78 -6.57
CA MET C 254 -4.82 16.79 -5.93
C MET C 254 -5.67 15.99 -6.93
N GLY C 255 -5.72 16.45 -8.18
CA GLY C 255 -6.55 15.83 -9.23
C GLY C 255 -7.36 16.89 -9.96
N TRP C 256 -8.51 16.49 -10.52
CA TRP C 256 -9.44 17.41 -11.18
C TRP C 256 -10.85 17.30 -10.62
N ARG C 257 -11.59 18.41 -10.64
CA ARG C 257 -13.04 18.37 -10.56
CA ARG C 257 -13.04 18.34 -10.56
C ARG C 257 -13.55 18.34 -12.02
N VAL C 258 -14.74 17.80 -12.22
CA VAL C 258 -15.33 17.64 -13.55
C VAL C 258 -16.70 18.30 -13.54
N THR C 259 -16.96 19.15 -14.52
CA THR C 259 -18.23 19.90 -14.53
C THR C 259 -19.34 19.09 -15.18
N ARG C 260 -20.56 19.64 -15.14
CA ARG C 260 -21.69 19.01 -15.82
C ARG C 260 -21.79 19.41 -17.30
N ASN C 261 -20.80 20.16 -17.79
CA ASN C 261 -20.78 20.64 -19.19
C ASN C 261 -19.66 19.97 -19.97
N TYR C 262 -20.00 18.95 -20.76
CA TYR C 262 -19.02 18.20 -21.55
C TYR C 262 -17.80 17.71 -20.76
N ASP C 263 -18.01 17.33 -19.50
CA ASP C 263 -16.94 16.80 -18.67
C ASP C 263 -15.68 17.67 -18.65
N VAL C 264 -15.84 18.98 -18.66
CA VAL C 264 -14.68 19.89 -18.55
C VAL C 264 -13.98 19.65 -17.21
N HIS C 265 -12.66 19.50 -17.25
CA HIS C 265 -11.85 19.27 -16.05
C HIS C 265 -11.12 20.55 -15.63
N HIS C 266 -11.07 20.76 -14.32
CA HIS C 266 -10.28 21.81 -13.71
C HIS C 266 -9.32 21.15 -12.70
N TRP C 267 -8.02 21.40 -12.88
CA TRP C 267 -7.01 21.00 -11.90
C TRP C 267 -7.31 21.63 -10.53
N ARG C 268 -7.07 20.90 -9.44
CA ARG C 268 -7.12 21.43 -8.07
C ARG C 268 -5.74 21.34 -7.41
N GLY C 269 -5.29 22.45 -6.82
CA GLY C 269 -4.03 22.46 -6.05
C GLY C 269 -4.30 22.91 -4.63
N LEU C 270 -3.39 22.56 -3.71
CA LEU C 270 -3.50 22.98 -2.31
C LEU C 270 -2.20 23.67 -1.87
N PRO C 271 -2.30 24.59 -0.89
CA PRO C 271 -1.11 25.28 -0.42
C PRO C 271 -0.22 24.38 0.45
N ARG C 272 1.06 24.73 0.51
CA ARG C 272 2.04 24.00 1.28
C ARG C 272 2.72 24.93 2.29
N TYR C 273 2.76 24.48 3.54
CA TYR C 273 3.45 25.17 4.64
C TYR C 273 4.88 24.66 4.78
N PHE C 274 5.81 25.54 5.15
CA PHE C 274 7.20 25.16 5.38
C PHE C 274 7.63 25.82 6.68
N LYS C 275 8.33 25.07 7.52
CA LYS C 275 9.04 25.67 8.65
C LYS C 275 10.45 25.13 8.63
N ILE C 276 11.40 26.01 8.31
CA ILE C 276 12.80 25.62 8.11
C ILE C 276 13.62 26.03 9.32
N THR C 277 14.42 25.09 9.83
CA THR C 277 15.39 25.38 10.86
C THR C 277 16.76 25.58 10.22
N LEU C 278 17.41 26.69 10.58
CA LEU C 278 18.72 27.02 10.00
C LEU C 278 19.73 27.33 11.10
N ARG C 279 21.00 27.05 10.83
CA ARG C 279 22.08 27.31 11.77
C ARG C 279 23.24 27.97 11.04
N LYS C 280 24.02 28.76 11.77
CA LYS C 280 25.18 29.40 11.18
C LYS C 280 26.33 28.41 11.07
N ARG C 281 27.04 28.48 9.95
CA ARG C 281 28.12 27.56 9.64
C ARG C 281 29.36 28.37 9.24
N TRP C 282 30.50 28.08 9.85
CA TRP C 282 31.78 28.69 9.41
C TRP C 282 32.17 28.09 8.06
N VAL C 283 32.57 28.96 7.12
CA VAL C 283 33.05 28.52 5.79
C VAL C 283 34.32 29.29 5.36
N LYS C 284 35.13 28.68 4.49
N LYS C 284 35.11 28.67 4.49
CA LYS C 284 36.35 29.31 3.99
CA LYS C 284 36.31 29.29 3.92
C LYS C 284 36.43 29.27 2.46
C LYS C 284 36.59 28.75 2.52
N GLY D 1 5.13 29.47 32.91
CA GLY D 1 4.74 28.36 32.01
C GLY D 1 5.74 28.06 30.90
N MET D 2 6.57 29.05 30.56
CA MET D 2 7.47 28.98 29.41
C MET D 2 8.65 28.02 29.54
N GLU D 3 9.51 28.24 30.53
CA GLU D 3 10.73 27.43 30.69
C GLU D 3 10.47 26.06 31.32
N VAL D 4 10.77 25.00 30.56
CA VAL D 4 10.44 23.62 30.95
C VAL D 4 11.59 22.97 31.73
N LEU D 5 11.30 22.50 32.94
CA LEU D 5 12.36 21.96 33.83
C LEU D 5 12.25 20.43 34.01
N ASP D 6 12.59 19.93 35.20
CA ASP D 6 12.52 18.49 35.53
C ASP D 6 11.09 17.95 35.62
N LEU D 7 10.96 16.62 35.47
CA LEU D 7 9.72 15.92 35.75
C LEU D 7 9.50 15.93 37.26
N VAL D 8 8.25 16.06 37.68
CA VAL D 8 7.87 15.96 39.09
C VAL D 8 7.79 14.48 39.48
N THR D 9 8.36 14.14 40.63
CA THR D 9 8.24 12.76 41.14
C THR D 9 7.40 12.73 42.41
N GLY D 10 7.00 11.53 42.83
CA GLY D 10 6.21 11.36 44.03
C GLY D 10 4.80 10.86 43.77
N PRO D 11 3.99 10.73 44.84
CA PRO D 11 2.66 10.14 44.75
C PRO D 11 1.77 10.94 43.82
N ASP D 12 1.06 10.23 42.94
CA ASP D 12 0.11 10.83 42.00
C ASP D 12 0.75 11.84 41.03
N SER D 13 2.01 11.62 40.68
CA SER D 13 2.69 12.50 39.73
C SER D 13 2.42 12.12 38.29
N VAL D 14 1.94 10.89 38.06
CA VAL D 14 1.52 10.43 36.75
C VAL D 14 0.05 10.02 36.84
N THR D 15 -0.71 10.32 35.78
CA THR D 15 -2.11 9.96 35.75
C THR D 15 -2.53 9.52 34.35
N GLU D 16 -3.63 8.77 34.27
CA GLU D 16 -4.22 8.37 32.99
C GLU D 16 -5.67 8.78 32.95
N ILE D 17 -6.07 9.44 31.88
CA ILE D 17 -7.49 9.77 31.74
CA ILE D 17 -7.47 9.86 31.70
C ILE D 17 -8.01 9.29 30.39
N GLU D 18 -9.28 8.91 30.39
CA GLU D 18 -9.85 8.38 29.18
C GLU D 18 -11.12 9.12 28.82
N ALA D 19 -11.43 9.13 27.53
CA ALA D 19 -12.64 9.73 27.03
C ALA D 19 -12.98 9.13 25.67
N PHE D 20 -14.27 9.13 25.36
CA PHE D 20 -14.77 8.82 24.02
CA PHE D 20 -14.71 8.85 24.00
C PHE D 20 -15.36 10.10 23.42
N LEU D 21 -15.10 10.36 22.15
CA LEU D 21 -15.78 11.46 21.47
C LEU D 21 -16.68 10.86 20.40
N ASN D 22 -17.99 11.07 20.53
CA ASN D 22 -18.93 10.62 19.49
C ASN D 22 -18.85 11.48 18.22
N PRO D 23 -19.08 10.87 17.03
CA PRO D 23 -18.97 11.60 15.77
C PRO D 23 -20.05 12.67 15.64
N ARG D 24 -19.76 13.70 14.83
CA ARG D 24 -20.70 14.81 14.60
C ARG D 24 -20.93 14.97 13.08
N MET D 25 -21.67 14.02 12.52
CA MET D 25 -21.83 13.91 11.07
C MET D 25 -22.93 14.81 10.52
N GLY D 26 -23.79 15.32 11.40
CA GLY D 26 -24.85 16.23 10.93
C GLY D 26 -26.13 16.14 11.73
N GLN D 27 -26.60 14.92 12.00
CA GLN D 27 -27.74 14.76 12.89
C GLN D 27 -27.26 14.89 14.32
N PRO D 28 -27.86 15.81 15.11
CA PRO D 28 -27.52 15.95 16.53
C PRO D 28 -27.98 14.73 17.35
N PRO D 29 -27.49 14.57 18.59
CA PRO D 29 -27.88 13.44 19.43
C PRO D 29 -29.38 13.37 19.75
N THR D 30 -30.06 14.52 19.75
CA THR D 30 -31.50 14.58 19.99
C THR D 30 -32.16 15.20 18.75
N PRO D 31 -33.44 14.87 18.47
CA PRO D 31 -34.31 14.00 19.26
C PRO D 31 -33.83 12.55 19.26
N GLU D 32 -34.10 11.85 20.36
CA GLU D 32 -33.67 10.46 20.52
C GLU D 32 -34.60 9.48 19.79
N SER D 33 -35.84 9.89 19.54
CA SER D 33 -36.82 9.03 18.86
C SER D 33 -36.30 8.46 17.55
N LEU D 34 -36.51 7.15 17.37
CA LEU D 34 -36.01 6.47 16.17
C LEU D 34 -36.97 6.62 14.99
N THR D 35 -38.03 7.41 15.18
CA THR D 35 -38.90 7.78 14.08
C THR D 35 -38.85 9.28 13.77
N GLU D 36 -38.31 10.08 14.70
CA GLU D 36 -38.34 11.54 14.55
C GLU D 36 -37.01 12.16 14.12
N GLY D 37 -36.05 11.30 13.77
CA GLY D 37 -34.76 11.78 13.31
C GLY D 37 -33.57 11.17 14.02
N GLY D 38 -33.80 10.63 15.23
CA GLY D 38 -32.75 9.94 15.98
C GLY D 38 -32.14 8.74 15.25
N GLN D 39 -32.90 8.15 14.33
CA GLN D 39 -32.39 7.05 13.50
C GLN D 39 -31.19 7.45 12.63
N TYR D 40 -31.00 8.76 12.43
CA TYR D 40 -29.82 9.27 11.70
C TYR D 40 -28.60 9.57 12.57
N TYR D 41 -28.72 9.42 13.89
CA TYR D 41 -27.59 9.76 14.76
C TYR D 41 -26.40 8.81 14.49
N GLY D 42 -25.23 9.40 14.25
CA GLY D 42 -24.06 8.67 13.76
C GLY D 42 -23.86 8.94 12.28
N TRP D 43 -24.84 9.60 11.67
CA TRP D 43 -24.86 9.85 10.23
C TRP D 43 -25.18 11.32 9.97
N SER D 44 -24.97 11.77 8.74
CA SER D 44 -25.52 13.05 8.31
C SER D 44 -26.95 12.80 7.87
N ARG D 45 -27.71 13.88 7.67
CA ARG D 45 -28.94 13.80 6.89
C ARG D 45 -28.57 13.81 5.39
N GLY D 46 -29.55 13.57 4.53
CA GLY D 46 -29.31 13.39 3.12
C GLY D 46 -28.63 14.58 2.48
N ILE D 47 -27.49 14.33 1.83
CA ILE D 47 -26.68 15.40 1.24
C ILE D 47 -27.48 16.09 0.12
N ASN D 48 -27.63 17.40 0.22
CA ASN D 48 -28.39 18.16 -0.80
C ASN D 48 -27.41 18.92 -1.68
N LEU D 49 -27.70 18.94 -2.97
CA LEU D 49 -26.74 19.47 -3.95
C LEU D 49 -27.09 20.88 -4.41
N ALA D 50 -26.06 21.61 -4.82
CA ALA D 50 -26.23 22.91 -5.49
C ALA D 50 -27.21 22.77 -6.66
N THR D 51 -27.93 23.85 -6.96
CA THR D 51 -28.88 23.85 -8.07
C THR D 51 -28.32 24.56 -9.30
N SER D 52 -27.18 25.23 -9.15
CA SER D 52 -26.49 25.87 -10.27
C SER D 52 -25.07 26.17 -9.81
N ASP D 53 -24.25 26.70 -10.73
CA ASP D 53 -22.88 27.10 -10.41
C ASP D 53 -22.82 28.23 -9.34
N THR D 54 -23.93 28.92 -9.13
CA THR D 54 -23.95 30.07 -8.21
C THR D 54 -24.93 29.88 -7.07
N GLU D 55 -25.45 28.66 -6.91
CA GLU D 55 -26.44 28.38 -5.87
C GLU D 55 -26.14 27.06 -5.14
N ASP D 56 -25.19 27.15 -4.20
CA ASP D 56 -24.77 26.03 -3.40
C ASP D 56 -25.10 26.31 -1.93
N SER D 57 -26.23 25.79 -1.44
CA SER D 57 -26.65 26.04 -0.07
C SER D 57 -26.81 24.74 0.74
N PRO D 58 -25.70 24.19 1.25
CA PRO D 58 -25.80 22.91 1.97
C PRO D 58 -26.54 23.07 3.29
N GLY D 59 -27.39 22.09 3.64
CA GLY D 59 -28.01 22.11 4.97
C GLY D 59 -26.96 21.86 6.04
N ASN D 60 -27.12 22.48 7.21
CA ASN D 60 -26.22 22.26 8.35
C ASN D 60 -26.10 20.77 8.73
N ASN D 61 -27.23 20.06 8.71
CA ASN D 61 -27.22 18.63 9.09
C ASN D 61 -26.67 17.69 8.01
N THR D 62 -26.13 18.25 6.93
CA THR D 62 -25.46 17.48 5.87
C THR D 62 -23.93 17.68 5.96
N LEU D 63 -23.48 18.52 6.89
CA LEU D 63 -22.05 18.87 7.00
C LEU D 63 -21.38 18.29 8.25
N PRO D 64 -20.48 17.30 8.09
CA PRO D 64 -19.74 16.81 9.25
C PRO D 64 -18.90 17.92 9.87
N THR D 65 -18.88 17.94 11.20
CA THR D 65 -18.12 18.94 11.96
C THR D 65 -17.12 18.26 12.89
N TRP D 66 -16.14 19.02 13.37
CA TRP D 66 -15.15 18.52 14.31
C TRP D 66 -15.79 18.09 15.63
N SER D 67 -15.35 16.96 16.16
CA SER D 67 -15.64 16.61 17.55
C SER D 67 -14.57 17.21 18.43
N MET D 68 -14.96 17.68 19.62
CA MET D 68 -13.96 18.13 20.58
C MET D 68 -14.45 18.00 22.00
N ALA D 69 -13.51 17.86 22.91
CA ALA D 69 -13.81 17.89 24.33
C ALA D 69 -12.66 18.54 25.07
N LYS D 70 -12.99 19.24 26.15
CA LYS D 70 -11.98 19.78 27.03
C LYS D 70 -12.13 19.05 28.35
N LEU D 71 -11.04 18.41 28.79
CA LEU D 71 -11.03 17.71 30.06
C LEU D 71 -10.30 18.53 31.10
N GLN D 72 -10.91 18.69 32.27
CA GLN D 72 -10.28 19.46 33.35
C GLN D 72 -9.49 18.48 34.24
N LEU D 73 -8.19 18.76 34.39
CA LEU D 73 -7.30 17.90 35.15
C LEU D 73 -7.17 18.41 36.58
N PRO D 74 -6.68 17.58 37.52
CA PRO D 74 -6.54 18.05 38.92
C PRO D 74 -5.65 19.30 39.03
N MET D 75 -6.08 20.28 39.81
CA MET D 75 -5.37 21.55 39.95
C MET D 75 -4.01 21.33 40.62
N LEU D 76 -2.97 22.02 40.15
CA LEU D 76 -1.60 21.78 40.64
C LEU D 76 -1.01 22.90 41.47
N ASN D 77 -1.33 24.13 41.13
CA ASN D 77 -0.67 25.27 41.78
C ASN D 77 -1.65 26.10 42.57
N GLU D 78 -1.55 26.00 43.90
CA GLU D 78 -2.33 26.84 44.81
C GLU D 78 -2.00 28.33 44.61
N ASP D 79 -0.77 28.61 44.19
CA ASP D 79 -0.31 29.99 44.04
C ASP D 79 0.52 30.15 42.76
N LEU D 80 -0.06 30.86 41.78
CA LEU D 80 0.58 31.06 40.47
CA LEU D 80 0.59 31.06 40.47
C LEU D 80 1.75 32.06 40.47
N THR D 81 2.04 32.67 41.62
CA THR D 81 3.18 33.60 41.71
C THR D 81 4.48 32.93 42.16
N CYS D 82 4.43 31.62 42.44
CA CYS D 82 5.65 30.89 42.83
C CYS D 82 6.65 30.92 41.67
N ASP D 83 7.95 31.07 41.95
CA ASP D 83 8.92 31.15 40.85
CA ASP D 83 8.97 31.13 40.88
C ASP D 83 8.98 29.86 40.04
N THR D 84 8.73 28.71 40.68
CA THR D 84 8.59 27.43 39.96
C THR D 84 7.19 26.84 40.14
N LEU D 85 6.58 26.42 39.03
CA LEU D 85 5.22 25.88 39.05
C LEU D 85 5.22 24.46 38.48
N GLN D 86 4.05 23.82 38.55
CA GLN D 86 3.82 22.54 37.88
C GLN D 86 2.73 22.64 36.81
N MET D 87 2.91 21.86 35.75
CA MET D 87 1.88 21.71 34.73
C MET D 87 1.72 20.24 34.37
N TRP D 88 0.51 19.86 34.00
CA TRP D 88 0.28 18.55 33.40
C TRP D 88 0.84 18.51 31.99
N GLU D 89 1.60 17.45 31.70
CA GLU D 89 2.21 17.24 30.41
C GLU D 89 1.65 15.95 29.80
N ALA D 90 1.01 16.05 28.64
CA ALA D 90 0.52 14.87 27.90
C ALA D 90 1.71 14.16 27.24
N VAL D 91 1.97 12.94 27.68
CA VAL D 91 3.17 12.18 27.29
C VAL D 91 2.88 11.33 26.05
N SER D 92 1.72 10.68 26.08
CA SER D 92 1.36 9.73 25.05
C SER D 92 -0.14 9.52 25.08
N VAL D 93 -0.67 8.95 23.99
CA VAL D 93 -2.09 8.63 23.91
C VAL D 93 -2.28 7.28 23.20
N LYS D 94 -3.18 6.46 23.75
CA LYS D 94 -3.71 5.33 22.98
C LYS D 94 -5.06 5.75 22.44
N THR D 95 -5.19 5.72 21.12
CA THR D 95 -6.42 6.16 20.51
C THR D 95 -6.95 5.12 19.52
N GLU D 96 -8.27 5.02 19.41
CA GLU D 96 -8.89 3.94 18.67
C GLU D 96 -10.23 4.39 18.14
N VAL D 97 -10.46 4.09 16.86
CA VAL D 97 -11.76 4.34 16.23
C VAL D 97 -12.56 3.05 16.38
N VAL D 98 -13.71 3.15 17.03
CA VAL D 98 -14.47 1.98 17.44
C VAL D 98 -15.67 1.77 16.52
N GLY D 99 -15.89 0.52 16.13
CA GLY D 99 -17.15 0.12 15.51
C GLY D 99 -17.11 -0.18 14.03
N SER D 100 -15.90 -0.30 13.46
CA SER D 100 -15.79 -0.61 12.02
C SER D 100 -16.53 -1.89 11.66
N GLY D 101 -16.54 -2.86 12.58
CA GLY D 101 -17.30 -4.11 12.37
C GLY D 101 -18.77 -3.88 12.04
N SER D 102 -19.34 -2.77 12.48
CA SER D 102 -20.76 -2.48 12.19
C SER D 102 -21.00 -2.22 10.69
N LEU D 103 -19.93 -1.91 9.96
CA LEU D 103 -20.04 -1.68 8.50
C LEU D 103 -20.27 -2.99 7.75
N LEU D 104 -20.10 -4.10 8.46
CA LEU D 104 -20.40 -5.44 7.92
C LEU D 104 -21.93 -5.73 7.86
N ASP D 105 -22.74 -4.81 8.36
CA ASP D 105 -24.18 -4.88 8.11
C ASP D 105 -24.47 -4.55 6.64
N VAL D 106 -24.68 -5.59 5.83
CA VAL D 106 -25.07 -5.42 4.43
C VAL D 106 -26.45 -6.06 4.21
N HIS D 107 -27.27 -6.03 5.26
CA HIS D 107 -28.61 -6.63 5.18
C HIS D 107 -29.74 -5.59 5.26
N GLY D 108 -29.38 -4.31 5.28
CA GLY D 108 -30.38 -3.23 5.41
C GLY D 108 -31.03 -2.85 4.10
N PHE D 109 -31.49 -1.60 4.03
CA PHE D 109 -32.33 -1.13 2.92
C PHE D 109 -31.61 -0.07 2.08
N ASN D 110 -30.27 -0.13 2.03
CA ASN D 110 -29.53 0.78 1.15
C ASN D 110 -29.74 0.38 -0.31
N LYS D 111 -29.24 1.19 -1.23
CA LYS D 111 -29.23 0.80 -2.63
C LYS D 111 -28.65 -0.62 -2.72
N PRO D 112 -29.34 -1.55 -3.41
CA PRO D 112 -28.83 -2.91 -3.43
C PRO D 112 -27.84 -3.12 -4.57
N THR D 113 -27.04 -4.18 -4.50
CA THR D 113 -26.03 -4.44 -5.53
C THR D 113 -26.61 -5.05 -6.80
N ASP D 114 -27.76 -5.71 -6.72
CA ASP D 114 -28.45 -6.18 -7.92
C ASP D 114 -29.62 -5.21 -8.16
N THR D 115 -29.42 -4.24 -9.04
CA THR D 115 -30.44 -3.21 -9.29
C THR D 115 -31.48 -3.68 -10.28
N VAL D 116 -31.17 -4.74 -11.04
CA VAL D 116 -32.17 -5.30 -11.95
C VAL D 116 -33.32 -5.91 -11.15
N ASN D 117 -32.98 -6.71 -10.13
CA ASN D 117 -33.96 -7.47 -9.39
C ASN D 117 -34.26 -6.91 -8.01
N THR D 118 -33.51 -5.88 -7.61
CA THR D 118 -33.52 -5.33 -6.26
C THR D 118 -33.17 -6.45 -5.26
N LYS D 119 -31.96 -6.98 -5.41
CA LYS D 119 -31.48 -8.13 -4.64
C LYS D 119 -29.98 -7.97 -4.39
N GLY D 120 -29.29 -9.06 -4.10
CA GLY D 120 -27.86 -8.95 -3.80
C GLY D 120 -27.71 -8.58 -2.33
N ILE D 121 -26.90 -7.57 -2.02
CA ILE D 121 -26.74 -7.09 -0.65
C ILE D 121 -27.02 -5.60 -0.61
N SER D 122 -27.29 -5.11 0.59
CA SER D 122 -27.37 -3.68 0.87
C SER D 122 -25.96 -3.10 0.78
N THR D 123 -25.75 -2.18 -0.17
CA THR D 123 -24.41 -1.66 -0.43
C THR D 123 -23.81 -1.08 0.84
N PRO D 124 -22.61 -1.55 1.24
CA PRO D 124 -22.00 -1.03 2.46
C PRO D 124 -21.45 0.38 2.27
N VAL D 125 -21.15 1.03 3.38
CA VAL D 125 -20.54 2.35 3.42
C VAL D 125 -19.26 2.34 2.58
N GLU D 126 -19.11 3.32 1.67
CA GLU D 126 -17.96 3.42 0.78
C GLU D 126 -17.65 4.88 0.53
N GLY D 127 -16.47 5.15 0.00
CA GLY D 127 -16.17 6.48 -0.52
C GLY D 127 -15.10 7.21 0.25
N SER D 128 -15.26 8.53 0.31
CA SER D 128 -14.26 9.42 0.89
C SER D 128 -14.18 9.23 2.42
N GLN D 129 -12.95 9.18 2.92
CA GLN D 129 -12.67 8.91 4.32
C GLN D 129 -11.73 9.97 4.86
N TYR D 130 -11.91 10.30 6.13
CA TYR D 130 -11.15 11.39 6.73
C TYR D 130 -10.98 11.08 8.21
N HIS D 131 -9.73 10.96 8.64
CA HIS D 131 -9.43 10.62 10.04
C HIS D 131 -8.39 11.58 10.57
N VAL D 132 -8.78 12.36 11.57
CA VAL D 132 -7.84 13.27 12.23
C VAL D 132 -8.08 13.17 13.72
N PHE D 133 -7.01 13.19 14.49
CA PHE D 133 -7.13 13.39 15.93
C PHE D 133 -6.02 14.31 16.39
N ALA D 134 -6.28 15.01 17.49
CA ALA D 134 -5.32 15.92 18.09
C ALA D 134 -5.43 15.83 19.61
N VAL D 135 -4.31 16.06 20.28
CA VAL D 135 -4.24 16.18 21.73
C VAL D 135 -3.36 17.39 21.99
N GLY D 136 -3.85 18.31 22.79
CA GLY D 136 -3.09 19.52 23.09
C GLY D 136 -3.47 20.17 24.40
N GLY D 137 -2.71 21.19 24.78
CA GLY D 137 -2.90 21.87 26.05
C GLY D 137 -3.72 23.15 25.93
N GLU D 138 -4.29 23.36 24.75
CA GLU D 138 -5.15 24.52 24.44
C GLU D 138 -5.96 24.14 23.19
N PRO D 139 -6.97 24.94 22.81
CA PRO D 139 -7.77 24.52 21.65
C PRO D 139 -6.92 24.30 20.39
N LEU D 140 -7.35 23.36 19.55
CA LEU D 140 -6.74 23.19 18.24
C LEU D 140 -6.88 24.48 17.40
N ASP D 141 -5.77 24.98 16.88
CA ASP D 141 -5.80 26.14 15.99
C ASP D 141 -6.23 25.69 14.61
N LEU D 142 -7.19 26.43 14.04
CA LEU D 142 -7.80 26.09 12.76
C LEU D 142 -7.47 27.12 11.67
N GLN D 143 -7.22 26.62 10.47
CA GLN D 143 -7.03 27.45 9.30
C GLN D 143 -8.15 27.13 8.32
N GLY D 144 -8.85 28.16 7.87
CA GLY D 144 -9.94 28.00 6.91
C GLY D 144 -9.42 27.81 5.50
N LEU D 145 -10.09 26.93 4.75
CA LEU D 145 -9.83 26.76 3.31
C LEU D 145 -11.01 25.96 2.75
N VAL D 146 -11.68 26.51 1.74
CA VAL D 146 -12.87 25.90 1.16
C VAL D 146 -12.71 25.54 -0.31
N THR D 147 -13.57 24.64 -0.78
CA THR D 147 -13.69 24.35 -2.20
C THR D 147 -14.14 25.60 -2.98
N ASP D 148 -15.13 26.30 -2.46
CA ASP D 148 -15.80 27.35 -3.22
C ASP D 148 -16.17 28.51 -2.30
N ALA D 149 -15.52 29.65 -2.49
CA ALA D 149 -15.79 30.83 -1.65
C ALA D 149 -17.23 31.37 -1.85
N ARG D 150 -17.92 30.85 -2.86
CA ARG D 150 -19.32 31.27 -3.14
C ARG D 150 -20.35 30.43 -2.39
N THR D 151 -19.90 29.33 -1.77
CA THR D 151 -20.82 28.44 -1.03
C THR D 151 -21.60 29.22 0.00
N LYS D 152 -22.93 29.08 -0.02
CA LYS D 152 -23.81 29.84 0.85
C LYS D 152 -24.09 29.03 2.13
N TYR D 153 -23.09 28.95 3.01
CA TYR D 153 -23.28 28.28 4.30
C TYR D 153 -24.28 29.05 5.13
N LYS D 154 -25.13 28.34 5.88
CA LYS D 154 -26.04 29.00 6.82
C LYS D 154 -25.25 29.91 7.77
N GLU D 155 -25.85 31.03 8.18
CA GLU D 155 -25.21 31.93 9.14
C GLU D 155 -25.38 31.44 10.58
N GLU D 156 -26.50 30.78 10.84
CA GLU D 156 -26.76 30.21 12.16
C GLU D 156 -26.60 28.70 12.11
N GLY D 157 -25.97 28.14 13.14
CA GLY D 157 -25.91 26.69 13.30
C GLY D 157 -24.57 26.03 12.98
N VAL D 158 -23.68 26.76 12.29
CA VAL D 158 -22.31 26.30 11.99
C VAL D 158 -21.37 27.50 12.12
N VAL D 159 -20.14 27.26 12.56
CA VAL D 159 -19.14 28.32 12.60
C VAL D 159 -18.36 28.26 11.30
N THR D 160 -18.48 29.31 10.48
CA THR D 160 -17.81 29.31 9.16
C THR D 160 -16.87 30.51 9.07
N ILE D 161 -16.20 30.72 7.93
CA ILE D 161 -15.25 31.84 7.83
C ILE D 161 -15.94 33.18 8.12
N LYS D 162 -17.12 33.37 7.53
CA LYS D 162 -17.90 34.59 7.73
C LYS D 162 -18.24 34.82 9.21
N THR D 163 -18.48 33.74 9.95
CA THR D 163 -18.74 33.84 11.39
C THR D 163 -17.59 34.61 12.05
N ILE D 164 -16.37 34.30 11.61
CA ILE D 164 -15.16 34.85 12.22
C ILE D 164 -14.89 36.26 11.69
N THR D 165 -14.89 36.42 10.37
CA THR D 165 -14.48 37.69 9.77
C THR D 165 -15.58 38.74 9.75
N LYS D 166 -16.83 38.29 9.85
CA LYS D 166 -18.02 39.15 9.71
C LYS D 166 -18.22 39.65 8.26
N LYS D 167 -17.47 39.06 7.33
CA LYS D 167 -17.55 39.41 5.90
CA LYS D 167 -17.57 39.40 5.90
C LYS D 167 -17.67 38.15 5.05
N ASP D 168 -18.19 38.30 3.83
CA ASP D 168 -18.26 37.18 2.91
C ASP D 168 -16.85 36.65 2.63
N MET D 169 -16.77 35.37 2.31
CA MET D 169 -15.52 34.76 1.90
C MET D 169 -14.97 35.45 0.66
N VAL D 170 -13.65 35.42 0.51
CA VAL D 170 -12.98 35.99 -0.65
C VAL D 170 -12.34 34.87 -1.48
N ASN D 171 -11.90 35.18 -2.70
CA ASN D 171 -11.35 34.10 -3.54
C ASN D 171 -10.11 33.43 -2.92
N LYS D 172 -9.37 34.20 -2.12
CA LYS D 172 -8.21 33.68 -1.39
C LYS D 172 -8.57 32.57 -0.37
N ASP D 173 -9.85 32.48 0.03
CA ASP D 173 -10.27 31.42 0.97
C ASP D 173 -10.31 30.03 0.33
N GLN D 174 -10.13 30.00 -0.99
CA GLN D 174 -10.00 28.73 -1.73
C GLN D 174 -8.54 28.24 -1.71
N VAL D 175 -7.64 29.12 -1.29
CA VAL D 175 -6.25 28.71 -1.02
C VAL D 175 -5.96 29.08 0.44
N LEU D 176 -4.71 29.42 0.77
CA LEU D 176 -4.35 29.80 2.14
CA LEU D 176 -4.40 29.79 2.16
C LEU D 176 -4.51 31.29 2.35
N ASN D 177 -5.54 31.68 3.10
CA ASN D 177 -5.74 33.07 3.48
C ASN D 177 -5.54 33.17 4.98
N PRO D 178 -4.40 33.76 5.43
CA PRO D 178 -4.09 33.71 6.86
C PRO D 178 -5.06 34.53 7.74
N ILE D 179 -5.92 35.34 7.12
CA ILE D 179 -6.96 36.04 7.87
C ILE D 179 -8.01 35.03 8.39
N SER D 180 -8.22 33.95 7.65
CA SER D 180 -9.32 33.04 7.97
C SER D 180 -8.89 31.97 8.98
N LYS D 181 -8.82 32.36 10.25
CA LYS D 181 -8.37 31.47 11.31
C LYS D 181 -9.39 31.42 12.42
N ALA D 182 -9.38 30.32 13.17
CA ALA D 182 -10.27 30.14 14.31
C ALA D 182 -9.65 29.15 15.28
N LYS D 183 -10.35 28.90 16.38
CA LYS D 183 -9.94 27.88 17.34
C LYS D 183 -11.07 26.89 17.53
N LEU D 184 -10.74 25.61 17.66
CA LEU D 184 -11.74 24.57 17.86
C LEU D 184 -12.19 24.59 19.32
N ASP D 185 -13.17 25.44 19.62
CA ASP D 185 -13.57 25.67 20.99
C ASP D 185 -14.97 25.16 21.29
N LYS D 186 -15.59 24.51 20.31
CA LYS D 186 -16.94 23.97 20.49
C LYS D 186 -17.12 22.71 19.67
N ASP D 187 -17.78 21.72 20.27
CA ASP D 187 -18.06 20.42 19.63
C ASP D 187 -19.21 20.56 18.62
N GLY D 188 -19.11 19.87 17.49
CA GLY D 188 -20.24 19.77 16.55
C GLY D 188 -20.65 21.07 15.87
N MET D 189 -19.68 21.97 15.66
CA MET D 189 -19.97 23.31 15.11
C MET D 189 -19.07 23.73 13.95
N TYR D 190 -17.83 23.25 13.92
CA TYR D 190 -16.87 23.66 12.88
C TYR D 190 -16.82 22.63 11.73
N PRO D 191 -17.34 23.00 10.54
CA PRO D 191 -17.33 22.02 9.45
C PRO D 191 -15.94 21.62 9.00
N VAL D 192 -15.75 20.30 8.81
CA VAL D 192 -14.42 19.80 8.44
C VAL D 192 -14.07 20.08 6.96
N GLU D 193 -15.06 20.45 6.14
CA GLU D 193 -14.76 20.90 4.77
C GLU D 193 -14.32 22.37 4.73
N ILE D 194 -14.34 23.03 5.88
CA ILE D 194 -13.91 24.44 5.99
C ILE D 194 -12.63 24.60 6.82
N TRP D 195 -12.58 23.90 7.95
CA TRP D 195 -11.59 24.17 8.99
C TRP D 195 -10.55 23.04 9.14
N HIS D 196 -9.29 23.40 8.97
CA HIS D 196 -8.16 22.46 8.96
C HIS D 196 -7.19 22.82 10.07
N PRO D 197 -6.43 21.83 10.60
CA PRO D 197 -5.41 22.16 11.57
C PRO D 197 -4.45 23.20 10.98
N ASP D 198 -4.17 24.25 11.74
CA ASP D 198 -3.28 25.32 11.29
C ASP D 198 -1.80 24.97 11.56
N PRO D 199 -1.03 24.70 10.48
CA PRO D 199 0.35 24.27 10.70
C PRO D 199 1.26 25.41 11.17
N ALA D 200 0.78 26.65 11.02
CA ALA D 200 1.55 27.84 11.44
C ALA D 200 1.40 28.11 12.93
N LYS D 201 0.47 27.43 13.58
CA LYS D 201 0.35 27.56 15.02
C LYS D 201 0.44 26.17 15.66
N ASN D 202 -0.46 25.84 16.58
CA ASN D 202 -0.48 24.51 17.20
C ASN D 202 0.86 24.07 17.80
N GLU D 203 1.60 25.00 18.39
CA GLU D 203 2.88 24.67 19.03
C GLU D 203 2.68 23.74 20.23
N ASN D 204 1.50 23.81 20.84
CA ASN D 204 1.19 23.11 22.08
C ASN D 204 0.13 22.00 21.86
N THR D 205 0.05 21.53 20.62
CA THR D 205 -0.89 20.46 20.23
C THR D 205 -0.17 19.55 19.25
N ARG D 206 -0.43 18.24 19.31
CA ARG D 206 -0.02 17.33 18.24
C ARG D 206 -1.25 16.85 17.48
N TYR D 207 -1.23 16.96 16.16
CA TYR D 207 -2.33 16.44 15.34
C TYR D 207 -1.83 15.49 14.27
N PHE D 208 -2.71 14.58 13.85
CA PHE D 208 -2.35 13.52 12.91
C PHE D 208 -3.56 13.30 12.05
N GLY D 209 -3.40 13.46 10.73
CA GLY D 209 -4.55 13.36 9.83
C GLY D 209 -4.28 12.60 8.55
N ASN D 210 -5.33 12.02 8.00
CA ASN D 210 -5.24 11.48 6.65
C ASN D 210 -6.55 11.56 5.91
N TYR D 211 -6.45 11.65 4.59
CA TYR D 211 -7.60 11.79 3.71
C TYR D 211 -7.47 10.76 2.60
N THR D 212 -8.58 10.10 2.28
CA THR D 212 -8.66 9.23 1.11
C THR D 212 -9.96 9.58 0.40
N GLY D 213 -9.87 9.94 -0.88
CA GLY D 213 -11.05 10.40 -1.62
C GLY D 213 -11.80 9.33 -2.38
N GLY D 214 -12.47 9.74 -3.47
CA GLY D 214 -13.25 8.83 -4.32
C GLY D 214 -14.70 8.71 -3.90
N THR D 215 -15.48 7.93 -4.66
CA THR D 215 -16.90 7.80 -4.40
C THR D 215 -17.30 6.41 -3.91
N THR D 216 -16.59 5.38 -4.38
CA THR D 216 -16.94 4.00 -3.97
C THR D 216 -15.73 3.31 -3.34
N THR D 217 -14.73 4.10 -2.94
CA THR D 217 -13.50 3.60 -2.36
C THR D 217 -13.77 2.72 -1.13
N PRO D 218 -13.13 1.54 -1.06
CA PRO D 218 -13.34 0.67 0.11
C PRO D 218 -12.78 1.36 1.38
N PRO D 219 -13.57 1.45 2.44
CA PRO D 219 -13.06 2.03 3.68
C PRO D 219 -12.10 1.07 4.33
N VAL D 220 -11.07 1.60 4.98
CA VAL D 220 -10.03 0.79 5.61
C VAL D 220 -9.84 1.33 7.03
N LEU D 221 -9.71 0.43 8.01
CA LEU D 221 -9.47 0.85 9.38
C LEU D 221 -8.72 -0.24 10.14
N GLN D 222 -7.78 0.18 10.98
CA GLN D 222 -7.06 -0.70 11.90
CA GLN D 222 -7.10 -0.73 11.89
C GLN D 222 -7.40 -0.33 13.33
N PHE D 223 -7.37 -1.30 14.23
CA PHE D 223 -7.64 -1.03 15.66
C PHE D 223 -6.91 -2.06 16.50
N THR D 224 -6.33 -1.60 17.61
CA THR D 224 -5.65 -2.46 18.57
C THR D 224 -5.55 -1.70 19.89
N ASN D 225 -5.42 -2.41 21.01
CA ASN D 225 -5.16 -1.74 22.28
C ASN D 225 -3.67 -1.72 22.65
N THR D 226 -2.81 -2.01 21.66
CA THR D 226 -1.37 -2.19 21.91
C THR D 226 -0.51 -1.06 21.30
N LEU D 227 -1.16 -0.06 20.73
CA LEU D 227 -0.45 0.99 19.99
C LEU D 227 -0.49 2.31 20.73
N THR D 228 0.67 2.82 21.08
CA THR D 228 0.80 4.09 21.78
C THR D 228 1.36 5.17 20.84
N THR D 229 0.68 6.31 20.78
CA THR D 229 1.19 7.47 20.05
C THR D 229 1.94 8.36 21.04
N VAL D 230 3.24 8.55 20.84
CA VAL D 230 4.04 9.40 21.74
C VAL D 230 3.76 10.87 21.37
N LEU D 231 3.62 11.72 22.38
CA LEU D 231 3.26 13.12 22.12
C LEU D 231 4.39 14.09 22.42
N LEU D 232 5.54 13.56 22.83
CA LEU D 232 6.72 14.37 23.11
C LEU D 232 7.28 14.98 21.83
N ASP D 233 7.73 16.23 21.91
CA ASP D 233 8.35 16.90 20.77
C ASP D 233 9.83 16.51 20.67
N GLU D 234 10.56 17.15 19.75
CA GLU D 234 11.97 16.87 19.53
C GLU D 234 12.83 17.11 20.77
N ASN D 235 12.31 17.87 21.74
CA ASN D 235 13.04 18.14 22.98
C ASN D 235 12.58 17.30 24.17
N GLY D 236 11.72 16.31 23.92
CA GLY D 236 11.20 15.45 24.97
C GLY D 236 10.05 16.05 25.76
N VAL D 237 9.38 17.06 25.21
CA VAL D 237 8.30 17.75 25.92
C VAL D 237 6.95 17.56 25.24
N GLY D 238 5.98 17.04 25.98
CA GLY D 238 4.62 16.89 25.45
C GLY D 238 3.82 18.19 25.58
N PRO D 239 2.58 18.21 25.02
CA PRO D 239 1.69 19.35 25.23
C PRO D 239 1.53 19.66 26.73
N LEU D 240 1.57 20.95 27.07
CA LEU D 240 1.48 21.38 28.46
C LEU D 240 0.12 22.03 28.68
N CYS D 241 -0.58 21.53 29.69
CA CYS D 241 -1.99 21.85 29.85
C CYS D 241 -2.22 23.20 30.53
N LYS D 242 -2.54 24.19 29.72
CA LYS D 242 -2.74 25.56 30.22
C LYS D 242 -3.98 25.61 31.12
N GLY D 243 -3.79 26.08 32.35
CA GLY D 243 -4.86 26.07 33.35
C GLY D 243 -5.47 24.69 33.55
N GLU D 244 -4.63 23.65 33.41
CA GLU D 244 -5.04 22.24 33.58
C GLU D 244 -6.12 21.76 32.62
N GLY D 245 -6.24 22.40 31.46
CA GLY D 245 -7.21 21.99 30.45
C GLY D 245 -6.56 21.12 29.40
N LEU D 246 -7.15 19.97 29.13
CA LEU D 246 -6.63 19.07 28.10
C LEU D 246 -7.63 19.03 26.94
N TYR D 247 -7.15 19.28 25.72
CA TYR D 247 -8.07 19.34 24.58
C TYR D 247 -7.94 18.14 23.67
N LEU D 248 -9.07 17.49 23.41
CA LEU D 248 -9.14 16.36 22.48
C LEU D 248 -10.01 16.75 21.31
N SER D 249 -9.52 16.48 20.10
CA SER D 249 -10.23 16.88 18.88
C SER D 249 -10.12 15.76 17.88
N CYS D 250 -11.20 15.49 17.15
CA CYS D 250 -11.15 14.45 16.11
C CYS D 250 -12.29 14.53 15.12
N VAL D 251 -12.11 13.80 14.03
CA VAL D 251 -13.19 13.51 13.10
C VAL D 251 -12.82 12.18 12.44
N ASP D 252 -13.82 11.31 12.27
CA ASP D 252 -13.56 10.00 11.68
C ASP D 252 -14.70 9.61 10.77
N ILE D 253 -14.58 10.07 9.51
CA ILE D 253 -15.55 9.82 8.47
C ILE D 253 -15.16 8.55 7.72
N MET D 254 -16.10 7.61 7.63
CA MET D 254 -15.85 6.30 7.00
C MET D 254 -16.31 6.24 5.54
N GLY D 255 -17.11 7.22 5.13
CA GLY D 255 -17.68 7.24 3.77
C GLY D 255 -19.17 7.58 3.81
N TRP D 256 -19.90 7.12 2.80
CA TRP D 256 -21.36 7.31 2.77
C TRP D 256 -22.10 6.00 2.62
N ARG D 257 -23.33 5.95 3.14
CA ARG D 257 -24.29 4.95 2.64
CA ARG D 257 -24.31 4.96 2.66
C ARG D 257 -25.16 5.65 1.59
N VAL D 258 -25.74 4.86 0.71
CA VAL D 258 -26.52 5.40 -0.40
C VAL D 258 -27.90 4.77 -0.35
N THR D 259 -28.96 5.59 -0.38
CA THR D 259 -30.32 5.08 -0.25
C THR D 259 -30.87 4.58 -1.59
N ARG D 260 -32.04 3.97 -1.54
CA ARG D 260 -32.76 3.53 -2.74
C ARG D 260 -33.55 4.65 -3.40
N ASN D 261 -33.47 5.86 -2.84
CA ASN D 261 -34.23 7.00 -3.37
C ASN D 261 -33.27 8.03 -3.92
N TYR D 262 -33.13 8.06 -5.24
CA TYR D 262 -32.32 9.08 -5.94
C TYR D 262 -30.85 9.10 -5.50
N ASP D 263 -30.31 7.93 -5.15
CA ASP D 263 -28.92 7.82 -4.66
C ASP D 263 -28.55 8.86 -3.58
N VAL D 264 -29.50 9.19 -2.71
CA VAL D 264 -29.20 10.09 -1.60
C VAL D 264 -28.10 9.47 -0.72
N HIS D 265 -27.08 10.27 -0.42
CA HIS D 265 -25.95 9.84 0.37
C HIS D 265 -26.07 10.38 1.79
N HIS D 266 -25.70 9.55 2.76
CA HIS D 266 -25.55 9.97 4.14
C HIS D 266 -24.12 9.66 4.61
N TRP D 267 -23.40 10.66 5.12
CA TRP D 267 -22.09 10.46 5.73
C TRP D 267 -22.21 9.50 6.90
N ARG D 268 -21.21 8.64 7.09
CA ARG D 268 -21.12 7.81 8.30
C ARG D 268 -19.86 8.16 9.08
N GLY D 269 -20.01 8.38 10.38
CA GLY D 269 -18.87 8.63 11.26
C GLY D 269 -18.81 7.61 12.37
N LEU D 270 -17.63 7.43 12.95
CA LEU D 270 -17.48 6.51 14.08
C LEU D 270 -16.86 7.21 15.29
N PRO D 271 -17.16 6.73 16.51
CA PRO D 271 -16.58 7.36 17.70
C PRO D 271 -15.10 7.02 17.86
N ARG D 272 -14.41 7.88 18.59
CA ARG D 272 -12.99 7.71 18.87
C ARG D 272 -12.71 7.72 20.36
N TYR D 273 -11.95 6.71 20.80
CA TYR D 273 -11.53 6.59 22.18
C TYR D 273 -10.14 7.19 22.35
N PHE D 274 -9.88 7.77 23.52
CA PHE D 274 -8.59 8.35 23.86
C PHE D 274 -8.23 7.90 25.27
N LYS D 275 -7.02 7.38 25.45
CA LYS D 275 -6.47 7.21 26.81
C LYS D 275 -5.15 7.92 26.86
N ILE D 276 -5.10 9.01 27.62
CA ILE D 276 -3.96 9.92 27.62
C ILE D 276 -3.19 9.69 28.91
N THR D 277 -1.89 9.50 28.77
CA THR D 277 -0.99 9.45 29.92
C THR D 277 -0.38 10.83 30.13
N LEU D 278 -0.52 11.36 31.35
CA LEU D 278 0.02 12.68 31.68
C LEU D 278 0.90 12.61 32.92
N ARG D 279 1.89 13.50 32.97
CA ARG D 279 2.79 13.56 34.11
C ARG D 279 2.95 15.02 34.50
N LYS D 280 3.29 15.25 35.75
CA LYS D 280 3.55 16.61 36.21
C LYS D 280 4.95 17.04 35.81
N ARG D 281 5.06 18.28 35.34
CA ARG D 281 6.33 18.83 34.89
C ARG D 281 6.57 20.15 35.59
N TRP D 282 7.78 20.33 36.13
CA TRP D 282 8.19 21.60 36.72
C TRP D 282 8.43 22.63 35.60
N VAL D 283 7.93 23.84 35.79
CA VAL D 283 8.14 24.92 34.82
C VAL D 283 8.42 26.24 35.52
N LYS D 284 9.02 27.19 34.79
CA LYS D 284 9.14 28.55 35.31
C LYS D 284 8.92 29.60 34.21
N GLY E 1 -3.30 -11.91 43.36
CA GLY E 1 -3.05 -11.85 41.89
C GLY E 1 -2.75 -10.46 41.36
N MET E 2 -2.80 -9.46 42.25
CA MET E 2 -2.68 -8.05 41.88
C MET E 2 -1.24 -7.57 41.65
N GLU E 3 -0.37 -7.75 42.64
CA GLU E 3 1.04 -7.34 42.52
C GLU E 3 1.86 -8.39 41.76
N VAL E 4 2.45 -7.98 40.64
CA VAL E 4 3.24 -8.86 39.77
C VAL E 4 4.72 -8.90 40.24
N LEU E 5 5.23 -10.09 40.53
CA LEU E 5 6.58 -10.25 41.06
C LEU E 5 7.55 -10.84 40.02
N ASP E 6 8.52 -11.64 40.44
CA ASP E 6 9.49 -12.23 39.51
C ASP E 6 8.89 -13.36 38.68
N LEU E 7 9.54 -13.67 37.57
CA LEU E 7 9.26 -14.88 36.80
C LEU E 7 9.62 -16.10 37.65
N VAL E 8 8.87 -17.17 37.47
CA VAL E 8 9.15 -18.45 38.11
C VAL E 8 10.10 -19.25 37.21
N THR E 9 11.10 -19.87 37.80
CA THR E 9 12.02 -20.73 37.05
C THR E 9 11.91 -22.19 37.51
N GLY E 10 12.51 -23.09 36.73
CA GLY E 10 12.52 -24.50 37.09
C GLY E 10 11.72 -25.36 36.14
N PRO E 11 11.63 -26.67 36.44
CA PRO E 11 10.97 -27.61 35.53
C PRO E 11 9.53 -27.21 35.26
N ASP E 12 9.13 -27.27 33.98
CA ASP E 12 7.78 -26.95 33.52
C ASP E 12 7.32 -25.51 33.81
N SER E 13 8.25 -24.59 33.98
CA SER E 13 7.89 -23.18 34.24
C SER E 13 7.41 -22.43 32.98
N VAL E 14 7.69 -22.99 31.80
CA VAL E 14 7.25 -22.44 30.52
C VAL E 14 6.47 -23.53 29.77
N THR E 15 5.41 -23.14 29.09
CA THR E 15 4.60 -24.09 28.35
C THR E 15 4.13 -23.46 27.04
N GLU E 16 3.89 -24.29 26.03
CA GLU E 16 3.27 -23.81 24.80
C GLU E 16 1.98 -24.57 24.59
N ILE E 17 0.92 -23.85 24.21
CA ILE E 17 -0.31 -24.54 23.87
C ILE E 17 -0.82 -24.07 22.51
N GLU E 18 -1.46 -24.97 21.78
CA GLU E 18 -1.95 -24.59 20.48
C GLU E 18 -3.43 -24.92 20.37
N ALA E 19 -4.09 -24.22 19.46
CA ALA E 19 -5.51 -24.37 19.23
C ALA E 19 -5.83 -23.79 17.88
N PHE E 20 -6.86 -24.35 17.25
CA PHE E 20 -7.49 -23.78 16.06
CA PHE E 20 -7.47 -23.72 16.10
C PHE E 20 -8.91 -23.34 16.45
N LEU E 21 -9.34 -22.19 15.95
CA LEU E 21 -10.74 -21.78 16.12
C LEU E 21 -11.35 -21.73 14.74
N ASN E 22 -12.38 -22.57 14.53
CA ASN E 22 -13.12 -22.56 13.27
C ASN E 22 -14.01 -21.31 13.16
N PRO E 23 -14.23 -20.81 11.92
CA PRO E 23 -15.05 -19.59 11.79
C PRO E 23 -16.51 -19.85 12.10
N ARG E 24 -17.23 -18.78 12.44
CA ARG E 24 -18.64 -18.87 12.81
C ARG E 24 -19.42 -17.87 11.94
N MET E 25 -19.54 -18.22 10.66
CA MET E 25 -20.09 -17.32 9.64
C MET E 25 -21.61 -17.31 9.59
N GLY E 26 -22.25 -18.32 10.22
CA GLY E 26 -23.72 -18.35 10.27
C GLY E 26 -24.29 -19.77 10.24
N GLN E 27 -23.80 -20.60 9.34
CA GLN E 27 -24.21 -22.02 9.37
C GLN E 27 -23.44 -22.71 10.50
N PRO E 28 -24.17 -23.34 11.44
CA PRO E 28 -23.48 -24.05 12.53
C PRO E 28 -22.77 -25.33 12.02
N PRO E 29 -21.89 -25.94 12.84
CA PRO E 29 -21.19 -27.17 12.43
C PRO E 29 -22.12 -28.36 12.10
N THR E 30 -23.29 -28.40 12.73
CA THR E 30 -24.26 -29.44 12.43
C THR E 30 -25.53 -28.78 11.86
N PRO E 31 -26.29 -29.50 10.99
CA PRO E 31 -26.07 -30.88 10.54
C PRO E 31 -24.80 -31.02 9.70
N GLU E 32 -24.11 -32.15 9.84
CA GLU E 32 -22.90 -32.37 9.04
C GLU E 32 -23.23 -32.65 7.55
N SER E 33 -24.44 -33.13 7.29
CA SER E 33 -24.88 -33.48 5.94
C SER E 33 -24.56 -32.42 4.88
N LEU E 34 -23.95 -32.86 3.78
CA LEU E 34 -23.62 -31.96 2.67
C LEU E 34 -24.83 -31.66 1.75
N THR E 35 -26.01 -32.18 2.11
CA THR E 35 -27.22 -31.79 1.40
C THR E 35 -28.21 -31.01 2.28
N GLU E 36 -28.16 -31.24 3.59
CA GLU E 36 -29.15 -30.63 4.51
C GLU E 36 -28.67 -29.36 5.22
N GLY E 37 -27.57 -28.77 4.74
CA GLY E 37 -27.09 -27.50 5.29
C GLY E 37 -25.61 -27.47 5.60
N GLY E 38 -25.03 -28.65 5.82
CA GLY E 38 -23.59 -28.75 6.13
C GLY E 38 -22.71 -28.25 4.98
N GLN E 39 -23.25 -28.25 3.76
CA GLN E 39 -22.50 -27.71 2.62
C GLN E 39 -22.22 -26.20 2.78
N TYR E 40 -22.95 -25.54 3.69
CA TYR E 40 -22.68 -24.12 3.99
C TYR E 40 -21.72 -23.88 5.19
N TYR E 41 -21.22 -24.94 5.81
CA TYR E 41 -20.31 -24.77 6.96
C TYR E 41 -19.00 -24.12 6.52
N GLY E 42 -18.62 -23.05 7.22
CA GLY E 42 -17.54 -22.18 6.80
C GLY E 42 -18.07 -20.92 6.12
N TRP E 43 -19.37 -20.91 5.88
CA TRP E 43 -20.04 -19.82 5.18
C TRP E 43 -21.28 -19.38 5.97
N SER E 44 -21.83 -18.21 5.64
CA SER E 44 -23.18 -17.89 6.10
C SER E 44 -24.20 -18.56 5.19
N ARG E 45 -25.46 -18.60 5.62
CA ARG E 45 -26.55 -18.85 4.69
C ARG E 45 -26.81 -17.54 3.91
N GLY E 46 -27.64 -17.61 2.87
CA GLY E 46 -27.83 -16.46 1.97
C GLY E 46 -28.32 -15.23 2.71
N ILE E 47 -27.60 -14.13 2.55
CA ILE E 47 -27.93 -12.88 3.26
C ILE E 47 -29.32 -12.41 2.81
N ASN E 48 -30.20 -12.16 3.78
CA ASN E 48 -31.55 -11.67 3.50
C ASN E 48 -31.65 -10.19 3.82
N LEU E 49 -32.31 -9.43 2.96
CA LEU E 49 -32.34 -7.96 3.07
C LEU E 49 -33.61 -7.43 3.74
N ALA E 50 -33.49 -6.27 4.37
CA ALA E 50 -34.66 -5.53 4.87
C ALA E 50 -35.72 -5.37 3.76
N THR E 51 -36.99 -5.34 4.17
CA THR E 51 -38.10 -5.13 3.24
C THR E 51 -38.58 -3.67 3.20
N SER E 52 -38.10 -2.86 4.14
CA SER E 52 -38.43 -1.44 4.19
C SER E 52 -37.44 -0.77 5.13
N ASP E 53 -37.50 0.56 5.20
CA ASP E 53 -36.66 1.34 6.10
C ASP E 53 -36.90 0.98 7.59
N THR E 54 -38.06 0.40 7.88
CA THR E 54 -38.42 0.05 9.27
C THR E 54 -38.55 -1.46 9.52
N GLU E 55 -38.19 -2.29 8.54
CA GLU E 55 -38.31 -3.74 8.66
C GLU E 55 -37.03 -4.45 8.24
N ASP E 56 -36.07 -4.53 9.17
CA ASP E 56 -34.77 -5.15 8.91
C ASP E 56 -34.64 -6.32 9.88
N SER E 57 -34.95 -7.53 9.42
CA SER E 57 -34.91 -8.73 10.28
C SER E 57 -33.93 -9.78 9.73
N PRO E 58 -32.64 -9.64 10.05
CA PRO E 58 -31.67 -10.60 9.48
C PRO E 58 -31.81 -11.98 10.13
N GLY E 59 -31.66 -13.06 9.35
CA GLY E 59 -31.62 -14.42 9.93
C GLY E 59 -30.37 -14.61 10.78
N ASN E 60 -30.48 -15.35 11.89
CA ASN E 60 -29.28 -15.65 12.70
C ASN E 60 -28.16 -16.29 11.88
N ASN E 61 -28.53 -17.23 11.00
CA ASN E 61 -27.54 -17.92 10.17
C ASN E 61 -26.97 -17.07 9.02
N THR E 62 -27.33 -15.79 8.97
CA THR E 62 -26.73 -14.84 8.01
C THR E 62 -25.74 -13.89 8.67
N LEU E 63 -25.57 -14.01 9.98
CA LEU E 63 -24.75 -13.04 10.73
C LEU E 63 -23.49 -13.70 11.25
N PRO E 64 -22.32 -13.31 10.73
CA PRO E 64 -21.10 -13.83 11.34
C PRO E 64 -20.95 -13.41 12.80
N THR E 65 -20.46 -14.32 13.62
CA THR E 65 -20.28 -14.08 15.05
C THR E 65 -18.82 -14.35 15.46
N TRP E 66 -18.45 -13.88 16.66
CA TRP E 66 -17.10 -14.12 17.18
C TRP E 66 -16.88 -15.61 17.44
N SER E 67 -15.69 -16.07 17.07
CA SER E 67 -15.19 -17.35 17.56
C SER E 67 -14.51 -17.12 18.90
N MET E 68 -14.67 -18.06 19.82
CA MET E 68 -13.92 -17.99 21.07
C MET E 68 -13.67 -19.36 21.64
N ALA E 69 -12.58 -19.51 22.37
CA ALA E 69 -12.34 -20.71 23.15
C ALA E 69 -11.69 -20.32 24.45
N LYS E 70 -12.06 -21.05 25.51
CA LYS E 70 -11.40 -20.90 26.79
C LYS E 70 -10.60 -22.16 27.03
N LEU E 71 -9.28 -22.01 27.18
CA LEU E 71 -8.42 -23.18 27.38
C LEU E 71 -7.97 -23.25 28.82
N GLN E 72 -8.02 -24.44 29.40
CA GLN E 72 -7.62 -24.63 30.80
C GLN E 72 -6.15 -25.02 30.85
N LEU E 73 -5.37 -24.28 31.63
CA LEU E 73 -3.94 -24.47 31.74
C LEU E 73 -3.63 -25.35 32.94
N PRO E 74 -2.39 -25.88 33.04
CA PRO E 74 -2.01 -26.69 34.21
C PRO E 74 -2.29 -26.00 35.55
N MET E 75 -2.75 -26.77 36.53
CA MET E 75 -3.09 -26.23 37.84
C MET E 75 -1.82 -25.72 38.50
N LEU E 76 -1.91 -24.66 39.30
N LEU E 76 -1.95 -24.64 39.27
CA LEU E 76 -0.71 -24.02 39.84
CA LEU E 76 -0.86 -24.09 40.06
C LEU E 76 -0.61 -24.00 41.36
C LEU E 76 -1.32 -23.96 41.50
N ASN E 77 -1.74 -23.79 42.02
N ASN E 77 -0.39 -23.63 42.40
CA ASN E 77 -1.73 -23.48 43.45
CA ASN E 77 -0.72 -23.39 43.80
C ASN E 77 -2.64 -24.39 44.28
C ASN E 77 -1.44 -24.57 44.45
N THR E 84 2.03 -15.36 48.42
CA THR E 84 2.70 -15.40 47.12
C THR E 84 2.31 -16.64 46.31
N LEU E 85 1.49 -16.41 45.28
CA LEU E 85 0.99 -17.47 44.41
C LEU E 85 1.67 -17.36 43.05
N GLN E 86 1.31 -18.28 42.15
CA GLN E 86 1.75 -18.23 40.75
C GLN E 86 0.55 -18.10 39.83
N MET E 87 0.75 -17.46 38.68
CA MET E 87 -0.24 -17.37 37.63
C MET E 87 0.47 -17.62 36.31
N TRP E 88 -0.26 -18.18 35.36
CA TRP E 88 0.23 -18.30 33.99
C TRP E 88 0.15 -16.92 33.33
N GLU E 89 1.22 -16.57 32.64
CA GLU E 89 1.35 -15.30 31.92
C GLU E 89 1.58 -15.60 30.45
N ALA E 90 0.70 -15.09 29.58
CA ALA E 90 0.86 -15.25 28.14
C ALA E 90 1.92 -14.26 27.62
N VAL E 91 2.98 -14.81 27.04
CA VAL E 91 4.16 -14.04 26.66
C VAL E 91 4.07 -13.58 25.22
N SER E 92 3.63 -14.49 24.35
CA SER E 92 3.64 -14.27 22.93
C SER E 92 2.72 -15.27 22.26
N VAL E 93 2.34 -14.95 21.04
CA VAL E 93 1.51 -15.83 20.24
C VAL E 93 1.98 -15.82 18.78
N LYS E 94 2.02 -17.03 18.20
CA LYS E 94 2.10 -17.15 16.76
C LYS E 94 0.70 -17.51 16.28
N THR E 95 0.16 -16.68 15.39
CA THR E 95 -1.19 -16.90 14.90
C THR E 95 -1.23 -16.80 13.38
N GLU E 96 -2.10 -17.61 12.76
CA GLU E 96 -2.16 -17.71 11.32
CA GLU E 96 -2.15 -17.70 11.31
C GLU E 96 -3.57 -18.02 10.86
N VAL E 97 -4.00 -17.37 9.78
CA VAL E 97 -5.30 -17.65 9.19
C VAL E 97 -5.01 -18.67 8.09
N VAL E 98 -5.66 -19.82 8.16
CA VAL E 98 -5.32 -20.93 7.26
C VAL E 98 -6.36 -21.06 6.15
N GLY E 99 -5.89 -21.29 4.94
CA GLY E 99 -6.79 -21.69 3.86
C GLY E 99 -7.07 -20.71 2.75
N SER E 100 -6.31 -19.61 2.68
CA SER E 100 -6.58 -18.60 1.62
C SER E 100 -6.42 -19.21 0.23
N GLY E 101 -5.51 -20.17 0.10
CA GLY E 101 -5.36 -20.90 -1.14
C GLY E 101 -6.66 -21.51 -1.67
N SER E 102 -7.60 -21.83 -0.78
CA SER E 102 -8.87 -22.45 -1.22
C SER E 102 -9.72 -21.46 -2.04
N LEU E 103 -9.43 -20.16 -1.90
CA LEU E 103 -10.13 -19.14 -2.68
C LEU E 103 -9.70 -19.13 -4.16
N LEU E 104 -8.65 -19.89 -4.47
CA LEU E 104 -8.23 -20.10 -5.88
C LEU E 104 -9.13 -21.07 -6.63
N ASP E 105 -10.12 -21.65 -5.95
CA ASP E 105 -11.17 -22.41 -6.64
C ASP E 105 -12.09 -21.43 -7.39
N VAL E 106 -11.92 -21.34 -8.71
CA VAL E 106 -12.78 -20.52 -9.58
C VAL E 106 -13.44 -21.40 -10.63
N HIS E 107 -13.64 -22.67 -10.27
CA HIS E 107 -14.27 -23.65 -11.19
C HIS E 107 -15.68 -24.07 -10.74
N GLY E 108 -16.17 -23.43 -9.69
CA GLY E 108 -17.49 -23.75 -9.16
C GLY E 108 -18.69 -23.18 -9.91
N PHE E 109 -19.81 -23.08 -9.20
CA PHE E 109 -21.09 -22.67 -9.80
C PHE E 109 -21.53 -21.28 -9.29
N ASN E 110 -20.57 -20.44 -8.86
CA ASN E 110 -20.91 -19.07 -8.49
C ASN E 110 -21.33 -18.29 -9.72
N LYS E 111 -21.85 -17.08 -9.51
CA LYS E 111 -22.06 -16.15 -10.61
C LYS E 111 -20.81 -16.14 -11.49
N PRO E 112 -20.96 -16.34 -12.80
CA PRO E 112 -19.74 -16.42 -13.61
C PRO E 112 -19.27 -15.03 -14.06
N THR E 113 -18.02 -14.95 -14.50
CA THR E 113 -17.51 -13.66 -15.00
C THR E 113 -18.12 -13.21 -16.31
N ASP E 114 -18.53 -14.15 -17.16
CA ASP E 114 -19.29 -13.79 -18.35
C ASP E 114 -20.75 -14.22 -18.13
N THR E 115 -21.59 -13.29 -17.68
CA THR E 115 -22.97 -13.64 -17.33
C THR E 115 -23.86 -13.70 -18.56
N VAL E 116 -23.46 -13.03 -19.63
CA VAL E 116 -24.21 -13.08 -20.88
C VAL E 116 -24.27 -14.53 -21.38
N ASN E 117 -23.12 -15.18 -21.46
CA ASN E 117 -23.03 -16.52 -22.05
C ASN E 117 -22.91 -17.63 -21.03
N THR E 118 -22.79 -17.25 -19.76
CA THR E 118 -22.56 -18.20 -18.65
C THR E 118 -21.22 -18.90 -18.89
N LYS E 119 -20.15 -18.10 -18.90
CA LYS E 119 -18.81 -18.58 -19.26
C LYS E 119 -17.79 -17.81 -18.41
N GLY E 120 -16.50 -18.05 -18.69
CA GLY E 120 -15.42 -17.42 -17.94
C GLY E 120 -15.02 -18.29 -16.76
N ILE E 121 -14.98 -17.68 -15.60
CA ILE E 121 -14.71 -18.41 -14.36
C ILE E 121 -15.82 -18.16 -13.33
N SER E 122 -15.89 -19.03 -12.33
CA SER E 122 -16.76 -18.85 -11.19
C SER E 122 -16.15 -17.73 -10.34
N THR E 123 -16.90 -16.65 -10.12
CA THR E 123 -16.34 -15.46 -9.46
C THR E 123 -15.83 -15.86 -8.07
N PRO E 124 -14.55 -15.56 -7.79
CA PRO E 124 -13.99 -15.92 -6.47
C PRO E 124 -14.56 -15.00 -5.38
N VAL E 125 -14.37 -15.40 -4.13
CA VAL E 125 -14.75 -14.61 -2.97
C VAL E 125 -14.12 -13.22 -3.07
N GLU E 126 -14.94 -12.18 -2.87
CA GLU E 126 -14.51 -10.78 -2.90
C GLU E 126 -15.32 -9.97 -1.90
N GLY E 127 -14.84 -8.76 -1.62
CA GLY E 127 -15.65 -7.79 -0.87
C GLY E 127 -15.07 -7.45 0.49
N SER E 128 -15.96 -7.24 1.45
CA SER E 128 -15.59 -6.75 2.77
C SER E 128 -14.88 -7.83 3.59
N GLN E 129 -13.82 -7.43 4.27
CA GLN E 129 -12.94 -8.34 4.99
C GLN E 129 -12.72 -7.83 6.40
N TYR E 130 -12.63 -8.73 7.36
CA TYR E 130 -12.56 -8.31 8.75
C TYR E 130 -11.72 -9.35 9.47
N HIS E 131 -10.62 -8.92 10.07
CA HIS E 131 -9.69 -9.84 10.74
C HIS E 131 -9.38 -9.29 12.13
N VAL E 132 -9.77 -10.01 13.15
CA VAL E 132 -9.44 -9.65 14.54
C VAL E 132 -9.02 -10.89 15.30
N PHE E 133 -7.98 -10.79 16.11
CA PHE E 133 -7.73 -11.83 17.10
C PHE E 133 -7.37 -11.19 18.44
N ALA E 134 -7.57 -11.97 19.51
CA ALA E 134 -7.28 -11.51 20.86
C ALA E 134 -6.79 -12.68 21.69
N VAL E 135 -5.87 -12.40 22.62
CA VAL E 135 -5.42 -13.37 23.62
C VAL E 135 -5.51 -12.63 24.96
N GLY E 136 -6.17 -13.23 25.94
CA GLY E 136 -6.31 -12.62 27.26
C GLY E 136 -6.47 -13.61 28.39
N GLY E 137 -6.42 -13.13 29.62
CA GLY E 137 -6.54 -14.01 30.78
C GLY E 137 -7.93 -13.96 31.38
N GLU E 138 -8.88 -13.43 30.60
CA GLU E 138 -10.31 -13.36 30.94
C GLU E 138 -11.05 -13.04 29.64
N PRO E 139 -12.41 -13.13 29.64
CA PRO E 139 -13.11 -12.91 28.35
C PRO E 139 -12.81 -11.55 27.73
N LEU E 140 -12.81 -11.48 26.40
CA LEU E 140 -12.69 -10.21 25.70
C LEU E 140 -13.85 -9.30 26.07
N ASP E 141 -13.53 -8.08 26.51
CA ASP E 141 -14.58 -7.09 26.80
C ASP E 141 -15.11 -6.52 25.50
N LEU E 142 -16.44 -6.47 25.37
CA LEU E 142 -17.11 -6.02 24.16
C LEU E 142 -17.88 -4.73 24.38
N GLN E 143 -17.86 -3.88 23.36
CA GLN E 143 -18.63 -2.65 23.32
C GLN E 143 -19.56 -2.75 22.13
N GLY E 144 -20.86 -2.58 22.36
CA GLY E 144 -21.84 -2.63 21.28
C GLY E 144 -21.89 -1.36 20.45
N LEU E 145 -22.09 -1.51 19.14
CA LEU E 145 -22.31 -0.35 18.25
C LEU E 145 -22.85 -0.94 16.94
N VAL E 146 -23.98 -0.41 16.49
CA VAL E 146 -24.66 -0.97 15.34
C VAL E 146 -24.82 0.05 14.22
N THR E 147 -25.05 -0.46 13.02
CA THR E 147 -25.46 0.39 11.91
C THR E 147 -26.81 1.04 12.19
N ASP E 148 -27.76 0.25 12.69
CA ASP E 148 -29.15 0.70 12.81
C ASP E 148 -29.75 0.17 14.11
N ALA E 149 -30.10 1.08 15.03
CA ALA E 149 -30.72 0.69 16.30
C ALA E 149 -32.14 0.13 16.12
N ARG E 150 -32.71 0.27 14.93
CA ARG E 150 -34.03 -0.33 14.62
C ARG E 150 -33.96 -1.76 14.12
N THR E 151 -32.76 -2.26 13.83
CA THR E 151 -32.61 -3.63 13.31
C THR E 151 -33.27 -4.62 14.26
N LYS E 152 -34.08 -5.52 13.71
CA LYS E 152 -34.86 -6.46 14.53
C LYS E 152 -34.12 -7.80 14.58
N TYR E 153 -33.10 -7.87 15.43
CA TYR E 153 -32.38 -9.13 15.65
C TYR E 153 -33.31 -10.11 16.34
N LYS E 154 -33.17 -11.41 16.03
CA LYS E 154 -33.86 -12.45 16.81
C LYS E 154 -33.48 -12.35 18.29
N GLU E 155 -34.42 -12.71 19.15
CA GLU E 155 -34.15 -12.75 20.58
C GLU E 155 -33.42 -14.03 20.98
N GLU E 156 -33.84 -15.15 20.40
CA GLU E 156 -33.20 -16.44 20.67
C GLU E 156 -32.12 -16.75 19.64
N GLY E 157 -31.03 -17.35 20.10
CA GLY E 157 -30.01 -17.91 19.21
C GLY E 157 -28.83 -16.97 18.95
N VAL E 158 -28.93 -15.75 19.47
CA VAL E 158 -27.89 -14.75 19.23
C VAL E 158 -27.86 -13.79 20.43
N VAL E 159 -26.67 -13.35 20.84
CA VAL E 159 -26.57 -12.38 21.94
C VAL E 159 -26.39 -10.98 21.37
N THR E 160 -27.37 -10.13 21.60
CA THR E 160 -27.36 -8.76 21.05
C THR E 160 -27.52 -7.76 22.19
N ILE E 161 -27.54 -6.46 21.85
CA ILE E 161 -27.63 -5.43 22.90
C ILE E 161 -28.86 -5.62 23.78
N LYS E 162 -30.02 -5.86 23.17
CA LYS E 162 -31.24 -6.12 23.94
C LYS E 162 -31.12 -7.32 24.92
N THR E 163 -30.35 -8.34 24.55
CA THR E 163 -30.11 -9.49 25.45
C THR E 163 -29.50 -9.03 26.77
N ILE E 164 -28.62 -8.04 26.69
CA ILE E 164 -27.91 -7.50 27.85
C ILE E 164 -28.75 -6.47 28.61
N THR E 165 -29.31 -5.51 27.89
CA THR E 165 -30.02 -4.40 28.56
C THR E 165 -31.45 -4.76 28.96
N LYS E 166 -32.01 -5.79 28.31
CA LYS E 166 -33.41 -6.19 28.46
C LYS E 166 -34.36 -5.14 27.88
N LYS E 167 -33.82 -4.24 27.06
CA LYS E 167 -34.60 -3.16 26.48
C LYS E 167 -34.19 -2.99 25.02
N ASP E 168 -35.06 -2.38 24.23
CA ASP E 168 -34.75 -2.10 22.82
C ASP E 168 -33.52 -1.20 22.72
N MET E 169 -32.76 -1.34 21.64
CA MET E 169 -31.64 -0.44 21.36
C MET E 169 -32.14 0.99 21.28
N VAL E 170 -31.27 1.93 21.61
CA VAL E 170 -31.56 3.36 21.54
C VAL E 170 -30.70 4.00 20.45
N ASN E 171 -31.00 5.25 20.09
CA ASN E 171 -30.24 5.87 19.01
C ASN E 171 -28.74 5.99 19.29
N LYS E 172 -28.39 6.16 20.57
CA LYS E 172 -26.99 6.22 20.98
C LYS E 172 -26.20 4.93 20.67
N ASP E 173 -26.91 3.82 20.47
CA ASP E 173 -26.27 2.56 20.09
C ASP E 173 -25.67 2.57 18.68
N GLN E 174 -26.01 3.59 17.90
CA GLN E 174 -25.40 3.78 16.57
C GLN E 174 -24.07 4.53 16.67
N VAL E 175 -23.79 5.05 17.86
CA VAL E 175 -22.49 5.64 18.17
C VAL E 175 -21.96 4.91 19.41
N LEU E 176 -21.20 5.57 20.27
CA LEU E 176 -20.73 4.89 21.48
C LEU E 176 -21.66 5.12 22.67
N ASN E 177 -22.34 4.05 23.07
CA ASN E 177 -23.19 4.07 24.26
C ASN E 177 -22.56 3.15 25.32
N PRO E 178 -21.96 3.73 26.39
CA PRO E 178 -21.23 2.90 27.37
CA PRO E 178 -21.23 2.90 27.37
C PRO E 178 -22.12 1.92 28.13
N ILE E 179 -23.43 2.08 28.05
CA ILE E 179 -24.36 1.10 28.65
C ILE E 179 -24.31 -0.24 27.89
N SER E 180 -24.05 -0.19 26.60
CA SER E 180 -24.14 -1.38 25.75
C SER E 180 -22.83 -2.16 25.72
N LYS E 181 -22.55 -2.89 26.81
CA LYS E 181 -21.32 -3.64 26.94
CA LYS E 181 -21.30 -3.63 26.98
C LYS E 181 -21.61 -5.10 27.26
N ALA E 182 -20.68 -5.97 26.87
CA ALA E 182 -20.82 -7.40 27.14
C ALA E 182 -19.42 -8.02 27.22
N LYS E 183 -19.37 -9.32 27.49
CA LYS E 183 -18.11 -10.07 27.50
C LYS E 183 -18.25 -11.22 26.54
N LEU E 184 -17.19 -11.51 25.79
CA LEU E 184 -17.21 -12.59 24.81
C LEU E 184 -17.04 -13.93 25.53
N ASP E 185 -18.15 -14.46 26.04
CA ASP E 185 -18.12 -15.65 26.89
C ASP E 185 -18.70 -16.90 26.23
N LYS E 186 -19.10 -16.78 24.96
CA LYS E 186 -19.67 -17.91 24.22
C LYS E 186 -19.23 -17.86 22.78
N ASP E 187 -18.92 -19.02 22.22
CA ASP E 187 -18.50 -19.14 20.81
C ASP E 187 -19.74 -19.09 19.91
N GLY E 188 -19.61 -18.44 18.75
CA GLY E 188 -20.67 -18.44 17.73
C GLY E 188 -22.00 -17.82 18.12
N MET E 189 -21.96 -16.79 18.98
CA MET E 189 -23.20 -16.18 19.53
C MET E 189 -23.28 -14.66 19.46
N TYR E 190 -22.11 -14.01 19.41
CA TYR E 190 -22.01 -12.55 19.46
C TYR E 190 -21.72 -11.99 18.06
N PRO E 191 -22.72 -11.37 17.41
CA PRO E 191 -22.47 -10.89 16.04
C PRO E 191 -21.37 -9.82 15.93
N VAL E 192 -20.51 -9.98 14.93
CA VAL E 192 -19.43 -9.01 14.75
C VAL E 192 -19.91 -7.64 14.21
N GLU E 193 -21.12 -7.60 13.62
CA GLU E 193 -21.69 -6.29 13.22
C GLU E 193 -22.28 -5.50 14.40
N ILE E 194 -22.26 -6.11 15.59
CA ILE E 194 -22.78 -5.47 16.79
C ILE E 194 -21.67 -5.24 17.83
N TRP E 195 -20.80 -6.23 18.02
CA TRP E 195 -19.90 -6.27 19.18
C TRP E 195 -18.44 -6.10 18.82
N HIS E 196 -17.83 -5.07 19.39
CA HIS E 196 -16.47 -4.65 19.07
C HIS E 196 -15.58 -4.71 20.31
N PRO E 197 -14.25 -4.88 20.12
CA PRO E 197 -13.40 -4.89 21.31
C PRO E 197 -13.56 -3.55 22.03
N ASP E 198 -13.70 -3.61 23.34
CA ASP E 198 -13.91 -2.41 24.12
C ASP E 198 -12.56 -1.82 24.56
N PRO E 199 -12.16 -0.66 23.97
CA PRO E 199 -10.85 -0.07 24.31
C PRO E 199 -10.77 0.53 25.72
N ALA E 200 -11.93 0.76 26.34
CA ALA E 200 -12.01 1.30 27.70
C ALA E 200 -11.77 0.21 28.75
N LYS E 201 -11.78 -1.06 28.32
CA LYS E 201 -11.52 -2.17 29.25
C LYS E 201 -10.36 -3.01 28.72
N ASN E 202 -10.47 -4.34 28.75
CA ASN E 202 -9.44 -5.21 28.16
C ASN E 202 -8.01 -4.91 28.64
N GLU E 203 -7.88 -4.59 29.92
CA GLU E 203 -6.56 -4.40 30.54
C GLU E 203 -5.73 -5.69 30.57
N ASN E 204 -6.42 -6.83 30.53
CA ASN E 204 -5.80 -8.14 30.66
C ASN E 204 -5.92 -8.97 29.38
N THR E 205 -6.12 -8.27 28.25
CA THR E 205 -6.27 -8.90 26.92
C THR E 205 -5.56 -8.02 25.89
N ARG E 206 -4.88 -8.64 24.93
CA ARG E 206 -4.38 -7.89 23.77
C ARG E 206 -5.22 -8.26 22.56
N TYR E 207 -5.69 -7.26 21.82
CA TYR E 207 -6.43 -7.53 20.59
C TYR E 207 -5.88 -6.71 19.45
N PHE E 208 -6.07 -7.22 18.23
CA PHE E 208 -5.50 -6.65 17.00
C PHE E 208 -6.52 -6.88 15.87
N GLY E 209 -6.97 -5.79 15.23
CA GLY E 209 -8.00 -5.91 14.20
C GLY E 209 -7.78 -5.03 12.99
N ASN E 210 -8.35 -5.44 11.87
CA ASN E 210 -8.41 -4.57 10.71
C ASN E 210 -9.67 -4.85 9.89
N TYR E 211 -10.09 -3.83 9.15
CA TYR E 211 -11.30 -3.89 8.35
C TYR E 211 -10.98 -3.33 6.98
N THR E 212 -11.46 -4.00 5.93
CA THR E 212 -11.44 -3.44 4.56
C THR E 212 -12.82 -3.63 3.97
N GLY E 213 -13.45 -2.55 3.51
CA GLY E 213 -14.85 -2.64 3.07
C GLY E 213 -14.99 -2.86 1.58
N GLY E 214 -16.14 -2.45 1.04
CA GLY E 214 -16.41 -2.54 -0.41
C GLY E 214 -17.19 -3.80 -0.79
N THR E 215 -17.53 -3.92 -2.08
CA THR E 215 -18.33 -5.06 -2.54
C THR E 215 -17.52 -6.04 -3.38
N THR E 216 -16.62 -5.56 -4.22
CA THR E 216 -15.86 -6.51 -5.05
C THR E 216 -14.37 -6.45 -4.74
N THR E 217 -14.03 -5.88 -3.59
CA THR E 217 -12.63 -5.66 -3.19
C THR E 217 -11.85 -6.99 -3.22
N PRO E 218 -10.65 -7.01 -3.84
CA PRO E 218 -9.87 -8.25 -3.81
CA PRO E 218 -9.87 -8.25 -3.81
C PRO E 218 -9.43 -8.61 -2.38
N PRO E 219 -9.68 -9.85 -1.94
CA PRO E 219 -9.20 -10.20 -0.58
C PRO E 219 -7.67 -10.34 -0.58
N VAL E 220 -7.06 -9.93 0.53
CA VAL E 220 -5.60 -10.03 0.70
CA VAL E 220 -5.61 -10.09 0.68
CA VAL E 220 -5.60 -10.03 0.70
C VAL E 220 -5.33 -10.78 2.00
N LEU E 221 -4.30 -11.64 2.00
CA LEU E 221 -3.89 -12.34 3.21
C LEU E 221 -2.44 -12.76 3.09
N GLN E 222 -1.73 -12.66 4.20
CA GLN E 222 -0.36 -13.15 4.30
CA GLN E 222 -0.37 -13.17 4.28
C GLN E 222 -0.34 -14.24 5.36
N PHE E 223 0.61 -15.17 5.25
CA PHE E 223 0.76 -16.23 6.22
C PHE E 223 2.22 -16.67 6.25
N THR E 224 2.72 -16.92 7.46
CA THR E 224 4.07 -17.45 7.63
C THR E 224 4.14 -18.09 9.02
N ASN E 225 5.01 -19.07 9.20
CA ASN E 225 5.19 -19.62 10.52
C ASN E 225 6.37 -18.97 11.25
N THR E 226 6.84 -17.81 10.76
CA THR E 226 8.04 -17.16 11.31
C THR E 226 7.78 -15.86 12.09
N LEU E 227 6.51 -15.49 12.25
CA LEU E 227 6.14 -14.23 12.88
CA LEU E 227 6.13 -14.23 12.89
C LEU E 227 5.49 -14.46 14.26
N THR E 228 6.04 -13.80 15.26
CA THR E 228 5.57 -13.89 16.63
C THR E 228 5.03 -12.55 17.08
N THR E 229 3.84 -12.54 17.68
CA THR E 229 3.26 -11.34 18.28
C THR E 229 3.58 -11.36 19.77
N VAL E 230 4.32 -10.37 20.28
CA VAL E 230 4.64 -10.32 21.70
C VAL E 230 3.40 -9.76 22.41
N LEU E 231 3.09 -10.28 23.60
CA LEU E 231 1.86 -9.91 24.30
C LEU E 231 2.17 -9.12 25.56
N LEU E 232 3.46 -8.92 25.82
CA LEU E 232 3.91 -8.17 26.97
C LEU E 232 3.50 -6.70 26.83
N ASP E 233 3.10 -6.07 27.94
CA ASP E 233 2.74 -4.65 27.92
C ASP E 233 4.00 -3.80 28.13
N GLU E 234 3.84 -2.49 28.27
CA GLU E 234 4.97 -1.56 28.47
C GLU E 234 5.85 -1.94 29.66
N ASN E 235 5.29 -2.63 30.63
CA ASN E 235 6.01 -3.01 31.83
C ASN E 235 6.60 -4.42 31.80
N GLY E 236 6.51 -5.07 30.64
CA GLY E 236 7.03 -6.44 30.47
C GLY E 236 6.11 -7.52 31.00
N VAL E 237 4.82 -7.22 31.08
CA VAL E 237 3.85 -8.14 31.68
C VAL E 237 2.80 -8.53 30.66
N GLY E 238 2.66 -9.84 30.43
CA GLY E 238 1.66 -10.35 29.50
C GLY E 238 0.31 -10.54 30.21
N PRO E 239 -0.75 -10.89 29.45
CA PRO E 239 -2.02 -11.24 30.10
C PRO E 239 -1.85 -12.33 31.18
N LEU E 240 -2.50 -12.15 32.32
CA LEU E 240 -2.41 -13.09 33.44
C LEU E 240 -3.70 -13.88 33.54
N CYS E 241 -3.57 -15.21 33.54
CA CYS E 241 -4.70 -16.11 33.36
C CYS E 241 -5.42 -16.37 34.68
N LYS E 242 -6.53 -15.68 34.88
CA LYS E 242 -7.32 -15.83 36.09
C LYS E 242 -7.97 -17.20 36.14
N GLY E 243 -7.80 -17.89 37.26
CA GLY E 243 -8.22 -19.28 37.41
C GLY E 243 -7.64 -20.23 36.38
N GLU E 244 -6.44 -19.92 35.89
CA GLU E 244 -5.75 -20.70 34.85
C GLU E 244 -6.57 -20.87 33.58
N GLY E 245 -7.39 -19.87 33.25
CA GLY E 245 -8.12 -19.89 31.99
C GLY E 245 -7.48 -18.95 30.99
N LEU E 246 -7.24 -19.43 29.77
CA LEU E 246 -6.72 -18.61 28.68
C LEU E 246 -7.78 -18.45 27.60
N TYR E 247 -8.05 -17.19 27.22
CA TYR E 247 -9.13 -16.89 26.28
C TYR E 247 -8.58 -16.47 24.94
N LEU E 248 -9.05 -17.16 23.90
CA LEU E 248 -8.74 -16.87 22.51
C LEU E 248 -10.03 -16.49 21.81
N SER E 249 -9.96 -15.42 21.01
CA SER E 249 -11.10 -14.85 20.33
C SER E 249 -10.65 -14.41 18.94
N CYS E 250 -11.50 -14.59 17.95
CA CYS E 250 -11.18 -14.12 16.62
C CYS E 250 -12.37 -14.08 15.69
N VAL E 251 -12.17 -13.40 14.57
CA VAL E 251 -13.07 -13.47 13.42
C VAL E 251 -12.23 -13.20 12.18
N ASP E 252 -12.47 -13.96 11.12
CA ASP E 252 -11.69 -13.83 9.88
C ASP E 252 -12.59 -13.98 8.68
N ILE E 253 -13.18 -12.87 8.28
CA ILE E 253 -14.07 -12.78 7.12
C ILE E 253 -13.25 -12.38 5.90
N MET E 254 -13.39 -13.17 4.83
CA MET E 254 -12.64 -13.00 3.59
C MET E 254 -13.44 -12.26 2.51
N GLY E 255 -14.77 -12.17 2.71
CA GLY E 255 -15.68 -11.55 1.73
C GLY E 255 -16.92 -12.43 1.53
N TRP E 256 -17.51 -12.35 0.34
CA TRP E 256 -18.67 -13.18 -0.02
C TRP E 256 -18.44 -13.91 -1.33
N ARG E 257 -19.07 -15.08 -1.47
CA ARG E 257 -19.33 -15.66 -2.79
CA ARG E 257 -19.32 -15.62 -2.80
C ARG E 257 -20.72 -15.20 -3.21
N VAL E 258 -20.98 -15.16 -4.51
CA VAL E 258 -22.25 -14.68 -5.04
C VAL E 258 -22.80 -15.80 -5.93
N THR E 259 -24.05 -16.18 -5.70
CA THR E 259 -24.65 -17.28 -6.49
C THR E 259 -25.23 -16.76 -7.80
N ARG E 260 -25.68 -17.71 -8.64
CA ARG E 260 -26.29 -17.40 -9.93
C ARG E 260 -27.76 -17.04 -9.79
N ASN E 261 -28.29 -17.02 -8.57
CA ASN E 261 -29.72 -16.77 -8.32
CA ASN E 261 -29.71 -16.69 -8.42
C ASN E 261 -29.88 -15.46 -7.55
N TYR E 262 -30.36 -14.39 -8.19
CA TYR E 262 -30.58 -13.12 -7.50
C TYR E 262 -29.37 -12.61 -6.72
N ASP E 263 -28.17 -12.89 -7.23
CA ASP E 263 -26.93 -12.42 -6.59
C ASP E 263 -26.92 -12.69 -5.07
N VAL E 264 -27.44 -13.85 -4.64
CA VAL E 264 -27.43 -14.17 -3.22
C VAL E 264 -25.97 -14.21 -2.74
N HIS E 265 -25.67 -13.52 -1.65
CA HIS E 265 -24.33 -13.48 -1.08
C HIS E 265 -24.21 -14.40 0.11
N HIS E 266 -23.07 -15.11 0.20
CA HIS E 266 -22.73 -15.93 1.38
C HIS E 266 -21.39 -15.45 1.92
N TRP E 267 -21.35 -15.05 3.19
CA TRP E 267 -20.07 -14.73 3.85
C TRP E 267 -19.14 -15.93 3.82
N ARG E 268 -17.84 -15.69 3.65
CA ARG E 268 -16.82 -16.75 3.78
C ARG E 268 -15.88 -16.40 4.93
N GLY E 269 -15.66 -17.36 5.82
CA GLY E 269 -14.69 -17.19 6.90
C GLY E 269 -13.65 -18.29 6.85
N LEU E 270 -12.51 -18.06 7.49
CA LEU E 270 -11.45 -19.07 7.53
C LEU E 270 -10.97 -19.28 8.98
N PRO E 271 -10.46 -20.47 9.27
CA PRO E 271 -10.01 -20.81 10.63
C PRO E 271 -8.71 -20.10 10.98
N ARG E 272 -8.50 -19.88 12.28
CA ARG E 272 -7.30 -19.27 12.77
C ARG E 272 -6.60 -20.18 13.77
N TYR E 273 -5.30 -20.35 13.55
CA TYR E 273 -4.41 -21.13 14.43
C TYR E 273 -3.75 -20.19 15.45
N PHE E 274 -3.60 -20.68 16.67
CA PHE E 274 -2.87 -19.97 17.75
C PHE E 274 -1.87 -20.91 18.38
N LYS E 275 -0.63 -20.45 18.54
CA LYS E 275 0.34 -21.11 19.37
C LYS E 275 0.83 -20.09 20.39
N ILE E 276 0.41 -20.29 21.64
CA ILE E 276 0.69 -19.35 22.72
C ILE E 276 1.79 -19.87 23.63
N THR E 277 2.79 -19.04 23.87
CA THR E 277 3.83 -19.35 24.82
C THR E 277 3.46 -18.70 26.16
N LEU E 278 3.51 -19.50 27.22
CA LEU E 278 3.19 -19.00 28.56
C LEU E 278 4.27 -19.36 29.56
N ARG E 279 4.37 -18.54 30.59
CA ARG E 279 5.34 -18.75 31.64
C ARG E 279 4.67 -18.48 32.98
N LYS E 280 5.17 -19.16 34.01
CA LYS E 280 4.67 -18.94 35.35
C LYS E 280 5.25 -17.65 35.92
N ARG E 281 4.40 -16.90 36.61
CA ARG E 281 4.76 -15.62 37.21
C ARG E 281 4.37 -15.63 38.68
N TRP E 282 5.27 -15.21 39.56
CA TRP E 282 4.94 -14.99 40.97
C TRP E 282 4.06 -13.74 41.12
N VAL E 283 3.09 -13.81 42.01
CA VAL E 283 2.12 -12.73 42.23
C VAL E 283 1.70 -12.71 43.69
N LYS E 284 1.18 -11.58 44.16
CA LYS E 284 0.57 -11.50 45.48
C LYS E 284 -0.52 -10.43 45.54
C1 GAL F . -13.24 -36.23 -28.22
C2 GAL F . -11.89 -35.73 -27.67
C3 GAL F . -11.59 -36.39 -26.32
C4 GAL F . -12.75 -36.09 -25.37
C5 GAL F . -13.95 -36.81 -25.97
C6 GAL F . -15.16 -36.81 -25.04
O1 GAL F . -13.63 -35.40 -29.27
O2 GAL F . -10.86 -35.99 -28.59
O3 GAL F . -10.34 -36.00 -25.79
O4 GAL F . -13.04 -34.70 -25.29
O5 GAL F . -14.28 -36.24 -27.24
O6 GAL F . -16.09 -35.84 -25.46
C1 NGA F . -12.44 -34.12 -24.12
C2 NGA F . -12.28 -32.60 -24.28
C3 NGA F . -11.78 -31.95 -22.98
C4 NGA F . -12.51 -32.48 -21.74
C5 NGA F . -12.49 -34.01 -21.75
C6 NGA F . -13.11 -34.67 -20.52
C7 NGA F . -11.58 -31.86 -26.54
C8 NGA F . -10.38 -31.62 -27.41
N2 NGA F . -11.30 -32.30 -25.31
O3 NGA F . -11.96 -30.53 -23.08
O4 NGA F . -13.85 -31.98 -21.75
O5 NGA F . -13.17 -34.45 -22.93
O6 NGA F . -13.67 -33.71 -19.61
O7 NGA F . -12.71 -31.68 -26.94
C1 GAL F . -10.75 -29.85 -22.71
C2 GAL F . -10.74 -28.47 -23.40
C3 GAL F . -9.61 -27.56 -22.89
C4 GAL F . -9.58 -27.55 -21.36
C5 GAL F . -9.54 -28.98 -20.82
C6 GAL F . -9.58 -28.98 -19.30
O2 GAL F . -10.64 -28.66 -24.79
O3 GAL F . -9.79 -26.23 -23.34
O4 GAL F . -10.71 -26.88 -20.84
O5 GAL F . -10.67 -29.72 -21.30
O6 GAL F . -9.35 -30.28 -18.82
C1 SIA F . -7.34 -26.27 -23.77
C2 SIA F . -8.70 -25.73 -24.15
C3 SIA F . -8.78 -24.22 -23.94
C4 SIA F . -7.92 -23.48 -24.95
C5 SIA F . -8.23 -23.87 -26.40
C6 SIA F . -8.19 -25.40 -26.54
C7 SIA F . -8.65 -25.91 -27.91
C8 SIA F . -8.53 -27.42 -28.03
C9 SIA F . -8.23 -27.82 -29.47
C10 SIA F . -7.53 -22.61 -28.41
C11 SIA F . -6.38 -22.06 -29.19
N5 SIA F . -7.23 -23.27 -27.28
O1A SIA F . -6.75 -25.79 -22.77
O1B SIA F . -6.88 -27.20 -24.46
O4 SIA F . -8.07 -22.07 -24.77
O6 SIA F . -9.01 -26.04 -25.52
O7 SIA F . -10.02 -25.54 -28.11
O8 SIA F . -7.49 -27.95 -27.20
O9 SIA F . -8.78 -29.14 -29.61
O10 SIA F . -8.68 -22.45 -28.79
C1 GAL G . 3.06 0.06 -47.80
C2 GAL G . 3.52 1.06 -46.74
C3 GAL G . 4.82 0.62 -46.06
C4 GAL G . 4.70 -0.83 -45.59
C5 GAL G . 4.43 -1.65 -46.85
C6 GAL G . 4.57 -3.15 -46.62
O1 GAL G . 1.70 0.33 -48.13
O2 GAL G . 3.69 2.33 -47.32
O3 GAL G . 5.17 1.48 -45.00
O4 GAL G . 3.60 -0.98 -44.69
O5 GAL G . 3.15 -1.29 -47.35
O6 GAL G . 3.29 -3.75 -46.46
C1 NGA G . 4.03 -1.21 -43.34
C2 NGA G . 3.05 -0.51 -42.38
C3 NGA G . 3.34 -0.84 -40.91
C4 NGA G . 3.57 -2.34 -40.70
C5 NGA G . 4.59 -2.88 -41.71
C6 NGA G . 4.82 -4.38 -41.55
C7 NGA G . 1.92 1.62 -42.81
C8 NGA G . 2.11 3.09 -43.04
N2 NGA G . 3.04 0.93 -42.62
O3 NGA G . 2.26 -0.37 -40.07
O4 NGA G . 2.33 -3.05 -40.83
O5 NGA G . 4.10 -2.61 -43.04
O6 NGA G . 5.99 -4.74 -42.28
O7 NGA G . 0.80 1.11 -42.80
C1 GAL G . 2.78 0.27 -38.89
C2 GAL G . 1.67 1.16 -38.31
C3 GAL G . 2.12 1.80 -36.98
C4 GAL G . 2.68 0.74 -36.05
C5 GAL G . 3.76 -0.09 -36.75
C6 GAL G . 4.28 -1.18 -35.83
O2 GAL G . 1.29 2.15 -39.25
O3 GAL G . 1.02 2.45 -36.35
O4 GAL G . 1.64 -0.12 -35.64
O5 GAL G . 3.21 -0.69 -37.92
O6 GAL G . 5.37 -1.88 -36.43
C1 SIA G . 2.63 4.25 -35.88
C2 SIA G . 1.21 3.87 -36.17
C3 SIA G . 0.32 4.17 -34.97
C4 SIA G . 0.14 5.67 -34.72
C5 SIA G . -0.35 6.40 -35.99
C6 SIA G . 0.54 6.02 -37.18
C7 SIA G . 0.02 6.56 -38.52
C8 SIA G . 0.92 6.09 -39.67
C9 SIA G . 0.73 6.92 -40.94
C10 SIA G . -1.42 8.64 -35.98
C11 SIA G . -1.24 10.09 -35.69
N5 SIA G . -0.36 7.84 -35.76
O1A SIA G . 3.31 4.79 -36.77
O1B SIA G . 3.06 4.00 -34.73
O4 SIA G . -0.76 5.86 -33.63
O6 SIA G . 0.67 4.59 -37.29
O7 SIA G . -1.27 6.02 -38.75
O8 SIA G . 2.29 6.14 -39.27
O9 SIA G . 1.39 8.19 -40.76
O10 SIA G . -2.48 8.20 -36.40
C1 GAL H . -14.85 35.96 -27.96
C2 GAL H . -14.86 35.83 -26.43
C3 GAL H . -13.47 36.10 -25.85
C4 GAL H . -12.45 35.20 -26.54
C5 GAL H . -12.49 35.59 -28.02
C6 GAL H . -11.33 35.00 -28.82
O1 GAL H . -16.07 35.51 -28.50
O2 GAL H . -15.82 36.69 -25.86
O3 GAL H . -13.45 35.93 -24.45
O4 GAL H . -12.83 33.85 -26.39
O5 GAL H . -13.77 35.23 -28.54
O6 GAL H . -11.78 34.07 -29.79
C1 NGA H . -11.86 33.08 -25.66
C2 NGA H . -12.59 31.98 -24.88
C3 NGA H . -11.61 31.03 -24.17
C4 NGA H . -10.43 30.64 -25.05
C5 NGA H . -9.83 31.85 -25.78
C6 NGA H . -8.70 31.49 -26.72
C7 NGA H . -14.83 32.48 -24.01
C8 NGA H . -15.58 33.14 -22.89
N2 NGA H . -13.50 32.54 -23.91
O3 NGA H . -12.35 29.87 -23.73
O4 NGA H . -10.85 29.64 -25.99
O5 NGA H . -10.87 32.52 -26.52
O6 NGA H . -8.03 32.69 -27.12
O7 NGA H . -15.40 31.94 -24.95
C1 GAL H . -12.00 29.53 -22.37
C2 GAL H . -13.10 28.66 -21.77
C3 GAL H . -12.71 28.19 -20.35
C4 GAL H . -11.32 27.58 -20.37
C5 GAL H . -10.30 28.51 -21.04
C6 GAL H . -8.94 27.81 -21.17
O2 GAL H . -14.34 29.35 -21.75
O3 GAL H . -13.61 27.23 -19.83
O4 GAL H . -11.35 26.35 -21.08
O5 GAL H . -10.75 28.86 -22.33
O6 GAL H . -7.97 28.78 -21.53
C1 SIA H . -13.45 28.47 -17.72
C2 SIA H . -14.31 27.64 -18.62
C3 SIA H . -14.66 26.29 -17.97
C4 SIA H . -15.69 26.46 -16.85
C5 SIA H . -16.94 27.24 -17.30
C6 SIA H . -16.50 28.57 -17.97
C7 SIA H . -17.64 29.36 -18.60
C8 SIA H . -17.13 30.63 -19.27
C9 SIA H . -18.23 31.65 -19.49
C10 SIA H . -19.06 27.23 -16.10
C11 SIA H . -19.77 27.59 -14.82
N5 SIA H . -17.75 27.52 -16.14
O1A SIA H . -13.68 29.70 -17.62
O1B SIA H . -12.52 27.90 -17.10
O4 SIA H . -16.06 25.18 -16.32
O6 SIA H . -15.52 28.30 -19.00
O7 SIA H . -18.26 28.53 -19.61
O8 SIA H . -16.13 31.23 -18.43
O9 SIA H . -18.48 32.31 -18.23
O10 SIA H . -19.66 26.72 -17.03
C1 GAL I . -42.28 21.64 4.20
C2 GAL I . -41.77 20.47 5.07
C3 GAL I . -40.78 20.92 6.15
C4 GAL I . -39.71 21.81 5.52
C5 GAL I . -40.49 23.04 5.05
C6 GAL I . -39.59 24.22 4.72
O1 GAL I . -42.73 21.13 2.96
O2 GAL I . -42.88 19.83 5.68
O3 GAL I . -40.18 19.82 6.81
O4 GAL I . -39.16 21.16 4.39
O5 GAL I . -41.28 22.64 3.93
O6 GAL I . -39.27 24.27 3.35
C1 NGA I . -37.74 20.98 4.49
C2 NGA I . -37.34 19.65 3.86
C3 NGA I . -35.83 19.45 3.92
C4 NGA I . -35.06 20.69 3.45
C5 NGA I . -35.60 21.97 4.11
C6 NGA I . -34.93 23.23 3.58
C7 NGA I . -38.82 17.71 3.91
C8 NGA I . -39.41 16.63 4.77
N2 NGA I . -38.00 18.55 4.54
O3 NGA I . -35.46 18.31 3.13
O4 NGA I . -35.14 20.78 2.03
O5 NGA I . -37.02 22.05 3.88
O6 NGA I . -35.28 24.34 4.43
O7 NGA I . -39.08 17.79 2.72
C1 GAL I . -34.54 17.50 3.89
C2 GAL I . -34.58 16.07 3.33
C3 GAL I . -33.51 15.19 4.00
C4 GAL I . -32.16 15.89 3.99
C5 GAL I . -32.26 17.30 4.55
C6 GAL I . -30.92 18.01 4.44
O2 GAL I . -35.85 15.48 3.52
O3 GAL I . -33.42 13.98 3.28
O4 GAL I . -31.69 15.95 2.65
O5 GAL I . -33.22 18.02 3.80
O6 GAL I . -30.93 19.21 5.19
C1 SIA I . -33.29 12.97 5.49
C2 SIA I . -33.69 12.82 4.06
C3 SIA I . -32.89 11.67 3.40
C4 SIA I . -33.30 10.30 3.94
C5 SIA I . -34.82 10.10 3.88
C6 SIA I . -35.54 11.30 4.52
C7 SIA I . -37.07 11.31 4.38
C8 SIA I . -37.65 12.59 5.01
C9 SIA I . -39.15 12.50 5.23
C10 SIA I . -35.94 7.93 3.95
C11 SIA I . -36.26 6.68 4.72
N5 SIA I . -35.18 8.85 4.55
O1A SIA I . -34.19 13.12 6.37
O1B SIA I . -32.05 12.91 5.73
O4 SIA I . -32.62 9.28 3.19
O6 SIA I . -35.08 12.54 3.95
O7 SIA I . -37.40 11.31 2.98
O8 SIA I . -37.01 12.85 6.27
O9 SIA I . -39.40 11.38 6.09
O10 SIA I . -36.37 8.07 2.81
C1 GAL J . -41.98 -22.92 4.30
C2 GAL J . -40.58 -23.56 4.20
C3 GAL J . -39.81 -23.46 5.52
C4 GAL J . -39.82 -22.00 6.03
C5 GAL J . -41.29 -21.67 6.20
C6 GAL J . -41.54 -20.38 6.98
O1 GAL J . -42.55 -22.80 3.02
O2 GAL J . -40.71 -24.91 3.80
O3 GAL J . -38.49 -23.95 5.42
O4 GAL J . -39.25 -21.14 5.04
O5 GAL J . -41.91 -21.64 4.92
O6 GAL J . -41.45 -19.25 6.13
C1 NGA J . -38.08 -20.46 5.54
C2 NGA J . -37.10 -20.25 4.37
C3 NGA J . -35.90 -19.39 4.77
C4 NGA J . -36.30 -18.18 5.66
C5 NGA J . -37.27 -18.59 6.75
C6 NGA J . -37.71 -17.40 7.61
C7 NGA J . -36.87 -22.01 2.69
C8 NGA J . -36.29 -23.36 2.37
N2 NGA J . -36.61 -21.54 3.91
O3 NGA J . -35.23 -18.96 3.56
O4 NGA J . -36.91 -17.17 4.85
O5 NGA J . -38.40 -19.20 6.14
O6 NGA J . -38.32 -17.90 8.80
O7 NGA J . -37.53 -21.38 1.87
C1 GAL J . -33.82 -19.13 3.71
C2 GAL J . -33.20 -19.18 2.33
C3 GAL J . -31.66 -19.21 2.44
C4 GAL J . -31.15 -18.12 3.37
C5 GAL J . -31.87 -18.16 4.73
C6 GAL J . -31.51 -16.96 5.60
O2 GAL J . -33.72 -20.30 1.65
O3 GAL J . -31.04 -18.98 1.18
O4 GAL J . -31.36 -16.87 2.74
O5 GAL J . -33.27 -18.08 4.49
O6 GAL J . -31.94 -17.19 6.94
C1 SIA J . -29.58 -20.84 1.82
C2 SIA J . -30.28 -20.11 0.71
C3 SIA J . -29.27 -19.50 -0.27
C4 SIA J . -28.53 -20.58 -1.08
C5 SIA J . -29.52 -21.54 -1.77
C6 SIA J . -30.54 -22.06 -0.76
C7 SIA J . -31.68 -22.88 -1.36
C8 SIA J . -32.61 -23.31 -0.22
C9 SIA J . -33.54 -24.47 -0.60
C10 SIA J . -28.92 -22.98 -3.65
C11 SIA J . -28.14 -24.16 -4.14
N5 SIA J . -28.79 -22.66 -2.36
O1A SIA J . -30.05 -21.95 2.20
O1B SIA J . -28.56 -20.32 2.31
O4 SIA J . -27.66 -19.98 -2.04
O6 SIA J . -31.17 -20.97 -0.04
O7 SIA J . -32.38 -22.08 -2.31
O8 SIA J . -31.83 -23.72 0.92
O9 SIA J . -32.70 -25.54 -1.02
O10 SIA J . -29.66 -22.35 -4.40
S SO4 K . 11.61 -29.18 -15.33
O1 SO4 K . 10.75 -28.20 -14.68
O2 SO4 K . 10.79 -29.96 -16.27
O3 SO4 K . 12.19 -30.06 -14.30
O4 SO4 K . 12.71 -28.50 -16.05
C1 GOL L . -16.95 -37.44 -4.99
O1 GOL L . -17.02 -38.61 -5.82
C2 GOL L . -18.09 -37.45 -3.97
O2 GOL L . -19.36 -37.38 -4.64
C1 GOL M . 15.62 -27.32 14.37
O1 GOL M . 14.88 -28.34 13.69
C2 GOL M . 15.04 -25.95 14.02
O2 GOL M . 14.70 -25.91 12.63
C3 GOL M . 13.77 -25.71 14.82
O3 GOL M . 13.35 -24.36 14.58
C1 GOL N . 6.91 -34.72 -28.20
O1 GOL N . 5.97 -33.71 -28.54
C2 GOL N . 6.67 -35.13 -26.75
O2 GOL N . 7.77 -34.75 -25.92
C3 GOL N . 6.42 -36.62 -26.63
O3 GOL N . 5.90 -36.90 -25.32
S SO4 O . 5.75 -36.11 11.30
O1 SO4 O . 4.46 -36.58 11.85
O2 SO4 O . 5.54 -34.83 10.61
O3 SO4 O . 6.71 -35.93 12.41
O4 SO4 O . 6.30 -37.09 10.35
C1 GOL P . 11.08 -19.41 13.95
O1 GOL P . 11.12 -18.91 12.61
C2 GOL P . 10.80 -18.31 14.97
O2 GOL P . 9.40 -18.02 14.97
C3 GOL P . 11.16 -18.71 16.39
O3 GOL P . 10.88 -20.10 16.63
C1 GOL Q . -7.58 -33.52 -17.15
O1 GOL Q . -6.22 -33.41 -16.73
C2 GOL Q . -8.15 -34.80 -16.58
O2 GOL Q . -8.48 -34.63 -15.21
C1 GOL R . 24.77 -9.04 -1.68
O1 GOL R . 24.00 -8.08 -2.41
C2 GOL R . 23.96 -9.67 -0.54
O2 GOL R . 22.63 -9.89 -1.03
C3 GOL R . 24.53 -11.02 -0.10
O3 GOL R . 25.90 -11.17 -0.46
S SO4 S . 20.86 9.21 -26.66
O1 SO4 S . 20.90 10.67 -26.45
O2 SO4 S . 19.79 8.59 -25.86
O3 SO4 S . 22.15 8.64 -26.23
O4 SO4 S . 20.63 8.92 -28.09
C1 GOL T . 32.97 -9.31 -6.20
O1 GOL T . 32.63 -9.33 -7.59
C2 GOL T . 31.77 -8.88 -5.37
O2 GOL T . 31.08 -7.79 -6.00
C3 GOL T . 30.81 -10.05 -5.19
O3 GOL T . 29.65 -9.57 -4.49
S SO4 U . 30.35 -15.96 -17.54
O1 SO4 U . 29.33 -14.93 -17.22
O2 SO4 U . 30.71 -15.87 -18.96
O3 SO4 U . 31.54 -15.74 -16.69
O4 SO4 U . 29.80 -17.30 -17.28
S SO4 V . 13.46 -10.81 -40.43
O1 SO4 V . 14.28 -9.85 -39.64
O2 SO4 V . 12.36 -10.07 -41.08
O3 SO4 V . 14.32 -11.45 -41.44
O4 SO4 V . 12.87 -11.86 -39.57
C1 GOL W . 9.30 -2.62 -37.50
O1 GOL W . 10.14 -2.31 -36.39
C2 GOL W . 9.94 -3.79 -38.24
O2 GOL W . 9.73 -4.95 -37.44
C1 GOL X . 17.36 13.47 -39.50
O1 GOL X . 17.68 12.48 -38.51
C2 GOL X . 16.19 12.96 -40.31
O2 GOL X . 14.98 13.54 -39.79
C1 GOL Y . 24.11 12.29 0.51
O1 GOL Y . 25.06 13.15 -0.12
C2 GOL Y . 22.72 12.59 -0.03
O2 GOL Y . 22.17 11.38 -0.58
C3 GOL Y . 21.81 13.09 1.08
O3 GOL Y . 21.09 14.24 0.59
S SO4 Z . -0.09 34.66 -2.36
O1 SO4 Z . 0.12 34.48 -0.90
O2 SO4 Z . -1.31 35.42 -2.64
O3 SO4 Z . 1.09 35.37 -2.93
O4 SO4 Z . -0.25 33.35 -3.02
S SO4 AA . 24.98 26.62 -12.19
O1 SO4 AA . 23.76 26.19 -11.47
O2 SO4 AA . 24.63 27.07 -13.56
O3 SO4 AA . 25.58 27.76 -11.45
O4 SO4 AA . 25.94 25.51 -12.28
S SO4 BA . 1.91 34.07 -27.83
O1 SO4 BA . 2.18 34.25 -26.39
O2 SO4 BA . 0.45 34.25 -28.06
O3 SO4 BA . 2.68 35.07 -28.59
O4 SO4 BA . 2.30 32.71 -28.28
C1 GOL CA . -4.38 32.01 -22.81
O1 GOL CA . -3.28 31.14 -23.11
C2 GOL CA . -5.12 31.55 -21.55
O2 GOL CA . -4.27 31.67 -20.41
C1 GOL DA . 26.76 22.13 0.69
O1 GOL DA . 26.29 22.91 -0.41
C2 GOL DA . 25.86 20.92 0.90
O2 GOL DA . 24.49 21.32 0.92
C3 GOL DA . 26.03 19.93 -0.25
O3 GOL DA . 25.32 18.74 0.10
C1 GOL EA . -9.12 42.47 -8.18
O1 GOL EA . -7.84 42.81 -8.72
C2 GOL EA . -10.19 43.27 -8.89
O2 GOL EA . -10.04 43.09 -10.30
C3 GOL EA . -11.57 42.80 -8.44
O3 GOL EA . -12.04 41.77 -9.31
S SO4 FA . -22.61 12.12 23.52
O1 SO4 FA . -21.72 12.80 24.47
O2 SO4 FA . -23.93 12.77 23.50
O3 SO4 FA . -22.01 12.25 22.18
O4 SO4 FA . -22.71 10.71 23.92
S SO4 GA . -3.14 32.27 20.34
O1 SO4 GA . -4.32 33.15 20.24
O2 SO4 GA . -2.86 32.01 21.78
O3 SO4 GA . -1.97 32.92 19.71
O4 SO4 GA . -3.39 30.98 19.68
S SO4 HA . -29.38 31.68 7.85
O1 SO4 HA . -29.88 33.04 8.22
O2 SO4 HA . -30.49 30.88 7.28
O3 SO4 HA . -28.31 31.82 6.85
O4 SO4 HA . -28.89 31.03 9.08
C1 GOL IA . -30.69 21.83 8.07
O1 GOL IA . -29.68 21.48 9.03
C2 GOL IA . -30.78 23.35 8.04
O2 GOL IA . -29.63 23.91 7.40
C1 GOL JA . 5.96 22.29 22.72
O1 GOL JA . 6.32 21.24 21.83
C2 GOL JA . 5.65 21.70 24.09
O2 GOL JA . 4.41 20.99 24.03
C3 GOL JA . 5.53 22.83 25.12
O3 GOL JA . 4.29 23.52 24.93
C1 GOL KA . 9.40 18.64 16.58
O1 GOL KA . 9.70 19.43 17.74
C2 GOL KA . 8.52 17.46 16.99
O2 GOL KA . 8.37 16.58 15.87
C3 GOL KA . 7.13 17.94 17.40
O3 GOL KA . 6.24 16.84 17.62
C2 GOL LA . -36.31 12.73 23.04
O2 GOL LA . -35.17 13.52 22.68
C3 GOL LA . -37.43 12.98 22.04
O3 GOL LA . -37.34 12.00 20.98
S SO4 MA . -15.15 -27.31 15.64
O1 SO4 MA . -15.30 -25.95 15.11
O2 SO4 MA . -16.44 -28.01 15.46
O3 SO4 MA . -14.06 -28.03 14.95
O4 SO4 MA . -14.79 -27.17 17.07
S SO4 NA . -15.29 -6.47 34.87
O1 SO4 NA . -16.77 -6.45 34.84
O2 SO4 NA . -14.77 -5.19 35.39
O3 SO4 NA . -14.84 -7.59 35.74
O4 SO4 NA . -14.75 -6.67 33.51
S SO4 OA . -37.21 -14.77 18.28
O1 SO4 OA . -37.06 -13.31 18.08
O2 SO4 OA . -38.19 -15.04 19.35
O3 SO4 OA . -35.94 -15.42 18.65
O4 SO4 OA . -37.67 -15.38 17.00
C1 GOL PA . -32.23 -18.44 10.80
O1 GOL PA . -30.98 -18.54 11.48
C2 GOL PA . -33.28 -18.05 11.82
O2 GOL PA . -33.00 -16.72 12.32
C1 GOL QA . -1.53 -5.86 32.30
O1 GOL QA . -1.03 -5.48 31.02
C2 GOL QA . -1.13 -7.30 32.52
O2 GOL QA . -1.64 -8.07 31.45
C3 GOL QA . -1.72 -7.80 33.84
O3 GOL QA . -3.04 -8.29 33.61
C1 GOL RA . 1.59 -0.76 26.91
O1 GOL RA . 1.11 -0.95 28.24
C2 GOL RA . 0.63 -1.39 25.92
O2 GOL RA . 0.49 -0.51 24.81
C3 GOL RA . 1.13 -2.73 25.41
O3 GOL RA . 0.00 -3.61 25.26
C1 GOL SA . -27.19 -34.48 10.35
O1 GOL SA . -26.50 -34.46 9.07
C2 GOL SA . -26.35 -35.05 11.49
O2 GOL SA . -25.60 -34.04 12.19
#